data_7AI7
#
_entry.id   7AI7
#
_cell.length_a   1.00
_cell.length_b   1.00
_cell.length_c   1.00
_cell.angle_alpha   90.00
_cell.angle_beta   90.00
_cell.angle_gamma   90.00
#
_symmetry.space_group_name_H-M   'P 1'
#
loop_
_entity.id
_entity.type
_entity.pdbx_description
1 polymer 'DNA mismatch repair protein MutS'
2 polymer "DNA (5'-D(P*GP*AP*TP*CP*CP*TP*AP*AP*CP*TP*AP*AP*G)-3')"
3 polymer "DNA (5'-D(P*CP*TP*TP*AP*GP*CP*TP*TP*AP*GP*GP*AP*TP*C)-3')"
4 non-polymer "ADENOSINE-5'-DIPHOSPHATE"
#
loop_
_entity_poly.entity_id
_entity_poly.type
_entity_poly.pdbx_seq_one_letter_code
_entity_poly.pdbx_strand_id
1 'polypeptide(L)'
;MSAIENFDAHTPMMQQYLRLKAQHPEILLFYRMGDFYELFYDDAKRASQLLDISLTKRGASAGEPIPMAGIPYHAVENYL
AKLVNQGESVAICEQIGDPATSKGPVERKVVRIVTPGTISDEALLQERQDNLLAAIWQDSKGFGYATLDISSGRFRLSEP
ADRETMAAELQRTNPAELLYAEDFAEMSLIEGRRGLRRRPLWEFEIDTARQQLNLQFGTRDLVGFGVENAPRGLCAAGCL
LQYAKDTQRTTLPHIRSITMEREQDSIIMDAATRRNLEITQNLAGGAENTLASVLDCTVTPMGSRMLKRWLHMPVRDTRV
LLERQQTIGALQDFTAGLQPVLRQVGDLERILARLALRTARPRDLARMRHAFQQLPELRAQLETVDSAPVQALREKMGEF
AELRDLLERAIIDTPPVLVRDGGVIASGYNEELDEWRALADGATDYLERLEVRERERTGLDTLKVGFNAVHGYYIQISRG
QSHLAPINYMRRQTLKNAERYIIPELKEYEDKVLTSKGKALALEKQLYEELFDLLLPHLEALQQSASALAELDVLVNLAE
RAYTLNYTCPTFIDKPGIRITEGRHPVVEQVLNEPFIANPLNLSPQRRMLIITGPNMGGKSTYMRQTALIALMAYIGSYV
PAQKVEIGPIDRIFTRVGAADDLASGRSTFMVEMTETANILHNATEYSLVLMDEIGRGTSTYDGLSLAWACAENLANKIK
ALTLFATHYFELTQLPEKMEGVANVHLDALEHGDTIAFMHSVQDGAASKSYGLAVAALAGVPKEVIKRARQKLRELESIS
PNAAATQVDGTQMSLLSVPEETSPAVEALENLDPRSLTPRQALEWIYRLKSLV
;
A,B
2 'polydeoxyribonucleotide' (DG)(DA)(DT)(DC)(DC)(DT)(DA)(DA)(DG)(DC)(DT)(DA)(DA)(DG) C
3 'polydeoxyribonucleotide' (DC)(DT)(DT)(DA)(DG)(DC)(DT)(DT)(DA)(DG)(DG)(DA)(DT)(DC) D
#
# COMPACT_ATOMS: atom_id res chain seq x y z
N ASP A 8 -21.13 28.33 -11.52
CA ASP A 8 -21.91 29.14 -12.52
C ASP A 8 -23.18 28.39 -12.90
N ALA A 9 -23.05 27.16 -13.43
CA ALA A 9 -24.16 26.27 -13.84
C ALA A 9 -24.14 24.95 -13.04
N HIS A 10 -23.26 24.81 -12.05
CA HIS A 10 -23.07 23.58 -11.23
C HIS A 10 -24.19 23.44 -10.19
N THR A 11 -24.16 22.37 -9.39
CA THR A 11 -25.10 22.13 -8.26
C THR A 11 -24.85 23.18 -7.17
N PRO A 12 -25.87 23.59 -6.39
CA PRO A 12 -25.72 24.64 -5.37
C PRO A 12 -24.51 24.49 -4.43
N MET A 13 -24.19 23.25 -4.02
CA MET A 13 -23.07 22.94 -3.10
C MET A 13 -21.72 23.10 -3.83
N MET A 14 -21.62 22.63 -5.08
CA MET A 14 -20.37 22.69 -5.89
C MET A 14 -20.14 24.11 -6.40
N GLN A 15 -21.21 24.90 -6.56
CA GLN A 15 -21.15 26.37 -6.76
C GLN A 15 -20.41 27.00 -5.58
N GLN A 16 -20.88 26.72 -4.35
CA GLN A 16 -20.32 27.27 -3.08
C GLN A 16 -18.86 26.83 -2.92
N TYR A 17 -18.54 25.58 -3.27
CA TYR A 17 -17.16 25.02 -3.22
C TYR A 17 -16.24 25.85 -4.12
N LEU A 18 -16.66 26.09 -5.37
CA LEU A 18 -15.82 26.72 -6.42
C LEU A 18 -15.56 28.20 -6.10
N ARG A 19 -16.53 28.91 -5.52
CA ARG A 19 -16.39 30.34 -5.13
C ARG A 19 -15.50 30.47 -3.89
N LEU A 20 -15.54 29.50 -2.98
CA LEU A 20 -14.61 29.39 -1.81
C LEU A 20 -13.23 28.92 -2.30
N LYS A 21 -13.19 28.01 -3.28
CA LYS A 21 -11.95 27.51 -3.94
C LYS A 21 -11.29 28.64 -4.74
N ALA A 22 -12.07 29.57 -5.30
CA ALA A 22 -11.60 30.73 -6.10
C ALA A 22 -10.79 31.69 -5.22
N GLN A 23 -11.23 31.91 -3.96
CA GLN A 23 -10.58 32.80 -2.97
C GLN A 23 -9.14 32.31 -2.69
N HIS A 24 -8.96 30.99 -2.55
CA HIS A 24 -7.68 30.33 -2.19
C HIS A 24 -7.26 29.40 -3.34
N PRO A 25 -6.39 29.87 -4.27
CA PRO A 25 -6.17 29.16 -5.54
C PRO A 25 -5.39 27.85 -5.43
N GLU A 26 -4.27 27.84 -4.69
CA GLU A 26 -3.31 26.70 -4.60
C GLU A 26 -3.50 25.93 -3.28
N ILE A 27 -4.42 26.38 -2.42
CA ILE A 27 -4.59 25.85 -1.02
C ILE A 27 -5.61 24.71 -1.06
N LEU A 28 -5.18 23.49 -0.72
CA LEU A 28 -6.00 22.26 -0.76
C LEU A 28 -7.07 22.42 0.34
N LEU A 29 -8.33 22.66 -0.06
CA LEU A 29 -9.43 23.09 0.85
C LEU A 29 -10.18 21.85 1.34
N PHE A 30 -10.25 21.67 2.67
CA PHE A 30 -11.07 20.65 3.35
C PHE A 30 -12.50 21.21 3.46
N TYR A 31 -13.49 20.51 2.88
CA TYR A 31 -14.92 20.92 2.78
C TYR A 31 -15.77 19.96 3.63
N ARG A 32 -16.40 20.41 4.72
CA ARG A 32 -17.14 19.57 5.71
C ARG A 32 -18.50 19.18 5.15
N MET A 33 -18.57 18.07 4.41
CA MET A 33 -19.83 17.48 3.88
C MET A 33 -20.40 16.53 4.95
N GLY A 34 -21.18 17.09 5.87
CA GLY A 34 -21.78 16.37 7.01
C GLY A 34 -20.73 15.78 7.94
N ASP A 35 -20.60 14.45 7.95
CA ASP A 35 -19.65 13.69 8.80
C ASP A 35 -18.22 13.89 8.28
N PHE A 36 -18.07 13.78 6.95
CA PHE A 36 -16.76 13.67 6.29
C PHE A 36 -16.18 14.92 5.63
N TYR A 37 -14.97 15.31 6.01
CA TYR A 37 -14.23 16.34 5.22
C TYR A 37 -13.79 15.69 3.91
N GLU A 38 -13.93 16.39 2.78
CA GLU A 38 -13.62 15.82 1.44
C GLU A 38 -13.26 16.93 0.45
N LEU A 39 -12.26 16.65 -0.40
CA LEU A 39 -11.71 17.56 -1.44
C LEU A 39 -12.32 17.15 -2.78
N PHE A 40 -12.61 18.12 -3.66
CA PHE A 40 -13.32 17.92 -4.95
C PHE A 40 -12.46 18.39 -6.13
N TYR A 41 -12.78 17.87 -7.32
CA TYR A 41 -12.10 18.14 -8.61
C TYR A 41 -10.61 17.79 -8.46
N ASP A 42 -9.69 18.74 -8.70
CA ASP A 42 -8.23 18.51 -8.72
C ASP A 42 -7.72 18.23 -7.30
N ASP A 43 -8.31 18.91 -6.29
CA ASP A 43 -7.91 18.82 -4.87
C ASP A 43 -8.02 17.37 -4.37
N ALA A 44 -8.99 16.61 -4.89
CA ALA A 44 -9.15 15.16 -4.63
C ALA A 44 -7.91 14.40 -5.08
N LYS A 45 -7.46 14.64 -6.31
CA LYS A 45 -6.28 13.96 -6.93
C LYS A 45 -4.98 14.41 -6.23
N ARG A 46 -4.94 15.63 -5.68
CA ARG A 46 -3.84 16.10 -4.80
C ARG A 46 -3.90 15.35 -3.47
N ALA A 47 -5.09 15.21 -2.89
CA ALA A 47 -5.33 14.55 -1.57
C ALA A 47 -5.02 13.05 -1.66
N SER A 48 -5.48 12.38 -2.73
CA SER A 48 -5.39 10.91 -2.94
C SER A 48 -3.93 10.44 -2.91
N GLN A 49 -3.07 11.06 -3.72
CA GLN A 49 -1.66 10.63 -3.93
C GLN A 49 -0.78 11.02 -2.73
N LEU A 50 -1.26 11.90 -1.83
CA LEU A 50 -0.55 12.32 -0.59
C LEU A 50 -1.05 11.51 0.61
N LEU A 51 -2.32 11.70 1.00
CA LEU A 51 -2.91 11.14 2.25
C LEU A 51 -3.24 9.65 2.11
N ASP A 52 -3.26 9.11 0.89
CA ASP A 52 -3.53 7.68 0.58
C ASP A 52 -4.95 7.30 1.08
N ILE A 53 -5.91 8.19 0.80
CA ILE A 53 -7.38 7.90 0.85
C ILE A 53 -7.82 7.48 -0.55
N SER A 54 -8.92 6.71 -0.65
CA SER A 54 -9.43 6.16 -1.93
C SER A 54 -10.22 7.23 -2.68
N LEU A 55 -9.82 7.52 -3.93
CA LEU A 55 -10.52 8.46 -4.85
C LEU A 55 -11.82 7.82 -5.33
N THR A 56 -12.93 8.55 -5.20
CA THR A 56 -14.29 8.12 -5.65
C THR A 56 -14.90 9.21 -6.53
N LYS A 57 -15.82 8.84 -7.41
CA LYS A 57 -16.53 9.74 -8.36
C LYS A 57 -18.01 9.85 -7.93
N ARG A 58 -18.38 10.97 -7.32
CA ARG A 58 -19.76 11.29 -6.86
C ARG A 58 -20.58 11.76 -8.07
N GLY A 59 -21.91 11.90 -7.91
CA GLY A 59 -22.86 12.31 -8.95
C GLY A 59 -22.41 13.57 -9.69
N ALA A 60 -22.58 13.60 -11.01
CA ALA A 60 -22.04 14.64 -11.92
C ALA A 60 -22.82 15.96 -11.74
N SER A 61 -22.11 17.08 -11.94
CA SER A 61 -22.63 18.47 -11.78
C SER A 61 -22.23 19.31 -13.01
N ALA A 62 -23.16 19.51 -13.94
CA ALA A 62 -23.03 20.36 -15.15
C ALA A 62 -21.82 19.90 -15.98
N GLY A 63 -21.71 18.58 -16.21
CA GLY A 63 -20.60 17.96 -16.96
C GLY A 63 -20.41 16.50 -16.58
N GLU A 64 -19.14 16.08 -16.40
CA GLU A 64 -18.76 14.70 -15.99
C GLU A 64 -18.81 14.60 -14.47
N PRO A 65 -18.72 13.38 -13.88
CA PRO A 65 -18.67 13.22 -12.42
C PRO A 65 -17.57 14.03 -11.71
N ILE A 66 -17.80 14.37 -10.44
CA ILE A 66 -16.87 15.14 -9.56
C ILE A 66 -15.94 14.14 -8.88
N PRO A 67 -14.62 14.16 -9.14
CA PRO A 67 -13.66 13.36 -8.35
C PRO A 67 -13.64 13.85 -6.89
N MET A 68 -13.95 12.94 -5.95
CA MET A 68 -14.07 13.23 -4.50
C MET A 68 -13.16 12.29 -3.70
N ALA A 69 -12.47 12.83 -2.68
CA ALA A 69 -11.54 12.10 -1.79
C ALA A 69 -11.70 12.62 -0.36
N GLY A 70 -12.19 11.77 0.55
CA GLY A 70 -12.72 12.19 1.87
C GLY A 70 -12.04 11.52 3.05
N ILE A 71 -12.27 12.05 4.25
CA ILE A 71 -11.75 11.52 5.55
C ILE A 71 -12.84 11.68 6.61
N PRO A 72 -12.84 10.90 7.72
CA PRO A 72 -13.69 11.18 8.87
C PRO A 72 -13.33 12.49 9.59
N TYR A 73 -14.28 13.08 10.33
CA TYR A 73 -14.16 14.42 10.96
C TYR A 73 -13.09 14.45 12.05
N HIS A 74 -12.92 13.34 12.79
CA HIS A 74 -12.08 13.26 14.01
C HIS A 74 -10.65 12.80 13.67
N ALA A 75 -10.41 12.30 12.45
CA ALA A 75 -9.09 11.85 11.94
C ALA A 75 -8.39 12.97 11.17
N VAL A 76 -8.98 14.18 11.11
CA VAL A 76 -8.44 15.39 10.42
C VAL A 76 -6.99 15.61 10.89
N GLU A 77 -6.82 15.90 12.19
CA GLU A 77 -5.55 16.36 12.82
C GLU A 77 -4.41 15.38 12.51
N ASN A 78 -4.72 14.10 12.32
CA ASN A 78 -3.76 13.04 11.92
C ASN A 78 -3.34 13.23 10.46
N TYR A 79 -4.30 13.41 9.56
CA TYR A 79 -4.09 13.64 8.10
C TYR A 79 -3.54 15.06 7.90
N LEU A 80 -4.21 16.06 8.49
CA LEU A 80 -3.84 17.50 8.45
C LEU A 80 -2.33 17.67 8.67
N ALA A 81 -1.77 16.92 9.63
CA ALA A 81 -0.33 16.86 9.93
C ALA A 81 0.44 16.35 8.71
N LYS A 82 0.01 15.23 8.12
CA LYS A 82 0.67 14.57 6.94
C LYS A 82 0.64 15.52 5.73
N LEU A 83 -0.39 16.36 5.60
CA LEU A 83 -0.48 17.38 4.51
C LEU A 83 0.54 18.49 4.75
N VAL A 84 0.47 19.17 5.91
CA VAL A 84 1.28 20.39 6.21
C VAL A 84 2.77 20.04 6.21
N ASN A 85 3.13 18.83 6.65
CA ASN A 85 4.55 18.36 6.71
C ASN A 85 5.08 18.04 5.31
N GLN A 86 4.22 17.96 4.28
CA GLN A 86 4.62 17.84 2.86
C GLN A 86 4.56 19.21 2.17
N GLY A 87 4.22 20.28 2.92
CA GLY A 87 4.30 21.69 2.46
C GLY A 87 2.96 22.24 2.04
N GLU A 88 2.00 21.38 1.67
CA GLU A 88 0.69 21.78 1.09
C GLU A 88 -0.17 22.37 2.21
N SER A 89 -0.40 23.69 2.18
CA SER A 89 -1.23 24.43 3.16
C SER A 89 -2.69 23.95 3.05
N VAL A 90 -3.33 23.66 4.19
CA VAL A 90 -4.73 23.17 4.26
C VAL A 90 -5.63 24.39 4.53
N ALA A 91 -6.76 24.48 3.82
CA ALA A 91 -7.85 25.46 4.06
C ALA A 91 -9.05 24.73 4.64
N ILE A 92 -9.09 24.56 5.97
CA ILE A 92 -10.18 23.81 6.68
C ILE A 92 -11.42 24.72 6.69
N CYS A 93 -12.52 24.23 6.12
CA CYS A 93 -13.78 24.98 5.88
C CYS A 93 -14.94 24.28 6.63
N GLU A 94 -15.37 24.87 7.75
CA GLU A 94 -16.43 24.30 8.64
C GLU A 94 -17.82 24.61 8.08
N GLN A 95 -18.84 23.92 8.60
CA GLN A 95 -20.27 24.25 8.42
C GLN A 95 -20.63 25.37 9.41
N ILE A 96 -20.42 26.63 9.00
CA ILE A 96 -20.63 27.83 9.85
C ILE A 96 -22.14 28.03 10.02
N GLY A 97 -22.89 27.95 8.92
CA GLY A 97 -24.36 27.91 8.93
C GLY A 97 -24.88 26.60 9.50
N ASP A 98 -26.16 26.57 9.90
CA ASP A 98 -26.86 25.36 10.39
C ASP A 98 -27.23 24.51 9.18
N PRO A 99 -26.95 23.18 9.16
CA PRO A 99 -27.45 22.31 8.08
C PRO A 99 -28.99 22.29 8.01
N ALA A 100 -29.66 22.51 9.15
CA ALA A 100 -31.12 22.77 9.25
C ALA A 100 -31.40 24.19 8.75
N THR A 101 -32.55 24.39 8.09
CA THR A 101 -33.03 25.67 7.50
C THR A 101 -32.07 26.12 6.38
N SER A 102 -31.50 25.17 5.62
CA SER A 102 -30.60 25.38 4.46
C SER A 102 -31.08 24.54 3.28
N LYS A 103 -32.00 25.10 2.46
CA LYS A 103 -32.48 24.50 1.19
C LYS A 103 -31.35 24.56 0.15
N GLY A 104 -30.53 25.62 0.21
CA GLY A 104 -29.20 25.68 -0.42
C GLY A 104 -28.18 24.90 0.41
N PRO A 105 -26.88 24.92 0.06
CA PRO A 105 -25.87 24.20 0.84
C PRO A 105 -25.65 24.90 2.19
N VAL A 106 -25.35 24.12 3.23
CA VAL A 106 -24.93 24.63 4.57
C VAL A 106 -23.76 25.61 4.35
N GLU A 107 -23.88 26.83 4.89
CA GLU A 107 -22.90 27.92 4.70
C GLU A 107 -21.54 27.49 5.27
N ARG A 108 -20.48 27.63 4.47
CA ARG A 108 -19.08 27.25 4.82
C ARG A 108 -18.16 28.45 4.60
N LYS A 109 -17.23 28.67 5.52
CA LYS A 109 -16.19 29.74 5.48
C LYS A 109 -14.87 29.15 5.96
N VAL A 110 -13.75 29.59 5.37
CA VAL A 110 -12.39 29.05 5.63
C VAL A 110 -11.90 29.63 6.97
N VAL A 111 -12.25 28.96 8.08
CA VAL A 111 -11.95 29.40 9.48
C VAL A 111 -10.42 29.47 9.69
N ARG A 112 -9.67 28.49 9.18
CA ARG A 112 -8.22 28.33 9.45
C ARG A 112 -7.49 28.01 8.14
N ILE A 113 -6.27 28.55 7.99
CA ILE A 113 -5.33 28.25 6.87
C ILE A 113 -4.00 27.80 7.50
N VAL A 114 -3.88 26.51 7.80
CA VAL A 114 -2.65 25.92 8.43
C VAL A 114 -1.59 25.84 7.32
N THR A 115 -0.63 26.78 7.34
CA THR A 115 0.50 26.91 6.38
C THR A 115 1.41 25.69 6.51
N PRO A 116 2.43 25.52 5.62
CA PRO A 116 3.52 24.59 5.88
C PRO A 116 4.02 24.66 7.33
N GLY A 117 3.95 25.83 7.95
CA GLY A 117 4.25 26.05 9.38
C GLY A 117 5.74 26.31 9.57
N THR A 118 6.40 26.84 8.53
CA THR A 118 7.84 27.26 8.57
C THR A 118 7.99 28.32 9.67
N ILE A 119 8.74 27.99 10.73
CA ILE A 119 8.99 28.86 11.91
C ILE A 119 10.49 28.82 12.24
N SER A 120 11.34 28.87 11.20
CA SER A 120 12.82 28.91 11.30
C SER A 120 13.29 30.25 11.86
N ASP A 121 12.54 31.33 11.58
CA ASP A 121 12.76 32.71 12.12
C ASP A 121 12.64 32.66 13.64
N GLU A 122 13.59 33.29 14.34
CA GLU A 122 13.73 33.26 15.82
C GLU A 122 12.64 34.10 16.48
N ALA A 123 12.33 35.28 15.90
CA ALA A 123 11.29 36.22 16.37
C ALA A 123 9.96 35.93 15.66
N LEU A 124 9.28 34.85 16.06
CA LEU A 124 7.94 34.45 15.54
C LEU A 124 6.90 35.45 16.06
N LEU A 125 6.85 35.63 17.39
CA LEU A 125 6.10 36.73 18.08
C LEU A 125 7.11 37.76 18.56
N GLN A 126 6.84 39.05 18.29
CA GLN A 126 7.71 40.19 18.65
C GLN A 126 7.63 40.39 20.17
N GLU A 127 8.73 40.86 20.77
CA GLU A 127 8.86 41.05 22.24
C GLU A 127 8.09 42.32 22.65
N ARG A 128 8.02 43.31 21.74
CA ARG A 128 7.32 44.61 21.94
C ARG A 128 5.82 44.49 21.62
N GLN A 129 5.38 43.39 20.99
CA GLN A 129 3.96 43.15 20.63
C GLN A 129 3.12 43.22 21.91
N ASP A 130 2.24 44.22 22.00
CA ASP A 130 1.38 44.51 23.16
C ASP A 130 -0.10 44.33 22.73
N ASN A 131 -1.04 44.60 23.62
CA ASN A 131 -2.48 44.25 23.52
C ASN A 131 -2.64 42.72 23.34
N LEU A 132 -1.71 41.96 23.90
CA LEU A 132 -1.68 40.47 23.94
C LEU A 132 -2.28 40.01 25.28
N LEU A 133 -3.60 40.12 25.41
CA LEU A 133 -4.41 39.51 26.49
C LEU A 133 -4.27 37.99 26.39
N ALA A 134 -3.73 37.35 27.44
CA ALA A 134 -3.36 35.92 27.49
C ALA A 134 -3.97 35.26 28.74
N ALA A 135 -4.17 33.93 28.68
CA ALA A 135 -4.64 33.11 29.83
C ALA A 135 -3.74 31.91 30.06
N ILE A 136 -3.50 31.49 31.29
CA ILE A 136 -2.74 30.24 31.66
C ILE A 136 -3.51 29.50 32.75
N TRP A 137 -3.56 28.16 32.65
CA TRP A 137 -4.07 27.22 33.68
C TRP A 137 -3.28 25.90 33.63
N GLN A 138 -3.11 25.24 34.77
CA GLN A 138 -2.25 24.03 34.92
C GLN A 138 -3.07 22.90 35.54
N ASP A 139 -2.83 21.66 35.09
CA ASP A 139 -3.39 20.41 35.64
C ASP A 139 -2.23 19.41 35.80
N SER A 140 -2.59 18.18 36.18
CA SER A 140 -1.66 17.03 36.46
C SER A 140 -0.72 16.76 35.28
N LYS A 141 -1.25 16.80 34.05
CA LYS A 141 -0.54 16.47 32.79
C LYS A 141 0.43 17.59 32.41
N GLY A 142 0.03 18.86 32.50
CA GLY A 142 0.95 20.00 32.19
C GLY A 142 0.20 21.33 32.24
N PHE A 143 0.69 22.35 31.53
CA PHE A 143 0.14 23.73 31.49
C PHE A 143 -0.68 23.87 30.20
N GLY A 144 -1.65 24.81 30.24
CA GLY A 144 -2.47 25.25 29.09
C GLY A 144 -2.42 26.76 28.99
N TYR A 145 -1.90 27.30 27.88
CA TYR A 145 -1.67 28.75 27.64
C TYR A 145 -2.47 29.20 26.40
N ALA A 146 -3.03 30.41 26.47
CA ALA A 146 -3.80 31.06 25.37
C ALA A 146 -3.37 32.52 25.25
N THR A 147 -3.35 33.05 24.02
CA THR A 147 -2.99 34.45 23.69
C THR A 147 -3.93 35.01 22.63
N LEU A 148 -4.61 36.11 22.92
CA LEU A 148 -5.55 36.82 22.01
C LEU A 148 -5.02 38.23 21.74
N ASP A 149 -4.69 38.55 20.49
CA ASP A 149 -4.48 39.96 20.02
C ASP A 149 -5.83 40.57 19.64
N ILE A 150 -6.52 41.33 20.51
CA ILE A 150 -7.93 41.81 20.26
C ILE A 150 -7.98 42.69 19.00
N SER A 151 -7.04 43.61 18.81
CA SER A 151 -7.03 44.61 17.72
C SER A 151 -7.11 43.92 16.35
N SER A 152 -6.20 42.96 16.09
CA SER A 152 -6.18 42.13 14.87
C SER A 152 -7.29 41.06 14.98
N GLY A 153 -7.53 40.53 16.20
CA GLY A 153 -8.38 39.38 16.49
C GLY A 153 -7.67 38.06 16.29
N ARG A 154 -6.39 38.12 15.92
CA ARG A 154 -5.48 36.98 15.75
C ARG A 154 -5.34 36.25 17.10
N PHE A 155 -5.76 34.99 17.13
CA PHE A 155 -5.74 34.09 18.32
C PHE A 155 -4.74 32.96 18.16
N ARG A 156 -3.97 32.73 19.23
CA ARG A 156 -2.93 31.65 19.34
C ARG A 156 -3.23 30.77 20.53
N LEU A 157 -3.06 29.42 20.48
CA LEU A 157 -3.28 28.46 21.61
C LEU A 157 -2.16 27.43 21.83
N SER A 158 -1.47 27.41 23.00
CA SER A 158 -0.35 26.51 23.32
C SER A 158 -0.62 25.72 24.61
N GLU A 159 -0.23 24.43 24.62
CA GLU A 159 -0.40 23.49 25.77
C GLU A 159 0.94 22.85 26.09
N PRO A 160 1.88 23.54 26.77
CA PRO A 160 3.22 23.00 27.04
C PRO A 160 3.24 21.77 27.96
N ALA A 161 4.32 20.98 27.88
CA ALA A 161 4.49 19.68 28.58
C ALA A 161 5.44 19.82 29.77
N ASP A 162 6.47 20.68 29.65
CA ASP A 162 7.51 20.93 30.68
C ASP A 162 7.57 22.43 30.99
N ARG A 163 8.30 22.83 32.05
CA ARG A 163 8.43 24.22 32.53
C ARG A 163 9.25 25.08 31.55
N GLU A 164 10.28 24.50 30.95
CA GLU A 164 11.25 25.18 30.05
C GLU A 164 10.51 25.84 28.87
N THR A 165 9.63 25.06 28.20
CA THR A 165 8.80 25.55 27.06
C THR A 165 7.84 26.63 27.56
N MET A 166 7.23 26.45 28.75
CA MET A 166 6.31 27.42 29.38
C MET A 166 7.03 28.76 29.56
N ALA A 167 8.22 28.75 30.19
CA ALA A 167 9.08 29.93 30.43
C ALA A 167 9.45 30.57 29.08
N ALA A 168 9.87 29.75 28.12
CA ALA A 168 10.31 30.18 26.76
C ALA A 168 9.14 30.86 26.04
N GLU A 169 7.95 30.23 26.04
CA GLU A 169 6.74 30.72 25.33
C GLU A 169 6.21 32.01 25.97
N LEU A 170 6.21 32.08 27.31
CA LEU A 170 5.83 33.30 28.08
C LEU A 170 6.80 34.45 27.73
N GLN A 171 8.09 34.14 27.60
CA GLN A 171 9.15 35.11 27.23
C GLN A 171 8.98 35.51 25.75
N ARG A 172 8.71 34.54 24.88
CA ARG A 172 8.51 34.75 23.42
C ARG A 172 7.31 35.70 23.18
N THR A 173 6.19 35.42 23.83
CA THR A 173 4.91 36.18 23.70
C THR A 173 5.05 37.58 24.30
N ASN A 174 5.58 37.67 25.53
CA ASN A 174 5.58 38.90 26.36
C ASN A 174 4.16 39.46 26.49
N PRO A 175 3.20 38.72 27.13
CA PRO A 175 1.82 39.21 27.18
C PRO A 175 1.67 40.58 27.85
N ALA A 176 0.94 41.49 27.23
CA ALA A 176 0.57 42.82 27.81
C ALA A 176 -0.26 42.63 29.08
N GLU A 177 -1.16 41.63 29.03
CA GLU A 177 -2.07 41.19 30.13
C GLU A 177 -2.14 39.67 30.18
N LEU A 178 -1.97 39.07 31.35
CA LEU A 178 -2.05 37.60 31.58
C LEU A 178 -3.17 37.30 32.56
N LEU A 179 -4.07 36.37 32.26
CA LEU A 179 -5.13 35.85 33.16
C LEU A 179 -4.71 34.44 33.61
N TYR A 180 -4.31 34.29 34.88
CA TYR A 180 -3.85 32.99 35.42
C TYR A 180 -5.03 32.42 36.19
N ALA A 181 -4.91 31.29 36.90
CA ALA A 181 -6.05 30.60 37.55
C ALA A 181 -5.86 30.50 39.07
N GLU A 182 -6.95 30.26 39.80
CA GLU A 182 -6.90 30.15 41.28
C GLU A 182 -5.93 29.03 41.72
N ASP A 183 -5.82 27.90 40.98
CA ASP A 183 -5.04 26.72 41.45
C ASP A 183 -3.64 26.59 40.82
N PHE A 184 -3.17 27.55 40.01
CA PHE A 184 -1.88 27.46 39.29
C PHE A 184 -0.72 27.11 40.25
N ALA A 185 0.05 26.02 40.04
CA ALA A 185 1.13 25.57 40.96
C ALA A 185 2.40 26.38 40.69
N GLU A 186 2.90 26.33 39.44
CA GLU A 186 4.21 26.97 39.09
C GLU A 186 4.00 28.46 38.88
N MET A 187 3.76 29.22 39.95
CA MET A 187 3.48 30.68 39.92
C MET A 187 4.72 31.42 39.41
N SER A 188 5.92 30.89 39.73
CA SER A 188 7.25 31.50 39.46
C SER A 188 7.38 31.90 38.00
N LEU A 189 6.94 31.05 37.05
CA LEU A 189 7.05 31.31 35.60
C LEU A 189 6.22 32.54 35.21
N ILE A 190 5.02 32.69 35.80
CA ILE A 190 4.05 33.76 35.44
C ILE A 190 4.27 35.00 36.30
N GLU A 191 5.16 34.95 37.30
CA GLU A 191 5.48 36.09 38.19
C GLU A 191 6.11 37.25 37.39
N GLY A 192 7.00 36.92 36.42
CA GLY A 192 7.69 37.88 35.55
C GLY A 192 6.73 38.60 34.63
N ARG A 193 5.73 37.90 34.12
CA ARG A 193 4.73 38.37 33.13
C ARG A 193 3.87 39.49 33.74
N ARG A 194 3.54 40.52 32.91
CA ARG A 194 2.91 41.78 33.35
C ARG A 194 1.40 41.64 33.19
N GLY A 195 0.62 42.55 33.77
CA GLY A 195 -0.86 42.51 33.78
C GLY A 195 -1.40 41.22 34.35
N LEU A 196 -0.83 40.73 35.48
CA LEU A 196 -1.18 39.41 36.07
C LEU A 196 -2.52 39.52 36.83
N ARG A 197 -3.47 38.64 36.50
CA ARG A 197 -4.84 38.60 37.05
C ARG A 197 -5.18 37.19 37.55
N ARG A 198 -5.42 37.02 38.85
CA ARG A 198 -5.91 35.74 39.45
C ARG A 198 -7.40 35.58 39.08
N ARG A 199 -7.76 34.55 38.30
CA ARG A 199 -9.10 34.37 37.70
C ARG A 199 -9.79 33.13 38.24
N PRO A 200 -11.14 33.08 38.28
CA PRO A 200 -11.89 31.93 38.78
C PRO A 200 -11.76 30.66 37.90
N LEU A 201 -12.14 29.51 38.45
CA LEU A 201 -12.02 28.18 37.78
C LEU A 201 -13.13 27.98 36.77
N TRP A 202 -14.30 28.56 36.97
CA TRP A 202 -15.50 28.43 36.07
C TRP A 202 -15.21 29.02 34.68
N GLU A 203 -14.31 30.01 34.61
CA GLU A 203 -13.85 30.65 33.35
C GLU A 203 -12.92 29.68 32.58
N PHE A 204 -12.31 28.73 33.28
CA PHE A 204 -11.41 27.65 32.78
C PHE A 204 -12.14 26.32 32.94
N GLU A 205 -13.48 26.26 32.98
CA GLU A 205 -14.20 24.97 32.89
C GLU A 205 -14.16 24.48 31.44
N ILE A 206 -13.87 23.20 31.21
CA ILE A 206 -13.65 22.62 29.84
C ILE A 206 -14.95 22.67 29.03
N ASP A 207 -16.09 22.37 29.64
CA ASP A 207 -17.43 22.33 29.00
C ASP A 207 -17.87 23.72 28.56
N THR A 208 -17.80 24.73 29.46
CA THR A 208 -18.20 26.13 29.16
C THR A 208 -17.28 26.77 28.09
N ALA A 209 -16.03 26.41 28.08
CA ALA A 209 -14.99 26.88 27.12
C ALA A 209 -15.35 26.43 25.70
N ARG A 210 -15.71 25.16 25.53
CA ARG A 210 -16.01 24.54 24.20
C ARG A 210 -17.25 25.20 23.57
N GLN A 211 -18.28 25.49 24.38
CA GLN A 211 -19.54 26.13 23.91
C GLN A 211 -19.31 27.63 23.67
N GLN A 212 -18.58 28.33 24.54
CA GLN A 212 -18.29 29.78 24.44
C GLN A 212 -17.53 30.05 23.15
N LEU A 213 -16.49 29.27 22.85
CA LEU A 213 -15.65 29.39 21.62
C LEU A 213 -16.54 29.12 20.39
N ASN A 214 -17.31 28.00 20.45
CA ASN A 214 -18.20 27.55 19.36
C ASN A 214 -19.25 28.61 19.05
N LEU A 215 -19.84 29.21 20.07
CA LEU A 215 -20.91 30.26 19.98
C LEU A 215 -20.33 31.47 19.25
N GLN A 216 -19.14 31.93 19.66
CA GLN A 216 -18.47 33.13 19.09
C GLN A 216 -18.19 32.90 17.61
N PHE A 217 -17.64 31.71 17.26
CA PHE A 217 -17.28 31.36 15.85
C PHE A 217 -18.54 30.93 15.09
N GLY A 218 -19.59 30.50 15.78
CA GLY A 218 -20.89 30.14 15.18
C GLY A 218 -20.89 28.71 14.66
N THR A 219 -19.89 27.92 15.04
CA THR A 219 -19.75 26.48 14.68
C THR A 219 -20.47 25.60 15.72
N ARG A 220 -20.51 24.29 15.48
CA ARG A 220 -21.06 23.26 16.39
C ARG A 220 -19.90 22.51 17.06
N ASP A 221 -18.77 22.38 16.38
CA ASP A 221 -17.55 21.69 16.95
C ASP A 221 -16.28 22.49 16.62
N LEU A 222 -15.23 22.31 17.41
CA LEU A 222 -13.91 22.97 17.21
C LEU A 222 -12.90 21.99 16.58
N VAL A 223 -13.37 20.86 16.04
CA VAL A 223 -12.51 19.81 15.44
C VAL A 223 -11.85 20.39 14.18
N GLY A 224 -12.54 21.28 13.48
CA GLY A 224 -12.03 22.02 12.31
C GLY A 224 -10.82 22.88 12.64
N PHE A 225 -10.84 23.59 13.79
CA PHE A 225 -9.73 24.49 14.24
C PHE A 225 -8.64 23.61 14.87
N GLY A 226 -8.91 22.34 15.19
CA GLY A 226 -7.94 21.36 15.67
C GLY A 226 -7.63 21.52 17.15
N VAL A 227 -8.50 22.21 17.89
CA VAL A 227 -8.29 22.54 19.34
C VAL A 227 -9.26 21.71 20.21
N GLU A 228 -10.33 21.15 19.61
CA GLU A 228 -11.41 20.42 20.32
C GLU A 228 -10.79 19.40 21.30
N ASN A 229 -9.76 18.66 20.85
CA ASN A 229 -9.15 17.52 21.58
C ASN A 229 -8.28 18.03 22.77
N ALA A 230 -7.81 19.28 22.68
CA ALA A 230 -6.85 19.90 23.62
C ALA A 230 -7.60 20.61 24.75
N PRO A 231 -7.74 20.01 25.96
CA PRO A 231 -8.58 20.56 27.01
C PRO A 231 -8.00 21.74 27.80
N ARG A 232 -6.73 21.68 28.18
CA ARG A 232 -6.09 22.69 29.09
C ARG A 232 -6.03 24.04 28.41
N GLY A 233 -5.63 24.06 27.13
CA GLY A 233 -5.58 25.30 26.30
C GLY A 233 -6.97 25.88 26.11
N LEU A 234 -7.97 25.01 25.87
CA LEU A 234 -9.38 25.41 25.65
C LEU A 234 -9.91 26.06 26.93
N CYS A 235 -9.63 25.47 28.12
CA CYS A 235 -9.96 26.05 29.44
C CYS A 235 -9.43 27.49 29.49
N ALA A 236 -8.14 27.71 29.23
CA ALA A 236 -7.49 29.02 29.18
C ALA A 236 -8.21 29.97 28.20
N ALA A 237 -8.53 29.43 27.01
CA ALA A 237 -9.16 30.16 25.89
C ALA A 237 -10.55 30.64 26.31
N GLY A 238 -11.29 29.81 27.06
CA GLY A 238 -12.63 30.14 27.59
C GLY A 238 -12.60 31.29 28.54
N CYS A 239 -11.64 31.31 29.49
CA CYS A 239 -11.40 32.41 30.45
C CYS A 239 -11.01 33.66 29.69
N LEU A 240 -10.10 33.53 28.71
CA LEU A 240 -9.62 34.66 27.88
C LEU A 240 -10.79 35.26 27.11
N LEU A 241 -11.61 34.41 26.48
CA LEU A 241 -12.76 34.84 25.66
C LEU A 241 -13.80 35.54 26.53
N GLN A 242 -14.02 35.01 27.73
CA GLN A 242 -14.93 35.58 28.78
C GLN A 242 -14.36 36.91 29.21
N TYR A 243 -13.02 37.05 29.34
CA TYR A 243 -12.33 38.30 29.77
C TYR A 243 -12.22 39.24 28.57
N ALA A 244 -12.31 38.77 27.34
CA ALA A 244 -12.40 39.58 26.10
C ALA A 244 -13.77 40.32 26.10
N LYS A 245 -14.84 39.61 26.46
CA LYS A 245 -16.20 40.19 26.65
C LYS A 245 -16.18 41.19 27.79
N ASP A 246 -15.49 40.87 28.90
CA ASP A 246 -15.39 41.72 30.12
C ASP A 246 -14.65 43.02 29.79
N THR A 247 -13.55 42.93 29.03
CA THR A 247 -12.70 44.10 28.65
C THR A 247 -13.44 44.99 27.60
N GLN A 248 -13.92 44.39 26.53
CA GLN A 248 -14.55 45.14 25.42
C GLN A 248 -16.02 45.49 25.78
N ARG A 249 -16.68 44.64 26.58
CA ARG A 249 -18.13 44.65 26.83
C ARG A 249 -18.89 44.48 25.51
N THR A 250 -18.24 43.86 24.51
CA THR A 250 -18.81 43.58 23.16
C THR A 250 -18.25 42.24 22.65
N THR A 251 -18.85 41.72 21.58
CA THR A 251 -18.41 40.55 20.76
C THR A 251 -17.64 41.14 19.57
N LEU A 252 -16.51 40.52 19.21
CA LEU A 252 -15.65 41.01 18.11
C LEU A 252 -15.57 39.98 16.96
N PRO A 253 -15.90 40.34 15.70
CA PRO A 253 -15.81 39.41 14.57
C PRO A 253 -14.35 39.13 14.15
N HIS A 254 -13.44 40.03 14.53
CA HIS A 254 -11.97 39.86 14.36
C HIS A 254 -11.54 38.49 14.94
N ILE A 255 -12.13 38.10 16.08
CA ILE A 255 -11.86 36.83 16.81
C ILE A 255 -12.87 35.75 16.37
N ARG A 256 -12.65 35.16 15.20
CA ARG A 256 -13.50 34.18 14.48
C ARG A 256 -12.87 32.77 14.52
N SER A 257 -11.62 32.66 14.96
CA SER A 257 -10.76 31.45 14.88
C SER A 257 -9.88 31.28 16.13
N ILE A 258 -9.33 30.09 16.32
CA ILE A 258 -8.34 29.73 17.38
C ILE A 258 -7.36 28.71 16.77
N THR A 259 -6.11 29.13 16.52
CA THR A 259 -5.02 28.31 15.92
C THR A 259 -4.22 27.68 17.05
N MET A 260 -3.12 27.00 16.72
CA MET A 260 -2.21 26.32 17.69
C MET A 260 -0.80 26.95 17.65
N GLU A 261 -0.48 27.71 18.69
CA GLU A 261 0.85 28.37 18.90
C GLU A 261 1.98 27.34 19.04
N ARG A 262 1.69 26.21 19.72
CA ARG A 262 2.65 25.10 19.92
C ARG A 262 2.44 24.07 18.79
N GLU A 263 2.64 24.52 17.55
CA GLU A 263 2.81 23.67 16.34
C GLU A 263 4.33 23.61 16.07
N GLN A 264 5.02 22.68 16.71
CA GLN A 264 6.50 22.55 16.53
C GLN A 264 6.86 22.06 15.12
N ASP A 265 7.67 22.80 14.36
CA ASP A 265 7.94 22.50 12.93
C ASP A 265 8.68 21.17 12.72
N SER A 266 7.98 20.11 12.31
CA SER A 266 8.65 18.85 11.91
C SER A 266 9.40 19.21 10.62
N ILE A 267 10.64 18.74 10.40
CA ILE A 267 11.42 19.18 9.19
C ILE A 267 10.49 18.95 7.98
N ILE A 268 10.06 20.01 7.28
CA ILE A 268 9.06 19.83 6.17
C ILE A 268 9.66 19.02 5.02
N MET A 269 9.00 17.90 4.67
CA MET A 269 9.51 17.01 3.60
C MET A 269 8.34 16.67 2.69
N ASP A 270 8.33 17.19 1.46
CA ASP A 270 7.27 16.91 0.47
C ASP A 270 7.28 15.42 0.17
N ALA A 271 6.15 14.83 -0.24
CA ALA A 271 5.94 13.37 -0.40
C ALA A 271 6.98 12.78 -1.36
N ALA A 272 7.42 13.56 -2.37
CA ALA A 272 8.47 13.18 -3.34
C ALA A 272 9.75 12.81 -2.58
N THR A 273 10.18 13.64 -1.63
CA THR A 273 11.38 13.43 -0.77
C THR A 273 11.20 12.19 0.12
N ARG A 274 10.02 12.00 0.71
CA ARG A 274 9.75 10.89 1.67
C ARG A 274 9.86 9.53 0.96
N ARG A 275 9.86 9.51 -0.38
CA ARG A 275 10.09 8.27 -1.18
C ARG A 275 11.46 8.32 -1.90
N ASN A 276 12.05 9.51 -2.11
CA ASN A 276 13.38 9.66 -2.74
C ASN A 276 14.49 9.31 -1.75
N LEU A 277 14.34 9.64 -0.46
CA LEU A 277 15.25 9.21 0.63
C LEU A 277 14.97 7.76 1.04
N GLU A 278 13.79 7.23 0.72
CA GLU A 278 13.35 5.85 1.01
C GLU A 278 13.29 5.65 2.55
N ILE A 279 12.56 6.55 3.24
CA ILE A 279 12.52 6.58 4.74
C ILE A 279 11.79 5.31 5.24
N THR A 280 10.65 4.96 4.63
CA THR A 280 9.84 3.76 4.97
C THR A 280 9.44 2.99 3.70
N GLN A 281 9.37 3.63 2.54
CA GLN A 281 8.96 3.04 1.24
C GLN A 281 10.01 3.41 0.19
N ASN A 282 10.64 2.41 -0.44
CA ASN A 282 11.64 2.63 -1.52
C ASN A 282 10.89 2.95 -2.82
N LEU A 283 11.66 3.24 -3.88
CA LEU A 283 11.14 3.67 -5.21
C LEU A 283 10.36 2.53 -5.85
N ALA A 284 10.74 1.28 -5.57
CA ALA A 284 10.08 0.04 -6.07
C ALA A 284 8.78 -0.20 -5.30
N GLY A 285 8.69 0.31 -4.06
CA GLY A 285 7.47 0.27 -3.21
C GLY A 285 7.54 -0.81 -2.13
N GLY A 286 8.57 -1.66 -2.14
CA GLY A 286 8.80 -2.71 -1.16
C GLY A 286 9.22 -2.13 0.17
N ALA A 287 8.87 -2.81 1.27
CA ALA A 287 9.28 -2.48 2.66
C ALA A 287 10.78 -2.73 2.84
N GLU A 288 11.39 -3.57 1.99
CA GLU A 288 12.84 -3.92 2.07
C GLU A 288 13.68 -2.79 1.47
N ASN A 289 14.94 -2.66 1.93
CA ASN A 289 15.95 -1.67 1.45
C ASN A 289 15.42 -0.25 1.69
N THR A 290 14.80 -0.03 2.86
CA THR A 290 14.35 1.27 3.40
C THR A 290 15.08 1.54 4.73
N LEU A 291 15.16 2.79 5.16
CA LEU A 291 15.78 3.19 6.45
C LEU A 291 15.07 2.44 7.58
N ALA A 292 13.73 2.41 7.54
CA ALA A 292 12.87 1.76 8.54
C ALA A 292 13.32 0.29 8.74
N SER A 293 13.57 -0.43 7.65
CA SER A 293 14.00 -1.85 7.62
C SER A 293 15.25 -2.05 8.47
N VAL A 294 16.23 -1.12 8.37
CA VAL A 294 17.53 -1.17 9.10
C VAL A 294 17.25 -0.94 10.59
N LEU A 295 16.32 -0.03 10.92
CA LEU A 295 16.06 0.43 12.31
C LEU A 295 14.79 -0.17 12.90
N ASP A 296 14.16 -1.14 12.26
CA ASP A 296 12.90 -1.81 12.70
C ASP A 296 13.21 -3.28 13.00
N CYS A 297 14.17 -3.59 13.89
CA CYS A 297 14.41 -4.97 14.42
C CYS A 297 13.68 -5.02 15.77
N THR A 298 12.86 -4.00 16.10
CA THR A 298 11.99 -3.91 17.29
C THR A 298 11.23 -5.27 17.40
N VAL A 299 11.25 -5.88 18.57
CA VAL A 299 10.74 -7.26 18.80
C VAL A 299 9.19 -7.26 18.85
N THR A 300 8.56 -6.20 19.40
CA THR A 300 7.10 -6.12 19.61
C THR A 300 6.44 -5.45 18.39
N PRO A 301 5.35 -6.07 17.84
CA PRO A 301 4.60 -5.46 16.74
C PRO A 301 4.01 -4.08 17.08
N MET A 302 3.83 -3.79 18.36
CA MET A 302 3.33 -2.52 18.94
C MET A 302 4.39 -1.42 18.77
N GLY A 303 5.68 -1.78 18.60
CA GLY A 303 6.84 -0.91 18.53
C GLY A 303 7.24 -0.59 17.11
N SER A 304 7.07 -1.55 16.20
CA SER A 304 7.35 -1.39 14.75
C SER A 304 6.72 -0.12 14.16
N ARG A 305 5.43 0.09 14.46
CA ARG A 305 4.60 1.21 13.96
C ARG A 305 4.98 2.49 14.70
N MET A 306 5.44 2.42 15.96
CA MET A 306 5.89 3.61 16.73
C MET A 306 7.11 4.24 16.07
N LEU A 307 8.15 3.49 15.65
CA LEU A 307 9.38 4.13 15.08
C LEU A 307 9.10 4.56 13.65
N LYS A 308 8.26 3.90 12.89
CA LYS A 308 7.82 4.27 11.53
C LYS A 308 7.01 5.56 11.62
N ARG A 309 6.24 5.74 12.71
CA ARG A 309 5.58 7.05 13.03
C ARG A 309 6.64 8.13 13.26
N TRP A 310 7.67 7.82 14.07
CA TRP A 310 8.77 8.75 14.45
C TRP A 310 9.54 9.19 13.19
N LEU A 311 9.95 8.24 12.33
CA LEU A 311 10.78 8.52 11.11
C LEU A 311 10.10 9.55 10.22
N HIS A 312 8.77 9.51 10.09
CA HIS A 312 7.99 10.36 9.17
C HIS A 312 7.50 11.63 9.87
N MET A 313 7.85 11.84 11.14
CA MET A 313 7.64 13.13 11.88
C MET A 313 8.94 13.52 12.57
N PRO A 314 9.99 13.97 11.84
CA PRO A 314 11.21 14.44 12.51
C PRO A 314 11.01 15.82 13.16
N VAL A 315 10.78 15.85 14.49
CA VAL A 315 10.44 17.06 15.29
C VAL A 315 11.72 17.85 15.50
N ARG A 316 11.61 19.17 15.64
CA ARG A 316 12.73 20.14 15.72
C ARG A 316 13.00 20.45 17.21
N ASP A 317 11.99 20.26 18.09
CA ASP A 317 12.13 20.62 19.52
C ASP A 317 13.34 19.87 20.11
N THR A 318 14.34 20.61 20.61
CA THR A 318 15.60 20.04 21.18
C THR A 318 15.29 19.22 22.43
N ARG A 319 14.36 19.71 23.28
CA ARG A 319 14.03 19.08 24.58
C ARG A 319 13.66 17.61 24.38
N VAL A 320 12.83 17.28 23.37
CA VAL A 320 12.34 15.90 23.11
C VAL A 320 13.51 15.05 22.61
N LEU A 321 14.30 15.56 21.64
CA LEU A 321 15.41 14.82 20.99
C LEU A 321 16.44 14.42 22.07
N LEU A 322 16.71 15.32 23.03
CA LEU A 322 17.71 15.09 24.11
C LEU A 322 17.25 13.94 25.02
N GLU A 323 15.94 13.84 25.31
CA GLU A 323 15.35 12.77 26.16
C GLU A 323 15.58 11.42 25.48
N ARG A 324 15.34 11.33 24.16
CA ARG A 324 15.59 10.12 23.34
C ARG A 324 17.08 9.80 23.33
N GLN A 325 17.92 10.82 23.07
CA GLN A 325 19.39 10.70 22.97
C GLN A 325 19.93 10.08 24.27
N GLN A 326 19.48 10.62 25.42
CA GLN A 326 19.90 10.16 26.77
C GLN A 326 19.47 8.71 26.98
N THR A 327 18.19 8.40 26.69
CA THR A 327 17.56 7.07 26.94
C THR A 327 18.21 6.05 26.04
N ILE A 328 18.55 6.40 24.77
CA ILE A 328 19.24 5.49 23.82
C ILE A 328 20.62 5.14 24.38
N GLY A 329 21.34 6.14 24.94
CA GLY A 329 22.69 5.98 25.49
C GLY A 329 22.69 5.17 26.79
N ALA A 330 21.71 5.41 27.66
CA ALA A 330 21.61 4.83 29.02
C ALA A 330 21.16 3.36 28.94
N LEU A 331 20.15 3.08 28.12
CA LEU A 331 19.57 1.69 27.97
C LEU A 331 20.55 0.81 27.22
N GLN A 332 21.57 1.41 26.53
CA GLN A 332 22.56 0.68 25.69
C GLN A 332 23.19 -0.47 26.49
N ASP A 333 23.39 -0.29 27.80
CA ASP A 333 23.98 -1.33 28.70
C ASP A 333 23.02 -2.51 28.81
N PHE A 334 21.69 -2.26 29.01
CA PHE A 334 20.63 -3.29 29.27
C PHE A 334 19.80 -3.58 28.01
N THR A 335 20.35 -3.44 26.81
CA THR A 335 19.70 -3.83 25.51
C THR A 335 19.36 -5.33 25.54
N ALA A 336 20.38 -6.15 25.77
CA ALA A 336 20.32 -7.65 25.69
C ALA A 336 19.40 -8.18 26.78
N GLY A 337 19.32 -7.49 27.93
CA GLY A 337 18.49 -7.90 29.09
C GLY A 337 17.02 -7.65 28.85
N LEU A 338 16.66 -6.47 28.32
CA LEU A 338 15.22 -6.03 28.21
C LEU A 338 14.57 -6.55 26.94
N GLN A 339 15.31 -6.66 25.84
CA GLN A 339 14.73 -6.93 24.48
C GLN A 339 14.00 -8.26 24.47
N PRO A 340 14.53 -9.36 25.07
CA PRO A 340 13.79 -10.63 25.15
C PRO A 340 12.47 -10.54 25.94
N VAL A 341 12.45 -9.81 27.05
CA VAL A 341 11.29 -9.71 27.99
C VAL A 341 10.19 -8.88 27.32
N LEU A 342 10.57 -7.92 26.45
CA LEU A 342 9.64 -7.01 25.74
C LEU A 342 8.89 -7.79 24.66
N ARG A 343 9.54 -8.77 24.00
CA ARG A 343 8.94 -9.56 22.90
C ARG A 343 7.69 -10.29 23.45
N GLN A 344 7.76 -10.80 24.70
CA GLN A 344 6.73 -11.67 25.29
C GLN A 344 5.46 -10.87 25.60
N VAL A 345 5.56 -9.54 25.73
CA VAL A 345 4.41 -8.62 26.02
C VAL A 345 3.38 -8.84 24.92
N GLY A 346 3.83 -8.87 23.65
CA GLY A 346 2.98 -8.99 22.44
C GLY A 346 2.55 -7.63 21.90
N ASP A 347 1.71 -7.59 20.89
CA ASP A 347 1.10 -6.35 20.34
C ASP A 347 0.01 -5.84 21.30
N LEU A 348 0.44 -5.20 22.41
CA LEU A 348 -0.44 -4.70 23.48
C LEU A 348 -1.34 -3.62 22.90
N GLU A 349 -0.87 -2.87 21.90
CA GLU A 349 -1.65 -1.82 21.18
C GLU A 349 -2.93 -2.42 20.57
N ARG A 350 -2.82 -3.51 19.83
CA ARG A 350 -3.93 -4.09 19.01
C ARG A 350 -4.88 -4.91 19.90
N ILE A 351 -4.34 -5.56 20.94
CA ILE A 351 -5.19 -6.34 21.88
C ILE A 351 -6.07 -5.36 22.66
N LEU A 352 -5.47 -4.26 23.15
CA LEU A 352 -6.25 -3.24 23.90
C LEU A 352 -7.29 -2.57 23.01
N ALA A 353 -6.97 -2.35 21.73
CA ALA A 353 -7.96 -1.76 20.80
C ALA A 353 -9.17 -2.71 20.71
N ARG A 354 -8.93 -4.01 20.63
CA ARG A 354 -10.04 -5.00 20.62
C ARG A 354 -10.80 -4.94 21.94
N LEU A 355 -10.09 -4.78 23.07
CA LEU A 355 -10.74 -4.67 24.40
C LEU A 355 -11.60 -3.40 24.43
N ALA A 356 -11.13 -2.31 23.83
CA ALA A 356 -11.91 -1.05 23.76
C ALA A 356 -13.25 -1.20 23.04
N LEU A 357 -13.26 -1.94 21.92
CA LEU A 357 -14.52 -2.20 21.18
C LEU A 357 -15.32 -3.38 21.82
N ARG A 358 -14.79 -3.89 22.94
CA ARG A 358 -15.40 -5.04 23.66
C ARG A 358 -15.54 -6.25 22.73
N THR A 359 -14.62 -6.36 21.78
CA THR A 359 -14.63 -7.47 20.78
C THR A 359 -13.21 -8.02 20.62
N ALA A 360 -12.66 -8.55 21.73
CA ALA A 360 -11.36 -9.26 21.84
C ALA A 360 -11.62 -10.77 21.73
N ARG A 361 -10.76 -11.50 21.01
CA ARG A 361 -10.69 -13.00 21.01
C ARG A 361 -10.02 -13.44 22.31
N PRO A 362 -10.28 -14.64 22.86
CA PRO A 362 -9.70 -15.04 24.13
C PRO A 362 -8.19 -15.38 24.06
N ARG A 363 -7.70 -15.76 22.90
CA ARG A 363 -6.25 -15.97 22.59
C ARG A 363 -5.47 -14.67 22.83
N ASP A 364 -6.10 -13.52 22.53
CA ASP A 364 -5.53 -12.15 22.65
C ASP A 364 -5.46 -11.75 24.13
N LEU A 365 -6.49 -12.06 24.95
CA LEU A 365 -6.51 -11.81 26.41
C LEU A 365 -5.46 -12.70 27.10
N ALA A 366 -5.18 -13.88 26.57
CA ALA A 366 -4.07 -14.76 27.06
C ALA A 366 -2.69 -14.10 26.79
N ARG A 367 -2.59 -13.32 25.73
CA ARG A 367 -1.38 -12.52 25.40
C ARG A 367 -1.29 -11.32 26.37
N MET A 368 -2.43 -10.77 26.79
CA MET A 368 -2.51 -9.69 27.82
C MET A 368 -1.98 -10.20 29.17
N ARG A 369 -2.40 -11.40 29.57
CA ARG A 369 -1.94 -12.12 30.79
C ARG A 369 -0.42 -12.27 30.75
N HIS A 370 0.14 -12.74 29.62
CA HIS A 370 1.58 -13.03 29.40
C HIS A 370 2.41 -11.73 29.60
N ALA A 371 1.90 -10.59 29.14
CA ALA A 371 2.54 -9.26 29.27
C ALA A 371 2.62 -8.86 30.76
N PHE A 372 1.48 -8.94 31.46
CA PHE A 372 1.35 -8.57 32.90
C PHE A 372 2.26 -9.47 33.75
N GLN A 373 2.51 -10.72 33.32
CA GLN A 373 3.48 -11.65 33.93
C GLN A 373 4.89 -11.07 33.79
N GLN A 374 5.18 -10.50 32.61
CA GLN A 374 6.55 -10.03 32.21
C GLN A 374 6.76 -8.57 32.62
N LEU A 375 5.71 -7.76 32.82
CA LEU A 375 5.86 -6.32 33.20
C LEU A 375 6.71 -6.20 34.50
N PRO A 376 6.49 -6.93 35.63
CA PRO A 376 7.34 -6.77 36.83
C PRO A 376 8.84 -6.91 36.57
N GLU A 377 9.24 -7.86 35.71
CA GLU A 377 10.65 -8.13 35.32
C GLU A 377 11.21 -6.88 34.62
N LEU A 378 10.43 -6.33 33.67
CA LEU A 378 10.85 -5.15 32.87
C LEU A 378 11.11 -3.98 33.83
N ARG A 379 10.20 -3.70 34.77
CA ARG A 379 10.34 -2.55 35.71
C ARG A 379 11.64 -2.73 36.47
N ALA A 380 11.96 -3.91 37.02
CA ALA A 380 13.13 -4.20 37.89
C ALA A 380 14.43 -3.91 37.16
N GLN A 381 14.58 -4.36 35.91
CA GLN A 381 15.78 -4.13 35.05
C GLN A 381 15.93 -2.62 34.81
N LEU A 382 14.81 -1.92 34.59
CA LEU A 382 14.76 -0.46 34.29
C LEU A 382 15.09 0.35 35.55
N GLU A 383 14.85 -0.20 36.75
CA GLU A 383 15.17 0.47 38.05
C GLU A 383 16.67 0.72 38.14
N THR A 384 17.47 -0.24 37.66
CA THR A 384 18.97 -0.22 37.73
C THR A 384 19.50 0.90 36.84
N VAL A 385 18.87 1.08 35.66
CA VAL A 385 19.23 2.15 34.66
C VAL A 385 18.67 3.48 35.19
N ASP A 386 19.53 4.29 35.80
CA ASP A 386 19.12 5.58 36.43
C ASP A 386 19.21 6.67 35.37
N SER A 387 18.08 7.18 34.92
CA SER A 387 17.88 8.32 33.97
C SER A 387 16.48 8.89 34.19
N ALA A 388 16.29 10.21 34.01
CA ALA A 388 15.03 10.95 34.26
C ALA A 388 13.88 10.44 33.40
N PRO A 389 14.03 10.23 32.07
CA PRO A 389 12.97 9.65 31.25
C PRO A 389 12.82 8.12 31.39
N VAL A 390 13.91 7.35 31.62
CA VAL A 390 13.90 5.84 31.76
C VAL A 390 13.12 5.49 33.02
N GLN A 391 13.21 6.30 34.09
CA GLN A 391 12.48 6.15 35.37
C GLN A 391 11.01 6.50 35.15
N ALA A 392 10.73 7.51 34.30
CA ALA A 392 9.36 7.95 33.93
C ALA A 392 8.67 6.84 33.11
N LEU A 393 9.34 6.29 32.10
CA LEU A 393 8.82 5.18 31.25
C LEU A 393 8.63 3.93 32.12
N ARG A 394 9.57 3.68 33.05
CA ARG A 394 9.50 2.57 34.02
C ARG A 394 8.23 2.69 34.87
N GLU A 395 7.94 3.90 35.36
CA GLU A 395 6.74 4.22 36.19
C GLU A 395 5.48 4.27 35.31
N LYS A 396 5.61 4.78 34.08
CA LYS A 396 4.49 4.94 33.12
C LYS A 396 4.04 3.55 32.63
N MET A 397 4.98 2.60 32.47
CA MET A 397 4.71 1.20 32.08
C MET A 397 3.68 0.60 33.07
N GLY A 398 3.93 0.75 34.36
CA GLY A 398 3.04 0.27 35.44
C GLY A 398 3.18 -1.22 35.69
N GLU A 399 2.29 -1.78 36.52
CA GLU A 399 2.29 -3.22 36.93
C GLU A 399 0.94 -3.85 36.55
N PHE A 400 -0.17 -3.27 37.03
CA PHE A 400 -1.56 -3.73 36.80
C PHE A 400 -1.70 -5.18 37.31
N ALA A 401 -1.25 -5.41 38.55
CA ALA A 401 -1.14 -6.73 39.22
C ALA A 401 -2.52 -7.39 39.39
N GLU A 402 -3.57 -6.61 39.66
CA GLU A 402 -4.94 -7.14 39.86
C GLU A 402 -5.49 -7.70 38.53
N LEU A 403 -5.09 -7.10 37.41
CA LEU A 403 -5.46 -7.57 36.05
C LEU A 403 -4.63 -8.81 35.71
N ARG A 404 -3.34 -8.81 36.08
CA ARG A 404 -2.45 -9.99 36.02
C ARG A 404 -3.13 -11.16 36.77
N ASP A 405 -3.64 -10.88 37.98
CA ASP A 405 -4.30 -11.87 38.86
C ASP A 405 -5.58 -12.38 38.17
N LEU A 406 -6.42 -11.48 37.67
CA LEU A 406 -7.74 -11.82 37.09
C LEU A 406 -7.55 -12.72 35.86
N LEU A 407 -6.68 -12.33 34.92
CA LEU A 407 -6.47 -13.03 33.63
C LEU A 407 -5.85 -14.41 33.90
N GLU A 408 -4.91 -14.49 34.86
CA GLU A 408 -4.28 -15.76 35.30
C GLU A 408 -5.34 -16.68 35.93
N ARG A 409 -6.30 -16.11 36.68
CA ARG A 409 -7.36 -16.84 37.39
C ARG A 409 -8.47 -17.26 36.41
N ALA A 410 -8.78 -16.43 35.40
CA ALA A 410 -9.98 -16.55 34.56
C ALA A 410 -9.73 -17.09 33.12
N ILE A 411 -8.47 -17.34 32.72
CA ILE A 411 -8.14 -17.83 31.35
C ILE A 411 -7.19 -19.05 31.47
N ILE A 412 -7.49 -20.12 30.71
CA ILE A 412 -6.67 -21.37 30.64
C ILE A 412 -5.34 -21.01 30.01
N ASP A 413 -4.26 -21.73 30.36
CA ASP A 413 -2.88 -21.47 29.87
C ASP A 413 -2.86 -21.20 28.35
N THR A 414 -3.54 -22.04 27.60
CA THR A 414 -3.68 -21.98 26.10
C THR A 414 -5.16 -22.18 25.71
N PRO A 415 -5.93 -21.10 25.52
CA PRO A 415 -7.35 -21.23 25.20
C PRO A 415 -7.57 -21.36 23.70
N PRO A 416 -8.74 -21.88 23.28
CA PRO A 416 -9.05 -22.02 21.85
C PRO A 416 -9.36 -20.63 21.25
N VAL A 417 -9.55 -20.54 19.93
CA VAL A 417 -9.46 -19.24 19.20
C VAL A 417 -10.78 -18.43 19.39
N LEU A 418 -11.91 -19.09 19.65
CA LEU A 418 -13.20 -18.44 19.94
C LEU A 418 -13.66 -18.92 21.32
N VAL A 419 -14.54 -18.14 21.94
CA VAL A 419 -15.34 -18.49 23.18
C VAL A 419 -16.45 -19.50 22.83
N ARG A 420 -17.00 -19.41 21.62
CA ARG A 420 -18.02 -20.39 21.16
C ARG A 420 -17.38 -21.78 21.13
N ASP A 421 -16.05 -21.86 20.98
CA ASP A 421 -15.36 -23.18 21.03
C ASP A 421 -15.55 -23.80 22.41
N GLY A 422 -15.44 -23.00 23.48
CA GLY A 422 -15.66 -23.50 24.85
C GLY A 422 -14.38 -23.91 25.55
N GLY A 423 -14.36 -23.87 26.89
CA GLY A 423 -13.16 -24.25 27.66
C GLY A 423 -12.18 -23.11 27.79
N VAL A 424 -12.53 -21.91 27.29
CA VAL A 424 -11.60 -20.74 27.25
C VAL A 424 -11.50 -20.19 28.66
N ILE A 425 -12.59 -20.28 29.45
CA ILE A 425 -12.55 -19.71 30.83
C ILE A 425 -11.94 -20.73 31.78
N ALA A 426 -10.81 -20.38 32.40
CA ALA A 426 -10.12 -21.27 33.39
C ALA A 426 -11.05 -21.74 34.49
N SER A 427 -11.07 -23.05 34.77
CA SER A 427 -11.96 -23.66 35.80
C SER A 427 -11.50 -23.16 37.17
N GLY A 428 -12.45 -22.81 38.05
CA GLY A 428 -12.16 -22.34 39.41
C GLY A 428 -12.13 -20.83 39.53
N TYR A 429 -12.26 -20.07 38.44
CA TYR A 429 -12.49 -18.60 38.48
C TYR A 429 -13.91 -18.45 39.05
N ASN A 430 -14.86 -19.30 38.61
CA ASN A 430 -16.27 -19.36 39.08
C ASN A 430 -16.59 -20.80 39.48
N GLU A 431 -17.29 -20.98 40.61
CA GLU A 431 -17.75 -22.29 41.14
C GLU A 431 -18.69 -22.93 40.12
N GLU A 432 -19.61 -22.15 39.55
CA GLU A 432 -20.72 -22.63 38.66
C GLU A 432 -20.15 -23.27 37.38
N LEU A 433 -19.16 -22.67 36.72
CA LEU A 433 -18.71 -23.16 35.38
C LEU A 433 -18.23 -24.61 35.48
N ASP A 434 -17.42 -24.90 36.51
CA ASP A 434 -16.80 -26.22 36.78
C ASP A 434 -17.88 -27.22 37.22
N GLU A 435 -18.93 -26.75 37.93
CA GLU A 435 -20.07 -27.64 38.35
C GLU A 435 -20.81 -28.17 37.13
N TRP A 436 -21.13 -27.30 36.15
CA TRP A 436 -21.84 -27.65 34.88
C TRP A 436 -20.87 -28.34 33.91
N ARG A 437 -19.59 -27.93 33.88
CA ARG A 437 -18.55 -28.60 33.08
C ARG A 437 -18.28 -30.03 33.65
N ALA A 438 -18.39 -30.17 34.99
CA ALA A 438 -18.22 -31.45 35.69
C ALA A 438 -19.39 -32.40 35.34
N LEU A 439 -20.61 -31.86 35.24
CA LEU A 439 -21.82 -32.61 34.79
C LEU A 439 -21.61 -33.09 33.35
N ALA A 440 -21.09 -32.22 32.48
CA ALA A 440 -20.76 -32.49 31.06
C ALA A 440 -19.62 -33.52 30.96
N ASP A 441 -18.59 -33.36 31.80
CA ASP A 441 -17.46 -34.31 31.95
C ASP A 441 -17.97 -35.64 32.53
N GLY A 442 -18.98 -35.64 33.38
CA GLY A 442 -19.73 -36.79 33.87
C GLY A 442 -20.31 -37.67 32.76
N ALA A 443 -20.55 -37.09 31.59
CA ALA A 443 -21.09 -37.74 30.40
C ALA A 443 -20.09 -38.78 29.80
N THR A 444 -18.82 -38.39 29.68
CA THR A 444 -17.76 -39.14 28.97
C THR A 444 -17.45 -40.45 29.70
N ASP A 445 -17.50 -40.48 31.05
CA ASP A 445 -17.33 -41.71 31.85
C ASP A 445 -18.64 -42.49 31.80
N TYR A 446 -19.79 -41.80 31.88
CA TYR A 446 -21.14 -42.43 31.80
C TYR A 446 -21.32 -43.08 30.40
N LEU A 447 -20.73 -42.46 29.36
CA LEU A 447 -20.71 -43.02 27.99
C LEU A 447 -20.08 -44.45 28.00
N GLU A 448 -18.90 -44.55 28.60
CA GLU A 448 -18.06 -45.77 28.69
C GLU A 448 -18.74 -46.73 29.66
N ARG A 449 -19.38 -46.25 30.73
CA ARG A 449 -19.97 -47.12 31.80
C ARG A 449 -21.29 -47.78 31.35
N LEU A 450 -22.01 -47.17 30.39
CA LEU A 450 -23.22 -47.76 29.77
C LEU A 450 -22.81 -48.46 28.48
N GLU A 451 -21.61 -48.24 27.95
CA GLU A 451 -21.07 -48.94 26.75
C GLU A 451 -20.54 -50.27 27.31
N VAL A 452 -20.17 -50.32 28.60
CA VAL A 452 -19.72 -51.57 29.29
C VAL A 452 -20.96 -52.33 29.77
N ARG A 453 -21.88 -51.66 30.47
CA ARG A 453 -23.10 -52.30 31.07
C ARG A 453 -23.99 -52.83 29.93
N GLU A 454 -24.16 -52.07 28.82
CA GLU A 454 -24.98 -52.51 27.67
C GLU A 454 -24.31 -53.67 26.95
N ARG A 455 -22.97 -53.57 26.75
CA ARG A 455 -22.14 -54.63 26.10
C ARG A 455 -22.24 -55.95 26.87
N GLU A 456 -22.29 -55.93 28.21
CA GLU A 456 -22.35 -57.15 29.05
C GLU A 456 -23.82 -57.61 29.17
N ARG A 457 -24.80 -56.70 29.27
CA ARG A 457 -26.23 -57.06 29.41
C ARG A 457 -26.72 -57.69 28.10
N THR A 458 -26.40 -57.07 26.97
CA THR A 458 -26.68 -57.61 25.60
C THR A 458 -25.81 -58.86 25.33
N GLY A 459 -24.56 -58.83 25.80
CA GLY A 459 -23.53 -59.86 25.58
C GLY A 459 -22.87 -59.72 24.22
N LEU A 460 -22.91 -58.52 23.64
CA LEU A 460 -22.40 -58.20 22.29
C LEU A 460 -21.08 -57.42 22.42
N ASP A 461 -19.96 -58.07 22.07
CA ASP A 461 -18.58 -57.53 22.20
C ASP A 461 -18.36 -56.42 21.15
N THR A 462 -19.03 -56.51 20.00
CA THR A 462 -18.89 -55.54 18.89
C THR A 462 -19.64 -54.24 19.22
N LEU A 463 -20.46 -54.26 20.29
CA LEU A 463 -21.33 -53.11 20.67
C LEU A 463 -20.45 -51.91 21.02
N LYS A 464 -20.62 -50.80 20.30
CA LYS A 464 -19.96 -49.49 20.60
C LYS A 464 -21.01 -48.38 20.58
N VAL A 465 -21.03 -47.57 21.66
CA VAL A 465 -22.03 -46.48 21.87
C VAL A 465 -21.38 -45.21 21.31
N GLY A 466 -22.11 -44.39 20.54
CA GLY A 466 -21.63 -43.18 19.84
C GLY A 466 -22.71 -42.09 19.91
N PHE A 467 -22.31 -40.83 19.62
CA PHE A 467 -23.24 -39.66 19.62
C PHE A 467 -23.25 -39.00 18.25
N ASN A 468 -24.41 -38.89 17.59
CA ASN A 468 -24.59 -38.15 16.32
C ASN A 468 -25.20 -36.82 16.75
N ALA A 469 -24.86 -35.70 16.12
CA ALA A 469 -25.46 -34.38 16.43
C ALA A 469 -26.94 -34.43 16.06
N VAL A 470 -27.30 -35.11 14.97
CA VAL A 470 -28.69 -35.15 14.41
C VAL A 470 -29.55 -36.21 15.12
N HIS A 471 -29.00 -37.34 15.60
CA HIS A 471 -29.79 -38.46 16.19
C HIS A 471 -29.44 -38.65 17.67
N GLY A 472 -28.65 -37.76 18.28
CA GLY A 472 -28.21 -37.84 19.69
C GLY A 472 -27.34 -39.07 19.94
N TYR A 473 -27.21 -39.47 21.22
CA TYR A 473 -26.48 -40.71 21.59
C TYR A 473 -27.23 -41.94 21.06
N TYR A 474 -26.50 -42.98 20.67
CA TYR A 474 -27.02 -44.24 20.07
C TYR A 474 -26.15 -45.43 20.48
N ILE A 475 -26.56 -46.67 20.11
CA ILE A 475 -25.84 -47.95 20.42
C ILE A 475 -25.50 -48.67 19.09
N GLN A 476 -24.36 -48.37 18.47
CA GLN A 476 -23.95 -48.89 17.12
C GLN A 476 -23.43 -50.34 17.33
N ILE A 477 -24.09 -51.30 16.67
CA ILE A 477 -23.78 -52.76 16.74
C ILE A 477 -23.63 -53.26 15.30
N SER A 478 -22.61 -54.11 15.06
CA SER A 478 -22.36 -54.72 13.74
C SER A 478 -23.63 -55.46 13.31
N ARG A 479 -23.92 -55.55 12.00
CA ARG A 479 -25.14 -56.22 11.44
C ARG A 479 -25.17 -57.68 11.88
N GLY A 480 -24.02 -58.32 12.05
CA GLY A 480 -23.88 -59.71 12.53
C GLY A 480 -24.51 -59.93 13.90
N GLN A 481 -24.32 -58.97 14.82
CA GLN A 481 -24.83 -59.00 16.21
C GLN A 481 -26.03 -58.04 16.37
N SER A 482 -26.47 -57.40 15.29
CA SER A 482 -27.58 -56.41 15.29
C SER A 482 -28.93 -57.11 15.55
N HIS A 483 -29.17 -58.26 14.90
CA HIS A 483 -30.37 -59.12 15.11
C HIS A 483 -30.34 -59.76 16.50
N LEU A 484 -29.16 -59.90 17.12
CA LEU A 484 -28.98 -60.48 18.47
C LEU A 484 -29.26 -59.43 19.55
N ALA A 485 -29.29 -58.15 19.19
CA ALA A 485 -29.61 -57.03 20.13
C ALA A 485 -31.04 -57.20 20.65
N PRO A 486 -31.30 -56.99 21.96
CA PRO A 486 -32.60 -57.31 22.55
C PRO A 486 -33.73 -56.38 22.07
N ILE A 487 -34.96 -56.68 22.53
CA ILE A 487 -36.21 -55.98 22.13
C ILE A 487 -36.21 -54.56 22.71
N ASN A 488 -35.51 -54.38 23.84
CA ASN A 488 -35.34 -53.08 24.55
C ASN A 488 -34.69 -52.06 23.60
N TYR A 489 -33.83 -52.58 22.72
CA TYR A 489 -33.10 -51.76 21.74
C TYR A 489 -34.04 -51.34 20.62
N MET A 490 -34.06 -50.06 20.27
CA MET A 490 -34.93 -49.50 19.21
C MET A 490 -34.12 -48.86 18.09
N ARG A 491 -34.12 -49.44 16.88
CA ARG A 491 -33.27 -48.99 15.74
C ARG A 491 -33.83 -47.65 15.22
N ARG A 492 -33.05 -46.57 15.45
CA ARG A 492 -33.39 -45.20 14.97
C ARG A 492 -32.71 -44.97 13.62
N GLN A 493 -31.39 -45.19 13.55
CA GLN A 493 -30.49 -44.92 12.41
C GLN A 493 -29.97 -46.27 11.87
N THR A 494 -29.95 -46.41 10.54
CA THR A 494 -29.77 -47.69 9.80
C THR A 494 -28.65 -47.51 8.75
N LEU A 495 -27.56 -48.28 8.91
CA LEU A 495 -26.36 -48.25 8.03
C LEU A 495 -26.08 -49.67 7.51
N LYS A 496 -25.22 -49.75 6.50
CA LYS A 496 -24.90 -51.00 5.74
C LYS A 496 -24.15 -51.98 6.64
N ASN A 497 -23.14 -51.50 7.41
CA ASN A 497 -22.22 -52.37 8.19
C ASN A 497 -22.68 -52.47 9.67
N ALA A 498 -23.59 -51.64 10.14
CA ALA A 498 -23.88 -51.46 11.58
C ALA A 498 -25.30 -50.91 11.74
N GLU A 499 -25.96 -51.22 12.86
CA GLU A 499 -27.31 -50.70 13.24
C GLU A 499 -27.16 -49.85 14.51
N ARG A 500 -27.76 -48.68 14.57
CA ARG A 500 -27.74 -47.74 15.72
C ARG A 500 -29.08 -47.82 16.48
N TYR A 501 -29.05 -48.29 17.72
CA TYR A 501 -30.29 -48.46 18.52
C TYR A 501 -30.45 -47.29 19.49
N ILE A 502 -31.54 -47.23 20.24
CA ILE A 502 -31.77 -46.18 21.28
C ILE A 502 -32.47 -46.77 22.54
N ILE A 503 -32.04 -46.33 23.72
CA ILE A 503 -32.59 -46.77 25.05
C ILE A 503 -33.09 -45.54 25.81
N PRO A 504 -34.21 -45.64 26.57
CA PRO A 504 -34.77 -44.49 27.27
C PRO A 504 -33.76 -43.80 28.20
N GLU A 505 -32.82 -44.60 28.72
CA GLU A 505 -31.70 -44.10 29.56
C GLU A 505 -30.79 -43.21 28.71
N LEU A 506 -30.68 -43.44 27.39
CA LEU A 506 -29.83 -42.63 26.45
C LEU A 506 -30.61 -41.45 25.87
N LYS A 507 -31.93 -41.33 26.04
CA LYS A 507 -32.71 -40.13 25.60
C LYS A 507 -32.70 -39.14 26.77
N GLU A 508 -32.70 -39.64 28.01
CA GLU A 508 -32.70 -38.83 29.27
C GLU A 508 -31.28 -38.32 29.57
N TYR A 509 -30.26 -39.20 29.43
CA TYR A 509 -28.83 -38.88 29.67
C TYR A 509 -28.32 -37.86 28.61
N GLU A 510 -28.66 -38.11 27.33
CA GLU A 510 -28.25 -37.27 26.18
C GLU A 510 -28.82 -35.84 26.38
N ASP A 511 -30.08 -35.74 26.82
CA ASP A 511 -30.75 -34.45 27.15
C ASP A 511 -29.95 -33.74 28.23
N LYS A 512 -29.46 -34.47 29.24
CA LYS A 512 -28.59 -33.95 30.35
C LYS A 512 -27.27 -33.46 29.75
N VAL A 513 -26.70 -34.24 28.79
CA VAL A 513 -25.39 -33.97 28.12
C VAL A 513 -25.52 -32.76 27.19
N LEU A 514 -26.68 -32.52 26.57
CA LEU A 514 -26.89 -31.44 25.56
C LEU A 514 -27.33 -30.16 26.31
N THR A 515 -28.01 -30.26 27.46
CA THR A 515 -28.43 -29.09 28.27
C THR A 515 -27.25 -28.65 29.15
N SER A 516 -26.36 -29.55 29.57
CA SER A 516 -25.11 -29.23 30.30
C SER A 516 -24.10 -28.57 29.35
N LYS A 517 -23.96 -29.14 28.13
CA LYS A 517 -23.03 -28.65 27.08
C LYS A 517 -23.33 -27.17 26.79
N GLY A 518 -24.60 -26.85 26.57
CA GLY A 518 -25.07 -25.48 26.24
C GLY A 518 -24.92 -24.53 27.39
N LYS A 519 -25.33 -24.93 28.60
CA LYS A 519 -25.27 -24.09 29.83
C LYS A 519 -23.81 -23.69 30.11
N ALA A 520 -22.88 -24.67 29.99
CA ALA A 520 -21.44 -24.45 30.21
C ALA A 520 -20.91 -23.38 29.22
N LEU A 521 -21.29 -23.53 27.93
CA LEU A 521 -20.88 -22.62 26.83
C LEU A 521 -21.47 -21.23 27.05
N ALA A 522 -22.71 -21.13 27.56
CA ALA A 522 -23.43 -19.84 27.72
C ALA A 522 -22.80 -19.07 28.88
N LEU A 523 -22.51 -19.77 30.00
CA LEU A 523 -21.83 -19.21 31.19
C LEU A 523 -20.43 -18.64 30.84
N GLU A 524 -19.66 -19.36 30.03
CA GLU A 524 -18.31 -18.88 29.62
C GLU A 524 -18.46 -17.55 28.89
N LYS A 525 -19.41 -17.44 27.98
CA LYS A 525 -19.62 -16.22 27.14
C LYS A 525 -19.92 -15.08 28.13
N GLN A 526 -20.82 -15.34 29.12
CA GLN A 526 -21.24 -14.35 30.14
C GLN A 526 -20.00 -13.87 30.93
N LEU A 527 -19.19 -14.82 31.42
CA LEU A 527 -17.95 -14.51 32.18
C LEU A 527 -16.96 -13.76 31.28
N TYR A 528 -16.81 -14.23 30.03
CA TYR A 528 -15.86 -13.64 29.04
C TYR A 528 -16.26 -12.17 28.77
N GLU A 529 -17.55 -11.83 28.99
CA GLU A 529 -18.05 -10.43 28.93
C GLU A 529 -17.74 -9.70 30.25
N GLU A 530 -17.95 -10.37 31.39
CA GLU A 530 -17.69 -9.81 32.74
C GLU A 530 -16.21 -9.47 32.86
N LEU A 531 -15.31 -10.27 32.26
CA LEU A 531 -13.85 -9.99 32.26
C LEU A 531 -13.60 -8.63 31.61
N PHE A 532 -14.21 -8.37 30.44
CA PHE A 532 -14.04 -7.08 29.72
C PHE A 532 -14.51 -5.94 30.63
N ASP A 533 -15.62 -6.06 31.36
CA ASP A 533 -16.17 -5.03 32.30
C ASP A 533 -15.14 -4.73 33.38
N LEU A 534 -14.47 -5.75 33.91
CA LEU A 534 -13.48 -5.61 35.02
C LEU A 534 -12.16 -5.04 34.50
N LEU A 535 -11.78 -5.37 33.27
CA LEU A 535 -10.50 -4.89 32.64
C LEU A 535 -10.68 -3.48 32.07
N LEU A 536 -11.91 -3.08 31.73
CA LEU A 536 -12.21 -1.86 30.93
C LEU A 536 -11.80 -0.58 31.67
N PRO A 537 -12.07 -0.41 32.98
CA PRO A 537 -11.74 0.82 33.69
C PRO A 537 -10.28 1.29 33.56
N HIS A 538 -9.33 0.35 33.54
CA HIS A 538 -7.86 0.63 33.55
C HIS A 538 -7.36 0.84 32.12
N LEU A 539 -8.20 0.66 31.10
CA LEU A 539 -7.85 0.80 29.66
C LEU A 539 -7.06 2.09 29.42
N GLU A 540 -7.51 3.22 30.00
CA GLU A 540 -6.85 4.55 29.88
C GLU A 540 -5.38 4.43 30.27
N ALA A 541 -5.10 3.80 31.42
CA ALA A 541 -3.73 3.61 31.98
C ALA A 541 -3.01 2.50 31.22
N LEU A 542 -3.73 1.46 30.76
CA LEU A 542 -3.18 0.37 29.92
C LEU A 542 -2.73 0.95 28.57
N GLN A 543 -3.48 1.90 28.01
CA GLN A 543 -3.14 2.62 26.75
C GLN A 543 -1.85 3.42 26.97
N GLN A 544 -1.73 4.12 28.09
CA GLN A 544 -0.50 4.84 28.51
C GLN A 544 0.65 3.85 28.65
N SER A 545 0.39 2.68 29.24
CA SER A 545 1.35 1.56 29.41
C SER A 545 1.83 1.06 28.05
N ALA A 546 0.93 0.84 27.12
CA ALA A 546 1.20 0.40 25.72
C ALA A 546 2.07 1.42 25.00
N SER A 547 1.75 2.71 25.09
CA SER A 547 2.52 3.83 24.50
C SER A 547 3.96 3.84 25.05
N ALA A 548 4.10 3.60 26.36
CA ALA A 548 5.40 3.54 27.08
C ALA A 548 6.20 2.31 26.67
N LEU A 549 5.56 1.15 26.54
CA LEU A 549 6.20 -0.15 26.22
C LEU A 549 6.62 -0.14 24.76
N ALA A 550 5.81 0.42 23.88
CA ALA A 550 6.13 0.66 22.44
C ALA A 550 7.33 1.58 22.35
N GLU A 551 7.30 2.73 23.04
CA GLU A 551 8.41 3.72 23.12
C GLU A 551 9.68 3.01 23.59
N LEU A 552 9.61 2.21 24.65
CA LEU A 552 10.76 1.49 25.24
C LEU A 552 11.39 0.57 24.20
N ASP A 553 10.55 -0.09 23.39
CA ASP A 553 11.07 -1.07 22.40
C ASP A 553 11.77 -0.37 21.23
N VAL A 554 11.24 0.75 20.73
CA VAL A 554 12.01 1.46 19.66
C VAL A 554 13.33 1.92 20.27
N LEU A 555 13.31 2.41 21.52
CA LEU A 555 14.55 2.94 22.15
C LEU A 555 15.61 1.84 22.32
N VAL A 556 15.24 0.65 22.81
CA VAL A 556 16.19 -0.49 22.95
C VAL A 556 16.64 -0.97 21.58
N ASN A 557 15.76 -0.99 20.58
CA ASN A 557 16.11 -1.38 19.17
C ASN A 557 17.17 -0.39 18.70
N LEU A 558 16.87 0.90 18.72
CA LEU A 558 17.78 2.02 18.37
C LEU A 558 19.06 1.92 19.20
N ALA A 559 18.99 1.56 20.48
CA ALA A 559 20.14 1.36 21.38
C ALA A 559 20.95 0.14 20.92
N GLU A 560 20.30 -0.99 20.61
CA GLU A 560 20.97 -2.22 20.12
C GLU A 560 21.65 -1.95 18.78
N ARG A 561 20.89 -1.42 17.82
CA ARG A 561 21.37 -1.04 16.47
C ARG A 561 22.46 0.02 16.60
N ALA A 562 22.39 0.92 17.56
CA ALA A 562 23.44 1.97 17.80
C ALA A 562 24.76 1.30 18.18
N TYR A 563 24.74 0.29 19.06
CA TYR A 563 25.94 -0.46 19.50
C TYR A 563 26.34 -1.46 18.42
N THR A 564 25.43 -2.17 17.76
CA THR A 564 25.67 -3.14 16.69
C THR A 564 26.36 -2.44 15.49
N LEU A 565 25.87 -1.27 15.08
CA LEU A 565 26.29 -0.53 13.86
C LEU A 565 27.23 0.62 14.23
N ASN A 566 27.57 0.76 15.51
CA ASN A 566 28.54 1.77 16.03
C ASN A 566 28.07 3.21 15.66
N TYR A 567 26.84 3.58 16.03
CA TYR A 567 26.32 4.95 15.79
C TYR A 567 26.71 5.84 16.98
N THR A 568 26.71 7.17 16.82
CA THR A 568 27.16 8.09 17.91
C THR A 568 26.15 9.23 18.15
N CYS A 569 26.23 9.88 19.31
CA CYS A 569 25.29 10.98 19.67
C CYS A 569 25.51 12.25 18.81
N PRO A 570 24.50 12.89 18.16
CA PRO A 570 24.73 14.13 17.42
C PRO A 570 24.64 15.37 18.32
N THR A 571 25.12 16.49 17.80
CA THR A 571 25.22 17.84 18.42
C THR A 571 24.40 18.83 17.60
N PHE A 572 23.83 19.81 18.26
CA PHE A 572 22.98 20.93 17.72
C PHE A 572 23.71 22.28 17.87
N ILE A 573 24.25 22.84 16.76
CA ILE A 573 24.98 24.15 16.79
C ILE A 573 23.93 25.21 17.12
N ASP A 574 22.73 25.13 16.52
CA ASP A 574 21.63 26.12 16.64
C ASP A 574 21.93 27.33 15.74
N LYS A 575 22.92 27.20 14.88
CA LYS A 575 23.30 28.20 13.82
C LYS A 575 23.30 27.47 12.49
N PRO A 576 22.63 28.00 11.43
CA PRO A 576 22.54 27.30 10.15
C PRO A 576 23.88 26.68 9.71
N GLY A 577 23.95 25.37 9.54
CA GLY A 577 25.14 24.63 9.11
C GLY A 577 24.99 23.15 9.36
N ILE A 578 25.78 22.31 8.71
CA ILE A 578 25.92 20.84 8.95
C ILE A 578 27.40 20.51 8.93
N ARG A 579 27.90 19.81 9.97
CA ARG A 579 29.34 19.45 10.13
C ARG A 579 29.47 17.94 10.46
N ILE A 580 29.58 17.06 9.44
CA ILE A 580 29.68 15.57 9.61
C ILE A 580 31.13 15.15 9.41
N THR A 581 31.65 14.26 10.26
CA THR A 581 32.96 13.56 10.09
C THR A 581 32.69 12.05 10.19
N GLU A 582 33.19 11.29 9.19
CA GLU A 582 33.08 9.81 9.14
C GLU A 582 31.60 9.39 9.09
N GLY A 583 30.79 10.02 8.22
CA GLY A 583 29.36 9.67 8.08
C GLY A 583 29.16 8.67 6.95
N ARG A 584 28.11 7.83 7.05
CA ARG A 584 27.86 6.77 6.04
C ARG A 584 26.36 6.70 5.72
N HIS A 585 25.99 6.24 4.51
CA HIS A 585 24.56 6.05 4.17
C HIS A 585 23.99 4.87 4.96
N PRO A 586 23.02 4.99 5.90
CA PRO A 586 22.63 3.84 6.73
C PRO A 586 22.18 2.60 5.95
N VAL A 587 21.40 2.78 4.88
CA VAL A 587 20.76 1.66 4.11
C VAL A 587 21.85 0.89 3.35
N VAL A 588 22.62 1.56 2.50
CA VAL A 588 23.62 0.96 1.57
C VAL A 588 24.70 0.13 2.31
N GLU A 589 25.37 0.66 3.34
CA GLU A 589 26.47 -0.10 4.01
C GLU A 589 25.94 -1.35 4.71
N GLN A 590 24.75 -1.26 5.29
CA GLN A 590 24.11 -2.35 6.07
C GLN A 590 23.72 -3.45 5.08
N VAL A 591 23.16 -3.09 3.93
CA VAL A 591 22.51 -4.01 2.93
C VAL A 591 23.51 -4.37 1.83
N LEU A 592 24.79 -3.96 1.91
CA LEU A 592 25.81 -4.33 0.88
C LEU A 592 27.05 -4.84 1.63
N ASN A 593 27.56 -5.99 1.25
CA ASN A 593 28.80 -6.66 1.72
C ASN A 593 29.99 -5.72 1.82
N GLU A 594 30.27 -4.92 0.79
CA GLU A 594 31.48 -4.07 0.68
C GLU A 594 31.42 -3.00 1.77
N PRO A 595 32.52 -2.75 2.55
CA PRO A 595 32.60 -1.60 3.46
C PRO A 595 32.28 -0.24 2.81
N PHE A 596 31.33 0.47 3.39
CA PHE A 596 31.03 1.87 3.00
C PHE A 596 32.17 2.82 3.39
N ILE A 597 32.70 3.52 2.42
CA ILE A 597 33.74 4.58 2.67
C ILE A 597 33.05 5.78 3.29
N ALA A 598 33.53 6.22 4.46
CA ALA A 598 32.97 7.35 5.22
C ALA A 598 33.39 8.67 4.57
N ASN A 599 32.56 9.68 4.67
CA ASN A 599 32.59 10.96 3.93
C ASN A 599 32.45 12.12 4.90
N PRO A 600 33.38 13.11 4.93
CA PRO A 600 33.12 14.37 5.64
C PRO A 600 32.30 15.37 4.83
N LEU A 601 31.45 16.14 5.56
CA LEU A 601 30.61 17.25 5.02
C LEU A 601 30.84 18.50 5.90
N ASN A 602 30.90 19.70 5.30
CA ASN A 602 31.08 20.97 6.05
C ASN A 602 30.23 22.08 5.42
N LEU A 603 28.90 21.97 5.43
CA LEU A 603 28.01 23.09 4.99
C LEU A 603 28.10 24.14 6.11
N SER A 604 27.95 25.44 5.81
CA SER A 604 27.96 26.53 6.80
C SER A 604 27.52 27.84 6.14
N PRO A 605 27.29 28.97 6.86
CA PRO A 605 26.96 30.23 6.19
C PRO A 605 28.05 30.75 5.25
N GLN A 606 29.31 30.43 5.54
CA GLN A 606 30.50 30.82 4.72
C GLN A 606 30.66 29.88 3.53
N ARG A 607 30.25 28.62 3.66
CA ARG A 607 30.27 27.60 2.55
C ARG A 607 28.88 26.99 2.41
N ARG A 608 28.00 27.59 1.61
CA ARG A 608 26.53 27.28 1.56
C ARG A 608 26.18 26.36 0.40
N MET A 609 27.08 26.20 -0.56
CA MET A 609 26.82 25.42 -1.83
C MET A 609 28.06 24.59 -2.19
N LEU A 610 27.86 23.30 -2.42
CA LEU A 610 28.89 22.35 -2.92
C LEU A 610 28.42 21.73 -4.24
N ILE A 611 29.09 22.05 -5.34
CA ILE A 611 28.82 21.51 -6.71
C ILE A 611 29.50 20.13 -6.79
N ILE A 612 28.76 19.09 -6.47
CA ILE A 612 29.27 17.70 -6.31
C ILE A 612 29.31 17.07 -7.71
N THR A 613 30.44 17.27 -8.40
CA THR A 613 30.69 16.85 -9.80
C THR A 613 31.72 15.69 -9.76
N GLY A 614 31.35 14.52 -10.29
CA GLY A 614 32.20 13.32 -10.25
C GLY A 614 31.81 12.31 -11.31
N PRO A 615 32.63 11.26 -11.55
CA PRO A 615 32.22 10.15 -12.42
C PRO A 615 30.85 9.57 -12.04
N ASN A 616 30.11 9.00 -13.03
CA ASN A 616 28.77 8.42 -12.79
C ASN A 616 28.92 7.20 -11.86
N MET A 617 28.01 7.03 -10.89
CA MET A 617 28.09 6.01 -9.81
C MET A 617 29.37 6.22 -8.99
N GLY A 618 29.86 7.46 -8.91
CA GLY A 618 31.02 7.86 -8.11
C GLY A 618 30.70 8.07 -6.64
N GLY A 619 29.42 8.09 -6.29
CA GLY A 619 28.90 8.34 -4.93
C GLY A 619 28.33 9.73 -4.79
N LYS A 620 28.01 10.40 -5.92
CA LYS A 620 27.48 11.80 -5.92
C LYS A 620 26.13 11.80 -5.22
N SER A 621 25.25 10.85 -5.56
CA SER A 621 23.83 10.79 -5.11
C SER A 621 23.76 10.26 -3.68
N THR A 622 24.62 9.34 -3.28
CA THR A 622 24.67 8.78 -1.90
C THR A 622 25.17 9.86 -0.94
N TYR A 623 26.20 10.60 -1.31
CA TYR A 623 26.76 11.75 -0.54
C TYR A 623 25.68 12.83 -0.37
N MET A 624 24.82 12.99 -1.38
CA MET A 624 23.73 14.00 -1.39
C MET A 624 22.60 13.59 -0.44
N ARG A 625 22.24 12.33 -0.46
CA ARG A 625 21.11 11.75 0.38
C ARG A 625 21.66 11.52 1.79
N GLN A 626 22.91 11.04 1.90
CA GLN A 626 23.57 10.70 3.19
C GLN A 626 23.44 11.90 4.14
N THR A 627 23.57 13.13 3.60
CA THR A 627 23.41 14.39 4.37
C THR A 627 22.02 14.43 5.03
N ALA A 628 20.97 14.14 4.27
CA ALA A 628 19.55 14.22 4.70
C ALA A 628 19.22 13.09 5.68
N LEU A 629 19.60 11.84 5.38
CA LEU A 629 19.27 10.68 6.24
C LEU A 629 19.96 10.80 7.59
N ILE A 630 21.18 11.34 7.62
CA ILE A 630 21.92 11.69 8.89
C ILE A 630 21.15 12.81 9.61
N ALA A 631 20.66 13.79 8.85
CA ALA A 631 19.92 14.97 9.37
C ALA A 631 18.58 14.52 9.94
N LEU A 632 17.85 13.64 9.22
CA LEU A 632 16.52 13.10 9.66
C LEU A 632 16.71 12.33 10.96
N MET A 633 17.60 11.32 10.96
CA MET A 633 17.90 10.44 12.12
C MET A 633 18.28 11.29 13.32
N ALA A 634 19.03 12.39 13.13
CA ALA A 634 19.40 13.36 14.20
C ALA A 634 18.13 14.02 14.81
N TYR A 635 17.11 14.28 14.03
CA TYR A 635 15.88 15.02 14.42
C TYR A 635 14.78 14.04 14.80
N ILE A 636 14.98 12.71 14.71
CA ILE A 636 14.02 11.70 15.29
C ILE A 636 14.66 11.28 16.64
N GLY A 637 15.72 11.97 17.10
CA GLY A 637 16.32 11.81 18.44
C GLY A 637 17.11 10.50 18.55
N SER A 638 17.41 9.90 17.37
CA SER A 638 18.16 8.63 17.26
C SER A 638 19.66 8.92 17.10
N TYR A 639 20.52 7.93 17.30
CA TYR A 639 21.99 8.09 17.11
C TYR A 639 22.25 8.01 15.59
N VAL A 640 23.02 8.95 15.04
CA VAL A 640 23.30 9.05 13.56
C VAL A 640 24.39 8.06 13.16
N PRO A 641 24.53 7.65 11.87
CA PRO A 641 25.64 6.81 11.44
C PRO A 641 26.83 7.76 11.20
N ALA A 642 27.72 7.92 12.18
CA ALA A 642 28.86 8.86 12.07
C ALA A 642 29.83 8.73 13.26
N GLN A 643 30.91 9.53 13.30
CA GLN A 643 31.85 9.67 14.45
C GLN A 643 31.53 10.96 15.21
N LYS A 644 31.18 12.03 14.53
CA LYS A 644 30.72 13.31 15.12
C LYS A 644 29.81 14.04 14.13
N VAL A 645 28.68 14.58 14.62
CA VAL A 645 27.71 15.38 13.80
C VAL A 645 27.28 16.61 14.62
N GLU A 646 27.29 17.77 13.95
CA GLU A 646 26.88 19.09 14.50
C GLU A 646 25.81 19.67 13.57
N ILE A 647 24.58 19.13 13.62
CA ILE A 647 23.47 19.49 12.70
C ILE A 647 22.84 20.80 13.18
N GLY A 648 22.94 21.87 12.39
CA GLY A 648 22.31 23.18 12.65
C GLY A 648 20.83 23.10 12.32
N PRO A 649 20.03 24.19 12.55
CA PRO A 649 18.60 24.14 12.31
C PRO A 649 18.27 23.94 10.81
N ILE A 650 17.27 23.07 10.55
CA ILE A 650 16.70 22.79 9.21
C ILE A 650 15.17 22.84 9.33
N ASP A 651 14.51 23.63 8.47
CA ASP A 651 13.04 23.77 8.42
C ASP A 651 12.48 22.90 7.28
N ARG A 652 13.29 22.61 6.24
CA ARG A 652 12.81 21.89 5.02
C ARG A 652 13.91 21.09 4.29
N ILE A 653 13.80 19.76 4.14
CA ILE A 653 14.73 18.96 3.26
C ILE A 653 14.05 18.82 1.90
N PHE A 654 14.46 19.59 0.89
CA PHE A 654 13.94 19.43 -0.48
C PHE A 654 14.85 18.41 -1.17
N THR A 655 14.31 17.52 -2.00
CA THR A 655 15.11 16.54 -2.81
C THR A 655 14.50 16.52 -4.21
N ARG A 656 15.34 16.60 -5.26
CA ARG A 656 14.91 16.65 -6.68
C ARG A 656 15.84 15.77 -7.52
N VAL A 657 15.93 14.45 -7.24
CA VAL A 657 16.91 13.56 -7.92
C VAL A 657 16.13 12.62 -8.84
N GLY A 658 16.05 12.90 -10.15
CA GLY A 658 15.31 12.08 -11.13
C GLY A 658 13.88 12.56 -11.28
N ALA A 659 13.22 12.26 -12.41
CA ALA A 659 11.81 12.63 -12.65
C ALA A 659 11.13 11.60 -13.55
N ALA A 660 9.82 11.40 -13.42
CA ALA A 660 9.00 10.52 -14.29
C ALA A 660 7.73 11.29 -14.60
N ASP A 661 7.18 11.18 -15.81
CA ASP A 661 6.01 12.01 -16.24
C ASP A 661 4.71 11.22 -16.26
N ASP A 662 3.56 11.83 -15.94
CA ASP A 662 2.25 11.16 -16.03
C ASP A 662 1.92 10.95 -17.52
N LEU A 663 2.50 11.75 -18.42
CA LEU A 663 2.22 11.70 -19.88
C LEU A 663 0.72 11.90 -20.07
N ALA A 664 0.14 12.82 -19.30
CA ALA A 664 -1.29 13.13 -19.39
C ALA A 664 -1.57 14.28 -18.42
N SER A 665 -2.66 15.01 -18.61
CA SER A 665 -3.07 16.08 -17.67
C SER A 665 -1.95 17.12 -17.62
N GLY A 666 -1.41 17.51 -18.79
CA GLY A 666 -0.34 18.52 -18.88
C GLY A 666 0.93 18.17 -18.12
N ARG A 667 1.44 16.94 -18.22
CA ARG A 667 2.71 16.52 -17.57
C ARG A 667 3.73 15.98 -18.58
N SER A 668 4.97 16.48 -18.56
CA SER A 668 6.07 16.04 -19.45
C SER A 668 7.24 15.81 -18.50
N THR A 669 8.28 15.07 -18.91
CA THR A 669 9.47 14.91 -18.03
C THR A 669 9.94 16.31 -17.58
N PHE A 670 10.06 17.25 -18.52
CA PHE A 670 10.50 18.63 -18.20
C PHE A 670 9.52 19.37 -17.31
N MET A 671 8.22 19.28 -17.63
CA MET A 671 7.22 20.08 -16.88
C MET A 671 7.37 19.83 -15.39
N VAL A 672 7.39 18.57 -14.97
CA VAL A 672 7.44 18.25 -13.51
C VAL A 672 8.76 18.69 -12.87
N GLU A 673 9.90 18.56 -13.58
CA GLU A 673 11.20 18.99 -13.03
C GLU A 673 11.18 20.49 -12.76
N MET A 674 10.72 21.26 -13.73
CA MET A 674 10.70 22.73 -13.57
C MET A 674 9.70 23.12 -12.47
N THR A 675 8.54 22.46 -12.42
CA THR A 675 7.51 22.79 -11.40
C THR A 675 8.03 22.53 -9.99
N GLU A 676 8.81 21.46 -9.81
CA GLU A 676 9.35 21.07 -8.48
C GLU A 676 10.58 21.90 -8.16
N THR A 677 11.38 22.34 -9.15
CA THR A 677 12.47 23.31 -8.88
C THR A 677 11.81 24.64 -8.52
N ALA A 678 10.67 24.93 -9.14
CA ALA A 678 9.92 26.16 -8.82
C ALA A 678 9.50 26.14 -7.34
N ASN A 679 8.99 25.00 -6.87
CA ASN A 679 8.64 24.77 -5.43
C ASN A 679 9.84 25.14 -4.57
N ILE A 680 11.01 24.62 -4.91
CA ILE A 680 12.30 24.89 -4.18
C ILE A 680 12.61 26.39 -4.24
N LEU A 681 12.64 26.99 -5.43
CA LEU A 681 13.08 28.39 -5.65
C LEU A 681 12.19 29.42 -4.98
N HIS A 682 10.92 29.09 -4.70
CA HIS A 682 9.97 29.99 -3.97
C HIS A 682 9.90 29.69 -2.47
N ASN A 683 9.65 28.43 -2.06
CA ASN A 683 9.43 28.05 -0.63
C ASN A 683 10.75 28.00 0.14
N ALA A 684 11.91 27.83 -0.51
CA ALA A 684 13.17 27.61 0.22
C ALA A 684 13.52 28.88 1.04
N THR A 685 14.20 28.66 2.15
CA THR A 685 14.73 29.69 3.09
C THR A 685 16.22 29.47 3.34
N GLU A 686 16.88 30.39 4.05
CA GLU A 686 18.32 30.29 4.39
C GLU A 686 18.52 29.07 5.33
N TYR A 687 17.52 28.73 6.10
CA TYR A 687 17.52 27.55 7.04
C TYR A 687 17.38 26.21 6.28
N SER A 688 16.64 26.21 5.18
CA SER A 688 16.27 24.98 4.40
C SER A 688 17.52 24.33 3.78
N LEU A 689 17.59 23.00 3.83
CA LEU A 689 18.58 22.18 3.08
C LEU A 689 17.90 21.84 1.76
N VAL A 690 18.52 22.22 0.65
CA VAL A 690 18.16 21.87 -0.77
C VAL A 690 19.18 20.85 -1.30
N LEU A 691 18.70 19.77 -1.89
CA LEU A 691 19.44 18.70 -2.60
C LEU A 691 18.92 18.57 -4.04
N MET A 692 19.78 18.84 -5.03
CA MET A 692 19.49 18.86 -6.48
C MET A 692 20.47 17.93 -7.21
N ASP A 693 19.97 17.09 -8.14
CA ASP A 693 20.77 16.31 -9.11
C ASP A 693 20.45 16.74 -10.56
N GLU A 694 21.32 17.50 -11.20
CA GLU A 694 21.38 17.75 -12.66
C GLU A 694 20.01 18.23 -13.16
N ILE A 695 19.49 19.30 -12.55
CA ILE A 695 18.26 19.99 -13.05
C ILE A 695 18.57 20.55 -14.43
N GLY A 696 17.67 20.32 -15.41
CA GLY A 696 17.93 20.61 -16.84
C GLY A 696 18.25 19.33 -17.62
N ARG A 697 17.86 18.17 -17.09
CA ARG A 697 17.94 16.86 -17.74
C ARG A 697 16.84 16.71 -18.80
N GLY A 698 15.65 17.30 -18.56
CA GLY A 698 14.44 17.03 -19.36
C GLY A 698 14.24 18.08 -20.45
N THR A 699 15.31 18.71 -20.91
CA THR A 699 15.29 19.80 -21.90
C THR A 699 16.57 19.80 -22.69
N SER A 700 16.64 20.57 -23.78
CA SER A 700 17.79 20.64 -24.73
C SER A 700 19.03 21.16 -23.98
N THR A 701 20.22 20.79 -24.47
CA THR A 701 21.53 21.04 -23.81
C THR A 701 21.64 22.47 -23.27
N TYR A 702 21.55 23.47 -24.15
CA TYR A 702 21.88 24.90 -23.86
C TYR A 702 20.83 25.43 -22.89
N ASP A 703 19.58 24.97 -23.03
CA ASP A 703 18.44 25.45 -22.21
C ASP A 703 18.59 24.95 -20.76
N GLY A 704 19.04 23.72 -20.59
CA GLY A 704 19.26 23.06 -19.27
C GLY A 704 20.39 23.74 -18.50
N LEU A 705 21.52 23.99 -19.17
CA LEU A 705 22.69 24.67 -18.51
C LEU A 705 22.28 26.05 -17.99
N SER A 706 21.62 26.85 -18.85
CA SER A 706 21.17 28.23 -18.58
C SER A 706 20.28 28.26 -17.33
N LEU A 707 19.26 27.37 -17.28
CA LEU A 707 18.30 27.27 -16.15
C LEU A 707 19.00 26.85 -14.87
N ALA A 708 19.95 25.93 -14.96
CA ALA A 708 20.76 25.41 -13.83
C ALA A 708 21.62 26.54 -13.24
N TRP A 709 22.26 27.37 -14.08
CA TRP A 709 23.15 28.48 -13.61
C TRP A 709 22.30 29.53 -12.89
N ALA A 710 21.10 29.85 -13.39
CA ALA A 710 20.17 30.84 -12.78
C ALA A 710 19.58 30.28 -11.49
N CYS A 711 19.23 28.99 -11.46
CA CYS A 711 18.63 28.27 -10.30
C CYS A 711 19.60 28.26 -9.13
N ALA A 712 20.86 27.89 -9.37
CA ALA A 712 21.94 27.83 -8.34
C ALA A 712 22.25 29.23 -7.83
N GLU A 713 22.32 30.22 -8.73
CA GLU A 713 22.63 31.64 -8.39
C GLU A 713 21.57 32.15 -7.42
N ASN A 714 20.28 31.95 -7.74
CA ASN A 714 19.14 32.38 -6.90
C ASN A 714 19.21 31.66 -5.55
N LEU A 715 19.60 30.38 -5.56
CA LEU A 715 19.69 29.53 -4.33
C LEU A 715 20.80 30.00 -3.42
N ALA A 716 21.82 30.69 -3.96
CA ALA A 716 23.03 31.15 -3.24
C ALA A 716 22.95 32.65 -2.97
N ASN A 717 22.84 33.47 -4.01
CA ASN A 717 22.96 34.96 -3.95
C ASN A 717 21.76 35.53 -3.17
N LYS A 718 20.59 34.87 -3.20
CA LYS A 718 19.34 35.37 -2.59
C LYS A 718 18.85 34.41 -1.49
N ILE A 719 18.47 33.18 -1.85
CA ILE A 719 17.84 32.18 -0.92
C ILE A 719 18.82 31.85 0.22
N LYS A 720 20.11 31.72 -0.09
CA LYS A 720 21.21 31.44 0.87
C LYS A 720 20.97 30.11 1.60
N ALA A 721 20.41 29.11 0.91
CA ALA A 721 20.08 27.75 1.42
C ALA A 721 21.34 26.88 1.42
N LEU A 722 21.51 26.05 2.47
CA LEU A 722 22.57 25.00 2.52
C LEU A 722 22.27 23.99 1.42
N THR A 723 22.98 24.06 0.30
CA THR A 723 22.68 23.33 -0.96
C THR A 723 23.87 22.44 -1.31
N LEU A 724 23.54 21.29 -1.95
CA LEU A 724 24.49 20.30 -2.53
C LEU A 724 23.96 20.15 -3.98
N PHE A 725 24.58 20.71 -5.03
CA PHE A 725 24.10 20.79 -6.43
C PHE A 725 24.97 19.84 -7.26
N ALA A 726 24.61 18.56 -7.30
CA ALA A 726 25.18 17.49 -8.11
C ALA A 726 24.81 17.73 -9.57
N THR A 727 25.81 17.75 -10.45
CA THR A 727 25.67 18.08 -11.90
C THR A 727 26.79 17.37 -12.67
N HIS A 728 26.45 16.73 -13.79
CA HIS A 728 27.42 16.22 -14.80
C HIS A 728 27.76 17.34 -15.76
N TYR A 729 27.02 18.45 -15.79
CA TYR A 729 27.45 19.72 -16.45
C TYR A 729 28.64 20.31 -15.68
N PHE A 730 29.81 20.41 -16.29
CA PHE A 730 31.08 20.90 -15.70
C PHE A 730 31.29 22.39 -15.98
N GLU A 731 30.34 23.06 -16.67
CA GLU A 731 30.34 24.51 -16.91
C GLU A 731 29.96 25.24 -15.61
N LEU A 732 29.08 24.58 -14.80
CA LEU A 732 28.60 25.19 -13.52
C LEU A 732 29.66 25.07 -12.44
N THR A 733 30.78 24.37 -12.68
CA THR A 733 31.96 24.28 -11.77
C THR A 733 32.65 25.65 -11.61
N GLN A 734 32.35 26.59 -12.51
CA GLN A 734 32.93 27.96 -12.52
C GLN A 734 32.14 28.88 -11.58
N LEU A 735 30.97 28.45 -11.08
CA LEU A 735 30.05 29.28 -10.28
C LEU A 735 30.75 29.75 -8.99
N PRO A 736 31.49 28.89 -8.27
CA PRO A 736 32.24 29.30 -7.08
C PRO A 736 33.11 30.56 -7.19
N GLU A 737 33.76 30.76 -8.33
CA GLU A 737 34.60 31.96 -8.60
C GLU A 737 33.70 33.19 -8.73
N LYS A 738 32.60 33.05 -9.49
CA LYS A 738 31.68 34.19 -9.81
C LYS A 738 31.02 34.74 -8.56
N MET A 739 30.48 33.87 -7.69
CA MET A 739 29.72 34.32 -6.50
C MET A 739 30.29 33.70 -5.23
N GLU A 740 30.32 34.44 -4.12
CA GLU A 740 30.90 33.99 -2.83
C GLU A 740 30.01 32.92 -2.20
N GLY A 741 30.60 31.94 -1.51
CA GLY A 741 29.89 30.94 -0.67
C GLY A 741 29.56 29.67 -1.43
N VAL A 742 30.08 29.56 -2.66
CA VAL A 742 30.01 28.37 -3.55
C VAL A 742 31.42 27.77 -3.67
N ALA A 743 31.56 26.46 -3.47
CA ALA A 743 32.82 25.71 -3.60
C ALA A 743 32.63 24.41 -4.38
N ASN A 744 33.67 23.96 -5.08
CA ASN A 744 33.68 22.66 -5.84
C ASN A 744 34.01 21.50 -4.90
N VAL A 745 33.43 20.35 -5.13
CA VAL A 745 33.71 19.06 -4.41
C VAL A 745 33.72 17.95 -5.47
N HIS A 746 34.55 16.90 -5.28
CA HIS A 746 34.72 15.85 -6.31
C HIS A 746 34.80 14.41 -5.81
N LEU A 747 33.66 13.71 -5.68
CA LEU A 747 33.66 12.23 -5.54
C LEU A 747 34.35 11.66 -6.80
N ASP A 748 35.52 11.05 -6.64
CA ASP A 748 36.42 10.71 -7.78
C ASP A 748 36.46 9.19 -7.97
N ALA A 749 37.00 8.76 -9.11
CA ALA A 749 37.28 7.35 -9.48
C ALA A 749 38.54 7.31 -10.35
N LEU A 750 39.23 6.17 -10.38
CA LEU A 750 40.47 5.92 -11.15
C LEU A 750 40.21 4.77 -12.15
N GLU A 751 40.56 5.02 -13.41
CA GLU A 751 40.50 4.01 -14.51
C GLU A 751 41.87 3.35 -14.62
N HIS A 752 42.09 2.25 -13.82
CA HIS A 752 43.30 1.37 -14.03
C HIS A 752 42.86 0.19 -14.90
N GLY A 753 43.32 0.20 -16.16
CA GLY A 753 42.90 -0.71 -17.24
C GLY A 753 41.59 -0.24 -17.86
N ASP A 754 40.82 -1.21 -18.37
CA ASP A 754 39.48 -0.99 -19.01
C ASP A 754 38.44 -0.71 -17.91
N THR A 755 38.57 -1.40 -16.77
CA THR A 755 37.70 -1.30 -15.57
C THR A 755 38.06 -0.03 -14.77
N ILE A 756 37.05 0.57 -14.10
CA ILE A 756 37.18 1.81 -13.28
C ILE A 756 36.82 1.45 -11.83
N ALA A 757 37.72 1.84 -10.90
CA ALA A 757 37.59 1.80 -9.43
C ALA A 757 37.07 3.14 -8.92
N PHE A 758 35.94 3.14 -8.22
CA PHE A 758 35.35 4.35 -7.56
C PHE A 758 35.82 4.45 -6.11
N MET A 759 36.38 5.61 -5.75
CA MET A 759 37.11 5.83 -4.46
C MET A 759 36.08 6.07 -3.36
N HIS A 760 34.94 6.71 -3.69
CA HIS A 760 33.77 6.95 -2.81
C HIS A 760 34.20 7.86 -1.62
N SER A 761 35.06 8.84 -1.90
CA SER A 761 35.65 9.76 -0.92
C SER A 761 35.46 11.20 -1.39
N VAL A 762 34.78 12.03 -0.57
CA VAL A 762 34.48 13.46 -0.86
C VAL A 762 35.78 14.27 -0.66
N GLN A 763 36.38 14.72 -1.75
CA GLN A 763 37.63 15.53 -1.76
C GLN A 763 37.36 16.88 -2.43
N ASP A 764 38.01 17.94 -1.95
CA ASP A 764 37.84 19.33 -2.49
C ASP A 764 38.56 19.44 -3.84
N GLY A 765 37.97 20.18 -4.76
CA GLY A 765 38.29 20.31 -6.19
C GLY A 765 37.05 20.02 -7.03
N ALA A 766 37.20 20.06 -8.36
CA ALA A 766 36.12 19.78 -9.34
C ALA A 766 36.64 18.73 -10.34
N ALA A 767 36.04 17.54 -10.37
CA ALA A 767 36.30 16.48 -11.35
C ALA A 767 35.80 16.98 -12.72
N SER A 768 36.63 16.81 -13.77
CA SER A 768 36.43 17.37 -15.12
C SER A 768 35.81 16.32 -16.06
N LYS A 769 35.75 15.04 -15.63
CA LYS A 769 35.35 13.93 -16.53
C LYS A 769 34.30 13.04 -15.85
N SER A 770 33.23 12.73 -16.59
CA SER A 770 32.16 11.78 -16.20
C SER A 770 32.50 10.48 -16.91
N TYR A 771 32.70 9.37 -16.19
CA TYR A 771 33.13 8.05 -16.75
C TYR A 771 31.85 7.27 -17.06
N GLY A 772 31.02 7.76 -17.99
CA GLY A 772 29.72 7.18 -18.40
C GLY A 772 29.85 5.91 -19.21
N LEU A 773 30.63 5.96 -20.29
CA LEU A 773 30.81 4.84 -21.26
C LEU A 773 31.45 3.65 -20.52
N ALA A 774 32.25 3.91 -19.47
CA ALA A 774 32.89 2.89 -18.62
C ALA A 774 31.88 2.30 -17.63
N VAL A 775 31.00 3.13 -17.04
CA VAL A 775 29.98 2.72 -16.05
C VAL A 775 28.80 2.04 -16.76
N ALA A 776 28.69 2.21 -18.09
CA ALA A 776 27.67 1.54 -18.94
C ALA A 776 28.13 0.12 -19.29
N ALA A 777 29.44 -0.08 -19.50
CA ALA A 777 30.06 -1.40 -19.77
C ALA A 777 29.88 -2.32 -18.55
N LEU A 778 29.97 -1.76 -17.35
CA LEU A 778 29.76 -2.48 -16.06
C LEU A 778 28.27 -2.70 -15.83
N ALA A 779 27.41 -1.88 -16.43
CA ALA A 779 25.93 -1.99 -16.37
C ALA A 779 25.46 -3.15 -17.26
N GLY A 780 26.14 -3.39 -18.39
CA GLY A 780 25.91 -4.57 -19.26
C GLY A 780 25.55 -4.21 -20.70
N VAL A 781 25.63 -2.93 -21.07
CA VAL A 781 25.45 -2.45 -22.49
C VAL A 781 26.42 -3.22 -23.37
N PRO A 782 25.99 -3.74 -24.54
CA PRO A 782 26.88 -4.50 -25.42
C PRO A 782 28.15 -3.72 -25.82
N LYS A 783 29.27 -4.43 -25.97
CA LYS A 783 30.60 -3.85 -26.30
C LYS A 783 30.55 -3.16 -27.67
N GLU A 784 29.76 -3.72 -28.60
CA GLU A 784 29.53 -3.17 -29.97
C GLU A 784 28.98 -1.74 -29.85
N VAL A 785 28.02 -1.54 -28.95
CA VAL A 785 27.33 -0.23 -28.69
C VAL A 785 28.34 0.73 -28.05
N ILE A 786 29.09 0.25 -27.05
CA ILE A 786 30.12 1.04 -26.29
C ILE A 786 31.21 1.48 -27.27
N LYS A 787 31.66 0.59 -28.17
CA LYS A 787 32.78 0.83 -29.11
C LYS A 787 32.43 2.01 -30.02
N ARG A 788 31.23 1.98 -30.63
CA ARG A 788 30.74 3.03 -31.56
C ARG A 788 30.53 4.34 -30.79
N ALA A 789 30.04 4.26 -29.54
CA ALA A 789 29.78 5.42 -28.65
C ALA A 789 31.10 6.13 -28.31
N ARG A 790 32.17 5.35 -28.06
CA ARG A 790 33.52 5.89 -27.77
C ARG A 790 34.08 6.52 -29.04
N GLN A 791 33.92 5.84 -30.19
CA GLN A 791 34.30 6.37 -31.53
C GLN A 791 33.57 7.69 -31.78
N LYS A 792 32.29 7.77 -31.40
CA LYS A 792 31.46 8.99 -31.60
C LYS A 792 31.91 10.09 -30.64
N LEU A 793 32.24 9.72 -29.38
CA LEU A 793 32.69 10.69 -28.35
C LEU A 793 34.00 11.35 -28.80
N ARG A 794 34.92 10.57 -29.40
CA ARG A 794 36.18 11.09 -30.02
C ARG A 794 35.82 12.20 -31.00
N GLU A 795 34.84 11.93 -31.88
CA GLU A 795 34.38 12.86 -32.95
C GLU A 795 33.70 14.07 -32.33
N LEU A 796 32.82 13.85 -31.35
CA LEU A 796 32.00 14.92 -30.69
C LEU A 796 32.93 15.89 -29.95
N GLU A 797 33.92 15.36 -29.22
CA GLU A 797 34.92 16.16 -28.45
C GLU A 797 35.80 16.97 -29.40
N SER A 798 36.19 16.37 -30.53
CA SER A 798 37.02 17.02 -31.59
C SER A 798 36.18 18.03 -32.40
N ASP B 130 24.74 -30.61 -34.18
CA ASP B 130 26.04 -30.65 -34.94
C ASP B 130 27.08 -29.72 -34.29
N ASN B 131 26.65 -28.57 -33.78
CA ASN B 131 27.51 -27.58 -33.06
C ASN B 131 26.83 -27.02 -31.81
N LEU B 132 25.75 -27.65 -31.33
CA LEU B 132 24.92 -27.13 -30.20
C LEU B 132 25.34 -27.88 -28.94
N LEU B 133 26.50 -27.55 -28.38
CA LEU B 133 26.96 -28.08 -27.06
C LEU B 133 26.02 -27.52 -25.99
N ALA B 134 25.35 -28.40 -25.23
CA ALA B 134 24.23 -28.06 -24.31
C ALA B 134 24.47 -28.69 -22.93
N ALA B 135 23.81 -28.15 -21.90
CA ALA B 135 23.89 -28.60 -20.49
C ALA B 135 22.47 -28.78 -19.93
N ILE B 136 22.31 -29.77 -19.03
CA ILE B 136 21.03 -30.02 -18.32
C ILE B 136 21.36 -30.18 -16.82
N TRP B 137 20.53 -29.67 -15.92
CA TRP B 137 20.64 -29.79 -14.44
C TRP B 137 19.24 -29.72 -13.82
N GLN B 138 19.01 -30.42 -12.70
CA GLN B 138 17.67 -30.55 -12.04
C GLN B 138 17.74 -30.06 -10.59
N ASP B 139 16.67 -29.38 -10.15
CA ASP B 139 16.37 -29.06 -8.72
C ASP B 139 14.95 -29.58 -8.42
N SER B 140 14.54 -29.63 -7.14
CA SER B 140 13.24 -30.16 -6.68
C SER B 140 12.07 -29.45 -7.37
N LYS B 141 12.14 -28.12 -7.50
CA LYS B 141 11.05 -27.26 -8.05
C LYS B 141 10.99 -27.40 -9.59
N GLY B 142 12.13 -27.40 -10.28
CA GLY B 142 12.17 -27.37 -11.76
C GLY B 142 13.53 -27.71 -12.34
N PHE B 143 13.60 -27.97 -13.64
CA PHE B 143 14.83 -28.39 -14.36
C PHE B 143 15.39 -27.21 -15.17
N GLY B 144 16.69 -27.24 -15.47
CA GLY B 144 17.46 -26.16 -16.13
C GLY B 144 18.19 -26.67 -17.36
N TYR B 145 17.99 -26.02 -18.51
CA TYR B 145 18.62 -26.35 -19.82
C TYR B 145 19.43 -25.15 -20.32
N ALA B 146 20.59 -25.43 -20.91
CA ALA B 146 21.49 -24.43 -21.53
C ALA B 146 22.00 -24.95 -22.87
N THR B 147 22.18 -24.05 -23.86
CA THR B 147 22.68 -24.35 -25.22
C THR B 147 23.68 -23.27 -25.65
N LEU B 148 24.89 -23.71 -26.05
CA LEU B 148 25.97 -22.85 -26.59
C LEU B 148 26.24 -23.27 -28.05
N ASP B 149 26.00 -22.36 -28.99
CA ASP B 149 26.49 -22.47 -30.40
C ASP B 149 27.91 -21.91 -30.46
N ILE B 150 28.91 -22.80 -30.59
CA ILE B 150 30.36 -22.44 -30.68
C ILE B 150 30.59 -21.65 -31.97
N SER B 151 30.00 -22.10 -33.09
CA SER B 151 30.15 -21.50 -34.44
C SER B 151 29.56 -20.07 -34.45
N SER B 152 28.29 -19.96 -34.04
CA SER B 152 27.49 -18.71 -34.09
C SER B 152 27.92 -17.77 -32.96
N GLY B 153 28.19 -18.31 -31.76
CA GLY B 153 28.43 -17.53 -30.53
C GLY B 153 27.13 -17.17 -29.83
N ARG B 154 25.98 -17.59 -30.39
CA ARG B 154 24.65 -17.56 -29.73
C ARG B 154 24.73 -18.45 -28.47
N PHE B 155 24.56 -17.84 -27.30
CA PHE B 155 24.50 -18.51 -25.97
C PHE B 155 23.07 -18.31 -25.43
N ARG B 156 22.37 -19.41 -25.15
CA ARG B 156 20.91 -19.41 -24.84
C ARG B 156 20.64 -20.24 -23.60
N LEU B 157 19.52 -19.94 -22.94
CA LEU B 157 19.15 -20.40 -21.57
C LEU B 157 17.65 -20.70 -21.53
N SER B 158 17.26 -21.87 -20.99
CA SER B 158 15.86 -22.29 -20.78
C SER B 158 15.66 -22.99 -19.42
N GLU B 159 14.45 -22.87 -18.84
CA GLU B 159 14.13 -23.45 -17.50
C GLU B 159 12.84 -24.29 -17.63
N PRO B 160 12.81 -25.44 -18.34
CA PRO B 160 11.55 -26.18 -18.58
C PRO B 160 11.27 -27.16 -17.43
N ALA B 161 10.29 -26.84 -16.58
CA ALA B 161 9.91 -27.68 -15.41
C ALA B 161 9.33 -29.03 -15.85
N ASP B 162 8.43 -29.06 -16.85
CA ASP B 162 7.72 -30.31 -17.24
C ASP B 162 8.61 -31.13 -18.19
N ARG B 163 8.36 -32.44 -18.34
CA ARG B 163 9.24 -33.37 -19.10
C ARG B 163 9.02 -33.21 -20.60
N GLU B 164 7.77 -32.93 -21.03
CA GLU B 164 7.35 -32.84 -22.44
C GLU B 164 8.15 -31.74 -23.16
N THR B 165 8.25 -30.56 -22.55
CA THR B 165 9.02 -29.39 -23.03
C THR B 165 10.51 -29.75 -23.10
N MET B 166 11.02 -30.42 -22.07
CA MET B 166 12.44 -30.89 -21.98
C MET B 166 12.74 -31.79 -23.19
N ALA B 167 11.92 -32.82 -23.41
CA ALA B 167 12.03 -33.77 -24.54
C ALA B 167 11.94 -33.02 -25.87
N ALA B 168 10.97 -32.11 -26.00
CA ALA B 168 10.70 -31.28 -27.20
C ALA B 168 11.91 -30.39 -27.50
N GLU B 169 12.43 -29.69 -26.49
CA GLU B 169 13.57 -28.73 -26.62
C GLU B 169 14.85 -29.48 -26.98
N LEU B 170 15.09 -30.63 -26.33
CA LEU B 170 16.24 -31.53 -26.65
C LEU B 170 16.16 -32.02 -28.10
N GLN B 171 14.94 -32.35 -28.56
CA GLN B 171 14.66 -32.80 -29.95
C GLN B 171 14.79 -31.62 -30.92
N ARG B 172 14.31 -30.42 -30.53
CA ARG B 172 14.38 -29.18 -31.34
C ARG B 172 15.85 -28.79 -31.59
N THR B 173 16.66 -28.79 -30.52
CA THR B 173 18.10 -28.40 -30.54
C THR B 173 18.92 -29.45 -31.31
N ASN B 174 18.69 -30.73 -31.01
CA ASN B 174 19.49 -31.88 -31.52
C ASN B 174 20.95 -31.67 -31.09
N PRO B 175 21.27 -31.66 -29.78
CA PRO B 175 22.61 -31.32 -29.31
C PRO B 175 23.70 -32.24 -29.90
N ALA B 176 24.77 -31.63 -30.41
CA ALA B 176 25.99 -32.31 -30.89
C ALA B 176 26.62 -33.11 -29.74
N GLU B 177 26.61 -32.51 -28.52
CA GLU B 177 27.07 -33.09 -27.24
C GLU B 177 26.19 -32.54 -26.10
N LEU B 178 25.77 -33.40 -25.18
CA LEU B 178 24.95 -33.01 -24.01
C LEU B 178 25.69 -33.35 -22.71
N LEU B 179 25.75 -32.41 -21.77
CA LEU B 179 26.35 -32.60 -20.42
C LEU B 179 25.16 -32.95 -19.52
N TYR B 180 25.28 -33.88 -18.55
CA TYR B 180 24.15 -34.35 -17.71
C TYR B 180 24.60 -34.49 -16.25
N ALA B 181 23.97 -33.81 -15.28
CA ALA B 181 24.40 -33.81 -13.86
C ALA B 181 24.52 -35.26 -13.33
N GLU B 182 25.51 -35.57 -12.46
CA GLU B 182 25.64 -36.93 -11.85
C GLU B 182 24.38 -37.30 -11.05
N ASP B 183 23.75 -36.33 -10.39
CA ASP B 183 22.64 -36.57 -9.41
C ASP B 183 21.27 -36.35 -10.06
N PHE B 184 21.17 -36.48 -11.39
CA PHE B 184 19.89 -36.29 -12.14
C PHE B 184 19.01 -37.54 -11.96
N ALA B 185 17.77 -37.36 -11.51
CA ALA B 185 16.81 -38.45 -11.17
C ALA B 185 16.20 -39.05 -12.43
N GLU B 186 15.52 -38.22 -13.24
CA GLU B 186 14.80 -38.65 -14.47
C GLU B 186 15.82 -38.92 -15.59
N MET B 187 16.53 -40.05 -15.49
CA MET B 187 17.59 -40.45 -16.46
C MET B 187 16.95 -40.75 -17.82
N SER B 188 15.69 -41.20 -17.85
CA SER B 188 14.93 -41.63 -19.07
C SER B 188 14.99 -40.56 -20.17
N LEU B 189 14.79 -39.28 -19.81
CA LEU B 189 14.78 -38.14 -20.75
C LEU B 189 16.17 -37.97 -21.37
N ILE B 190 17.21 -38.12 -20.55
CA ILE B 190 18.65 -37.81 -20.85
C ILE B 190 19.23 -38.98 -21.68
N GLU B 191 18.79 -40.20 -21.43
CA GLU B 191 19.48 -41.44 -21.93
C GLU B 191 19.37 -41.53 -23.45
N GLY B 192 18.23 -41.10 -24.01
CA GLY B 192 17.97 -41.06 -25.47
C GLY B 192 18.92 -40.15 -26.23
N ARG B 193 19.30 -39.01 -25.64
CA ARG B 193 20.17 -37.98 -26.28
C ARG B 193 21.59 -38.51 -26.53
N ARG B 194 22.21 -38.02 -27.60
CA ARG B 194 23.57 -38.38 -28.09
C ARG B 194 24.63 -37.52 -27.40
N GLY B 195 25.90 -37.94 -27.46
CA GLY B 195 27.05 -37.25 -26.86
C GLY B 195 26.87 -37.00 -25.36
N LEU B 196 26.41 -38.06 -24.67
CA LEU B 196 26.01 -37.95 -23.25
C LEU B 196 27.23 -37.96 -22.33
N ARG B 197 27.36 -36.97 -21.45
CA ARG B 197 28.52 -36.80 -20.53
C ARG B 197 28.01 -36.60 -19.10
N ARG B 198 28.33 -37.52 -18.19
CA ARG B 198 28.06 -37.38 -16.73
C ARG B 198 29.05 -36.36 -16.16
N ARG B 199 28.55 -35.22 -15.65
CA ARG B 199 29.39 -34.06 -15.23
C ARG B 199 29.28 -33.85 -13.71
N PRO B 200 30.34 -33.35 -13.04
CA PRO B 200 30.33 -33.15 -11.60
C PRO B 200 29.37 -32.05 -11.12
N LEU B 201 29.07 -32.02 -9.81
CA LEU B 201 28.09 -31.09 -9.18
C LEU B 201 28.70 -29.69 -9.02
N TRP B 202 30.02 -29.58 -8.84
CA TRP B 202 30.74 -28.29 -8.63
C TRP B 202 30.64 -27.40 -9.86
N GLU B 203 30.48 -27.99 -11.05
CA GLU B 203 30.30 -27.26 -12.34
C GLU B 203 28.89 -26.66 -12.41
N PHE B 204 27.94 -27.21 -11.62
CA PHE B 204 26.52 -26.78 -11.52
C PHE B 204 26.27 -26.05 -10.19
N GLU B 205 27.20 -25.20 -9.76
CA GLU B 205 27.06 -24.37 -8.53
C GLU B 205 26.35 -23.02 -8.71
N ILE B 206 25.36 -22.62 -7.91
CA ILE B 206 24.64 -21.34 -8.20
C ILE B 206 25.63 -20.16 -8.21
N ASP B 207 26.51 -20.03 -7.20
CA ASP B 207 27.46 -18.89 -7.05
C ASP B 207 28.58 -18.86 -8.09
N THR B 208 29.21 -20.00 -8.41
CA THR B 208 30.39 -20.11 -9.32
C THR B 208 29.94 -19.78 -10.74
N ALA B 209 28.68 -19.99 -11.09
CA ALA B 209 28.10 -19.77 -12.43
C ALA B 209 27.94 -18.27 -12.70
N ARG B 210 27.36 -17.55 -11.73
CA ARG B 210 27.02 -16.10 -11.86
C ARG B 210 28.30 -15.26 -11.99
N GLN B 211 29.36 -15.60 -11.26
CA GLN B 211 30.66 -14.88 -11.30
C GLN B 211 31.43 -15.27 -12.58
N GLN B 212 31.44 -16.55 -12.96
CA GLN B 212 32.16 -17.05 -14.16
C GLN B 212 31.61 -16.39 -15.43
N LEU B 213 30.28 -16.32 -15.57
CA LEU B 213 29.59 -15.67 -16.72
C LEU B 213 29.88 -14.16 -16.70
N ASN B 214 29.77 -13.52 -15.53
CA ASN B 214 30.00 -12.06 -15.34
C ASN B 214 31.46 -11.72 -15.70
N LEU B 215 32.42 -12.55 -15.29
CA LEU B 215 33.88 -12.38 -15.57
C LEU B 215 34.11 -12.40 -17.08
N GLN B 216 33.55 -13.39 -17.78
CA GLN B 216 33.67 -13.60 -19.25
C GLN B 216 33.11 -12.37 -19.98
N PHE B 217 31.91 -11.92 -19.58
CA PHE B 217 31.21 -10.74 -20.16
C PHE B 217 31.88 -9.43 -19.72
N GLY B 218 32.51 -9.43 -18.54
CA GLY B 218 33.20 -8.27 -17.95
C GLY B 218 32.25 -7.36 -17.20
N THR B 219 31.03 -7.82 -16.94
CA THR B 219 29.96 -7.08 -16.23
C THR B 219 30.04 -7.39 -14.73
N ARG B 220 29.21 -6.71 -13.93
CA ARG B 220 29.06 -6.94 -12.46
C ARG B 220 27.80 -7.75 -12.18
N ASP B 221 26.76 -7.59 -13.01
CA ASP B 221 25.46 -8.32 -12.87
C ASP B 221 24.97 -8.76 -14.25
N LEU B 222 24.08 -9.76 -14.28
CA LEU B 222 23.47 -10.32 -15.51
C LEU B 222 22.04 -9.80 -15.68
N VAL B 223 21.65 -8.76 -14.95
CA VAL B 223 20.28 -8.17 -14.96
C VAL B 223 20.03 -7.56 -16.35
N GLY B 224 21.09 -7.02 -16.97
CA GLY B 224 21.07 -6.47 -18.34
C GLY B 224 20.66 -7.50 -19.37
N PHE B 225 21.19 -8.72 -19.27
CA PHE B 225 20.91 -9.85 -20.19
C PHE B 225 19.53 -10.45 -19.86
N GLY B 226 19.01 -10.20 -18.66
CA GLY B 226 17.69 -10.64 -18.20
C GLY B 226 17.68 -12.10 -17.74
N VAL B 227 18.85 -12.65 -17.41
CA VAL B 227 19.04 -14.08 -17.01
C VAL B 227 19.38 -14.17 -15.51
N GLU B 228 19.74 -13.06 -14.87
CA GLU B 228 20.14 -12.99 -13.44
C GLU B 228 19.10 -13.73 -12.58
N ASN B 229 17.81 -13.52 -12.87
CA ASN B 229 16.65 -14.05 -12.10
C ASN B 229 16.51 -15.57 -12.29
N ALA B 230 17.01 -16.13 -13.40
CA ALA B 230 16.91 -17.56 -13.76
C ALA B 230 18.10 -18.33 -13.19
N PRO B 231 17.94 -19.06 -12.05
CA PRO B 231 19.07 -19.75 -11.42
C PRO B 231 19.49 -21.07 -12.08
N ARG B 232 18.52 -21.91 -12.46
CA ARG B 232 18.72 -23.30 -12.94
C ARG B 232 19.48 -23.25 -14.27
N GLY B 233 19.07 -22.36 -15.17
CA GLY B 233 19.74 -22.11 -16.47
C GLY B 233 21.16 -21.61 -16.28
N LEU B 234 21.34 -20.67 -15.34
CA LEU B 234 22.67 -20.06 -15.02
C LEU B 234 23.62 -21.17 -14.51
N CYS B 235 23.13 -22.06 -13.64
CA CYS B 235 23.85 -23.27 -13.17
C CYS B 235 24.38 -24.06 -14.38
N ALA B 236 23.50 -24.42 -15.31
CA ALA B 236 23.82 -25.14 -16.56
C ALA B 236 24.84 -24.35 -17.37
N ALA B 237 24.65 -23.03 -17.49
CA ALA B 237 25.49 -22.09 -18.26
C ALA B 237 26.92 -22.08 -17.69
N GLY B 238 27.06 -22.14 -16.37
CA GLY B 238 28.37 -22.20 -15.67
C GLY B 238 29.15 -23.45 -16.04
N CYS B 239 28.49 -24.61 -16.01
CA CYS B 239 29.05 -25.93 -16.43
C CYS B 239 29.38 -25.88 -17.93
N LEU B 240 28.49 -25.28 -18.74
CA LEU B 240 28.68 -25.18 -20.21
C LEU B 240 29.89 -24.28 -20.51
N LEU B 241 30.00 -23.15 -19.80
CA LEU B 241 31.12 -22.18 -19.97
C LEU B 241 32.43 -22.86 -19.58
N GLN B 242 32.42 -23.64 -18.51
CA GLN B 242 33.58 -24.46 -18.04
C GLN B 242 33.89 -25.53 -19.10
N TYR B 243 32.87 -26.13 -19.72
CA TYR B 243 33.03 -27.15 -20.78
C TYR B 243 33.42 -26.49 -22.11
N ALA B 244 33.05 -25.23 -22.31
CA ALA B 244 33.48 -24.40 -23.47
C ALA B 244 35.00 -24.23 -23.43
N LYS B 245 35.54 -23.94 -22.23
CA LYS B 245 37.01 -23.88 -21.96
C LYS B 245 37.62 -25.27 -22.21
N ASP B 246 36.96 -26.33 -21.74
CA ASP B 246 37.44 -27.74 -21.86
C ASP B 246 37.50 -28.15 -23.33
N THR B 247 36.47 -27.82 -24.12
CA THR B 247 36.37 -28.17 -25.58
C THR B 247 37.38 -27.35 -26.38
N GLN B 248 37.36 -26.02 -26.27
CA GLN B 248 38.15 -25.09 -27.12
C GLN B 248 39.34 -24.51 -26.35
N ARG B 249 39.05 -23.76 -25.27
CA ARG B 249 40.03 -22.91 -24.52
C ARG B 249 40.64 -21.86 -25.48
N THR B 250 39.93 -21.52 -26.55
CA THR B 250 40.33 -20.52 -27.58
C THR B 250 39.77 -19.15 -27.18
N THR B 251 40.03 -18.09 -27.97
CA THR B 251 39.44 -16.73 -27.80
C THR B 251 37.92 -16.86 -27.82
N LEU B 252 37.21 -16.20 -26.88
CA LEU B 252 35.74 -16.34 -26.70
C LEU B 252 35.04 -15.00 -26.85
N PRO B 253 35.31 -14.19 -27.91
CA PRO B 253 34.56 -12.95 -28.13
C PRO B 253 33.14 -13.22 -28.66
N HIS B 254 32.94 -14.40 -29.26
CA HIS B 254 31.60 -14.86 -29.74
C HIS B 254 30.62 -14.86 -28.56
N ILE B 255 31.08 -15.17 -27.34
CA ILE B 255 30.28 -15.19 -26.08
C ILE B 255 30.41 -13.82 -25.39
N ARG B 256 29.61 -12.83 -25.84
CA ARG B 256 29.45 -11.51 -25.16
C ARG B 256 28.14 -11.45 -24.36
N SER B 257 27.18 -12.35 -24.63
CA SER B 257 25.78 -12.26 -24.13
C SER B 257 25.21 -13.66 -23.84
N ILE B 258 24.11 -13.69 -23.07
CA ILE B 258 23.30 -14.90 -22.73
C ILE B 258 21.83 -14.50 -22.68
N THR B 259 21.04 -14.91 -23.68
CA THR B 259 19.58 -14.61 -23.80
C THR B 259 18.80 -15.72 -23.06
N MET B 260 17.55 -15.45 -22.68
CA MET B 260 16.58 -16.45 -22.17
C MET B 260 15.40 -16.50 -23.15
N GLU B 261 15.27 -17.61 -23.89
CA GLU B 261 14.21 -17.83 -24.91
C GLU B 261 12.92 -18.28 -24.22
N ARG B 262 11.86 -17.48 -24.30
CA ARG B 262 10.55 -17.70 -23.64
C ARG B 262 9.62 -18.41 -24.65
N GLU B 263 8.93 -19.47 -24.19
CA GLU B 263 8.09 -20.36 -25.03
C GLU B 263 6.60 -20.05 -24.76
N GLN B 264 6.25 -18.79 -24.53
CA GLN B 264 4.87 -18.37 -24.15
C GLN B 264 3.98 -18.30 -25.40
N ASP B 265 4.52 -17.86 -26.53
CA ASP B 265 3.74 -17.54 -27.76
C ASP B 265 2.69 -16.49 -27.37
N SER B 266 3.10 -15.55 -26.52
CA SER B 266 2.31 -14.37 -26.07
C SER B 266 3.26 -13.19 -26.09
N ILE B 267 2.78 -11.98 -26.33
CA ILE B 267 3.72 -10.82 -26.36
C ILE B 267 4.40 -10.79 -24.98
N ILE B 268 5.73 -10.86 -24.95
CA ILE B 268 6.44 -10.95 -23.64
C ILE B 268 6.73 -9.51 -23.24
N MET B 269 6.14 -9.03 -22.14
CA MET B 269 6.37 -7.64 -21.65
C MET B 269 7.03 -7.70 -20.27
N ASP B 270 8.27 -7.24 -20.17
CA ASP B 270 9.02 -7.15 -18.87
C ASP B 270 8.26 -6.18 -17.95
N ALA B 271 8.36 -6.38 -16.64
CA ALA B 271 7.58 -5.65 -15.60
C ALA B 271 7.80 -4.14 -15.73
N ALA B 272 8.99 -3.71 -16.17
CA ALA B 272 9.35 -2.29 -16.42
C ALA B 272 8.37 -1.68 -17.42
N THR B 273 8.12 -2.38 -18.53
CA THR B 273 7.17 -1.96 -19.61
C THR B 273 5.73 -1.93 -19.07
N ARG B 274 5.33 -2.94 -18.29
CA ARG B 274 3.95 -3.10 -17.78
C ARG B 274 3.57 -1.93 -16.85
N ARG B 275 4.56 -1.16 -16.37
CA ARG B 275 4.34 0.07 -15.56
C ARG B 275 4.68 1.34 -16.37
N ASN B 276 5.53 1.23 -17.39
CA ASN B 276 5.93 2.39 -18.24
C ASN B 276 4.80 2.76 -19.22
N LEU B 277 4.10 1.76 -19.78
CA LEU B 277 2.90 1.97 -20.64
C LEU B 277 1.66 2.21 -19.78
N GLU B 278 1.72 1.84 -18.49
CA GLU B 278 0.63 2.01 -17.50
C GLU B 278 -0.57 1.17 -17.93
N ILE B 279 -0.35 -0.13 -18.20
CA ILE B 279 -1.38 -1.07 -18.73
C ILE B 279 -2.45 -1.28 -17.66
N THR B 280 -2.05 -1.53 -16.42
CA THR B 280 -2.95 -1.76 -15.25
C THR B 280 -2.53 -0.93 -14.03
N GLN B 281 -1.25 -0.56 -13.91
CA GLN B 281 -0.66 0.18 -12.77
C GLN B 281 0.13 1.38 -13.30
N ASN B 282 -0.23 2.60 -12.89
CA ASN B 282 0.51 3.84 -13.28
C ASN B 282 1.78 3.94 -12.42
N LEU B 283 2.62 4.94 -12.71
CA LEU B 283 3.95 5.12 -12.07
C LEU B 283 3.78 5.46 -10.59
N ALA B 284 2.68 6.11 -10.23
CA ALA B 284 2.30 6.49 -8.84
C ALA B 284 1.78 5.24 -8.09
N GLY B 285 1.25 4.25 -8.81
CA GLY B 285 0.81 2.96 -8.27
C GLY B 285 -0.71 2.86 -8.11
N GLY B 286 -1.43 3.96 -8.34
CA GLY B 286 -2.91 3.99 -8.29
C GLY B 286 -3.52 3.26 -9.47
N ALA B 287 -4.70 2.66 -9.27
CA ALA B 287 -5.49 1.96 -10.31
C ALA B 287 -6.05 2.97 -11.33
N GLU B 288 -6.16 4.25 -10.94
CA GLU B 288 -6.69 5.34 -11.81
C GLU B 288 -5.63 5.78 -12.83
N ASN B 289 -6.09 6.30 -13.97
CA ASN B 289 -5.25 6.84 -15.08
C ASN B 289 -4.39 5.70 -15.66
N THR B 290 -4.97 4.51 -15.79
CA THR B 290 -4.35 3.31 -16.43
C THR B 290 -5.26 2.87 -17.59
N LEU B 291 -4.72 2.14 -18.58
CA LEU B 291 -5.49 1.61 -19.73
C LEU B 291 -6.67 0.78 -19.21
N ALA B 292 -6.41 -0.09 -18.23
CA ALA B 292 -7.40 -1.00 -17.61
C ALA B 292 -8.62 -0.20 -17.13
N SER B 293 -8.39 0.95 -16.47
CA SER B 293 -9.43 1.86 -15.94
C SER B 293 -10.42 2.27 -17.05
N VAL B 294 -9.89 2.59 -18.24
CA VAL B 294 -10.69 3.05 -19.42
C VAL B 294 -11.50 1.86 -19.96
N LEU B 295 -10.93 0.64 -19.94
CA LEU B 295 -11.50 -0.56 -20.60
C LEU B 295 -12.11 -1.54 -19.57
N ASP B 296 -12.22 -1.19 -18.28
CA ASP B 296 -12.74 -2.11 -17.23
C ASP B 296 -14.06 -1.54 -16.67
N CYS B 297 -15.04 -1.37 -17.57
CA CYS B 297 -16.46 -1.10 -17.23
C CYS B 297 -17.25 -2.42 -17.19
N THR B 298 -16.54 -3.56 -17.14
CA THR B 298 -17.12 -4.93 -16.97
C THR B 298 -17.97 -4.94 -15.71
N VAL B 299 -19.22 -5.38 -15.81
CA VAL B 299 -20.25 -5.26 -14.72
C VAL B 299 -20.00 -6.30 -13.62
N THR B 300 -19.51 -7.50 -13.96
CA THR B 300 -19.24 -8.59 -12.98
C THR B 300 -17.78 -8.50 -12.51
N PRO B 301 -17.52 -8.53 -11.18
CA PRO B 301 -16.15 -8.49 -10.65
C PRO B 301 -15.30 -9.71 -11.06
N MET B 302 -15.94 -10.81 -11.48
CA MET B 302 -15.21 -12.01 -11.98
C MET B 302 -14.72 -11.78 -13.42
N GLY B 303 -15.26 -10.77 -14.11
CA GLY B 303 -14.90 -10.38 -15.49
C GLY B 303 -13.80 -9.33 -15.51
N SER B 304 -13.77 -8.44 -14.52
CA SER B 304 -12.67 -7.47 -14.25
C SER B 304 -11.32 -8.21 -14.17
N ARG B 305 -11.25 -9.36 -13.49
CA ARG B 305 -10.02 -10.19 -13.31
C ARG B 305 -9.65 -10.87 -14.63
N MET B 306 -10.65 -11.27 -15.42
CA MET B 306 -10.45 -11.94 -16.73
C MET B 306 -9.77 -10.96 -17.71
N LEU B 307 -10.25 -9.72 -17.77
CA LEU B 307 -9.70 -8.67 -18.69
C LEU B 307 -8.28 -8.31 -18.28
N LYS B 308 -8.02 -8.14 -16.98
CA LYS B 308 -6.68 -7.80 -16.43
C LYS B 308 -5.72 -8.97 -16.66
N ARG B 309 -6.22 -10.22 -16.69
CA ARG B 309 -5.43 -11.39 -17.15
C ARG B 309 -5.08 -11.22 -18.64
N TRP B 310 -6.07 -10.87 -19.47
CA TRP B 310 -5.92 -10.67 -20.94
C TRP B 310 -4.90 -9.58 -21.29
N LEU B 311 -4.97 -8.42 -20.63
CA LEU B 311 -4.14 -7.22 -20.92
C LEU B 311 -2.65 -7.51 -20.68
N HIS B 312 -2.33 -8.41 -19.75
CA HIS B 312 -0.94 -8.78 -19.33
C HIS B 312 -0.48 -10.05 -20.07
N MET B 313 -1.37 -10.68 -20.86
CA MET B 313 -1.11 -11.93 -21.60
C MET B 313 -1.62 -11.78 -23.03
N PRO B 314 -0.97 -10.94 -23.88
CA PRO B 314 -1.47 -10.68 -25.23
C PRO B 314 -1.32 -11.92 -26.13
N VAL B 315 -2.45 -12.59 -26.41
CA VAL B 315 -2.52 -13.82 -27.27
C VAL B 315 -2.00 -13.42 -28.65
N ARG B 316 -0.99 -14.15 -29.14
CA ARG B 316 -0.20 -13.77 -30.34
C ARG B 316 -0.77 -14.46 -31.59
N ASP B 317 -1.46 -15.59 -31.42
CA ASP B 317 -2.19 -16.33 -32.49
C ASP B 317 -3.35 -15.48 -33.04
N THR B 318 -3.37 -15.26 -34.35
CA THR B 318 -4.42 -14.47 -35.09
C THR B 318 -5.80 -15.12 -34.91
N ARG B 319 -5.88 -16.45 -35.01
CA ARG B 319 -7.14 -17.24 -35.04
C ARG B 319 -8.01 -16.92 -33.81
N VAL B 320 -7.41 -16.84 -32.62
CA VAL B 320 -8.12 -16.58 -31.34
C VAL B 320 -8.62 -15.12 -31.34
N LEU B 321 -7.75 -14.17 -31.69
CA LEU B 321 -8.06 -12.72 -31.69
C LEU B 321 -9.24 -12.43 -32.62
N LEU B 322 -9.29 -13.10 -33.78
CA LEU B 322 -10.36 -12.91 -34.80
C LEU B 322 -11.71 -13.35 -34.24
N GLU B 323 -11.74 -14.44 -33.45
CA GLU B 323 -12.98 -14.96 -32.80
C GLU B 323 -13.52 -13.91 -31.82
N ARG B 324 -12.65 -13.30 -31.01
CA ARG B 324 -13.00 -12.19 -30.08
C ARG B 324 -13.46 -10.97 -30.88
N GLN B 325 -12.72 -10.59 -31.93
CA GLN B 325 -13.01 -9.42 -32.81
C GLN B 325 -14.41 -9.56 -33.41
N GLN B 326 -14.75 -10.75 -33.92
CA GLN B 326 -16.08 -11.05 -34.51
C GLN B 326 -17.17 -10.94 -33.43
N THR B 327 -16.96 -11.56 -32.27
CA THR B 327 -17.91 -11.60 -31.12
C THR B 327 -18.13 -10.17 -30.59
N ILE B 328 -17.07 -9.35 -30.53
CA ILE B 328 -17.13 -7.93 -30.08
C ILE B 328 -17.99 -7.14 -31.06
N GLY B 329 -17.83 -7.38 -32.36
CA GLY B 329 -18.56 -6.70 -33.45
C GLY B 329 -20.03 -7.11 -33.52
N ALA B 330 -20.31 -8.40 -33.30
CA ALA B 330 -21.67 -9.00 -33.39
C ALA B 330 -22.51 -8.61 -32.18
N LEU B 331 -21.94 -8.72 -30.98
CA LEU B 331 -22.62 -8.37 -29.69
C LEU B 331 -22.83 -6.85 -29.59
N GLN B 332 -22.15 -6.04 -30.41
CA GLN B 332 -22.21 -4.54 -30.37
C GLN B 332 -23.67 -4.07 -30.47
N ASP B 333 -24.49 -4.78 -31.25
CA ASP B 333 -25.95 -4.48 -31.41
C ASP B 333 -26.68 -4.76 -30.11
N PHE B 334 -26.36 -5.87 -29.44
CA PHE B 334 -27.08 -6.43 -28.26
C PHE B 334 -26.27 -6.23 -26.96
N THR B 335 -25.41 -5.21 -26.93
CA THR B 335 -24.60 -4.82 -25.75
C THR B 335 -25.53 -4.42 -24.62
N ALA B 336 -26.43 -3.46 -24.90
CA ALA B 336 -27.39 -2.85 -23.95
C ALA B 336 -28.33 -3.90 -23.35
N GLY B 337 -28.68 -4.94 -24.12
CA GLY B 337 -29.58 -6.02 -23.68
C GLY B 337 -28.91 -6.99 -22.71
N LEU B 338 -27.67 -7.40 -22.99
CA LEU B 338 -26.96 -8.48 -22.24
C LEU B 338 -26.28 -7.93 -20.98
N GLN B 339 -25.73 -6.71 -21.03
CA GLN B 339 -24.84 -6.14 -19.98
C GLN B 339 -25.57 -6.08 -18.65
N PRO B 340 -26.85 -5.62 -18.57
CA PRO B 340 -27.60 -5.64 -17.33
C PRO B 340 -27.81 -7.03 -16.71
N VAL B 341 -28.08 -8.05 -17.53
CA VAL B 341 -28.41 -9.44 -17.09
C VAL B 341 -27.12 -10.09 -16.54
N LEU B 342 -25.96 -9.71 -17.10
CA LEU B 342 -24.63 -10.25 -16.71
C LEU B 342 -24.23 -9.75 -15.32
N ARG B 343 -24.61 -8.51 -14.96
CA ARG B 343 -24.30 -7.88 -13.65
C ARG B 343 -24.88 -8.75 -12.52
N GLN B 344 -26.09 -9.29 -12.72
CA GLN B 344 -26.87 -10.02 -11.69
C GLN B 344 -26.20 -11.37 -11.37
N VAL B 345 -25.38 -11.90 -12.28
CA VAL B 345 -24.70 -13.22 -12.15
C VAL B 345 -23.94 -13.25 -10.81
N GLY B 346 -23.16 -12.20 -10.53
CA GLY B 346 -22.33 -12.09 -9.31
C GLY B 346 -20.91 -12.64 -9.54
N ASP B 347 -20.11 -12.72 -8.48
CA ASP B 347 -18.70 -13.16 -8.52
C ASP B 347 -18.64 -14.70 -8.48
N LEU B 348 -19.09 -15.36 -9.56
CA LEU B 348 -19.37 -16.82 -9.56
C LEU B 348 -18.08 -17.61 -9.43
N GLU B 349 -16.96 -17.09 -9.95
CA GLU B 349 -15.67 -17.83 -10.09
C GLU B 349 -15.15 -18.23 -8.70
N ARG B 350 -15.08 -17.26 -7.77
CA ARG B 350 -14.54 -17.45 -6.40
C ARG B 350 -15.58 -18.15 -5.50
N ILE B 351 -16.88 -18.02 -5.78
CA ILE B 351 -17.97 -18.77 -5.08
C ILE B 351 -17.81 -20.26 -5.38
N LEU B 352 -17.48 -20.63 -6.62
CA LEU B 352 -17.24 -22.05 -7.03
C LEU B 352 -15.97 -22.58 -6.34
N ALA B 353 -14.91 -21.77 -6.29
CA ALA B 353 -13.61 -22.12 -5.66
C ALA B 353 -13.80 -22.36 -4.15
N ARG B 354 -14.67 -21.57 -3.51
CA ARG B 354 -15.00 -21.69 -2.05
C ARG B 354 -15.94 -22.88 -1.83
N LEU B 355 -16.82 -23.18 -2.80
CA LEU B 355 -17.70 -24.39 -2.78
C LEU B 355 -16.84 -25.65 -2.90
N ALA B 356 -15.78 -25.60 -3.74
CA ALA B 356 -14.83 -26.71 -3.98
C ALA B 356 -14.15 -27.13 -2.65
N LEU B 357 -13.80 -26.15 -1.81
CA LEU B 357 -13.17 -26.35 -0.48
C LEU B 357 -14.26 -26.60 0.59
N ARG B 358 -15.52 -26.73 0.18
CA ARG B 358 -16.67 -27.11 1.04
C ARG B 358 -16.84 -26.06 2.15
N THR B 359 -16.52 -24.80 1.84
CA THR B 359 -16.61 -23.64 2.78
C THR B 359 -17.15 -22.41 2.03
N ALA B 360 -18.35 -22.53 1.46
CA ALA B 360 -19.00 -21.52 0.58
C ALA B 360 -19.67 -20.43 1.43
N ARG B 361 -20.38 -20.81 2.50
CA ARG B 361 -21.14 -19.91 3.41
C ARG B 361 -22.42 -19.46 2.69
N PRO B 362 -23.53 -19.21 3.43
CA PRO B 362 -24.87 -19.28 2.85
C PRO B 362 -25.21 -18.15 1.86
N ARG B 363 -24.68 -16.95 2.09
CA ARG B 363 -24.95 -15.78 1.20
C ARG B 363 -24.34 -16.06 -0.18
N ASP B 364 -23.24 -16.82 -0.25
CA ASP B 364 -22.55 -17.20 -1.52
C ASP B 364 -23.41 -18.18 -2.34
N LEU B 365 -24.02 -19.19 -1.70
CA LEU B 365 -24.92 -20.18 -2.36
C LEU B 365 -26.19 -19.46 -2.85
N ALA B 366 -26.64 -18.42 -2.14
CA ALA B 366 -27.79 -17.57 -2.54
C ALA B 366 -27.44 -16.79 -3.82
N ARG B 367 -26.16 -16.41 -3.98
CA ARG B 367 -25.66 -15.74 -5.21
C ARG B 367 -25.60 -16.75 -6.35
N MET B 368 -25.31 -18.02 -6.06
CA MET B 368 -25.30 -19.13 -7.06
C MET B 368 -26.72 -19.35 -7.60
N ARG B 369 -27.71 -19.37 -6.71
CA ARG B 369 -29.15 -19.48 -7.03
C ARG B 369 -29.57 -18.35 -7.98
N HIS B 370 -29.20 -17.11 -7.65
CA HIS B 370 -29.55 -15.87 -8.39
C HIS B 370 -29.02 -15.92 -9.82
N ALA B 371 -27.82 -16.48 -10.02
CA ALA B 371 -27.16 -16.64 -11.34
C ALA B 371 -27.96 -17.64 -12.19
N PHE B 372 -28.25 -18.81 -11.63
CA PHE B 372 -29.02 -19.90 -12.31
C PHE B 372 -30.41 -19.41 -12.71
N GLN B 373 -30.99 -18.48 -11.92
CA GLN B 373 -32.27 -17.78 -12.25
C GLN B 373 -32.08 -16.94 -13.51
N GLN B 374 -30.93 -16.26 -13.64
CA GLN B 374 -30.64 -15.28 -14.71
C GLN B 374 -30.00 -15.92 -15.96
N LEU B 375 -29.35 -17.09 -15.83
CA LEU B 375 -28.72 -17.80 -16.99
C LEU B 375 -29.77 -17.99 -18.12
N PRO B 376 -31.00 -18.54 -17.92
CA PRO B 376 -31.94 -18.76 -19.02
C PRO B 376 -32.16 -17.52 -19.90
N GLU B 377 -32.24 -16.34 -19.29
CA GLU B 377 -32.42 -15.04 -20.01
C GLU B 377 -31.19 -14.78 -20.90
N LEU B 378 -29.99 -14.99 -20.36
CA LEU B 378 -28.69 -14.76 -21.06
C LEU B 378 -28.61 -15.68 -22.29
N ARG B 379 -28.97 -16.96 -22.14
CA ARG B 379 -28.98 -17.98 -23.24
C ARG B 379 -29.84 -17.48 -24.41
N ALA B 380 -31.07 -17.02 -24.09
CA ALA B 380 -32.11 -16.62 -25.08
C ALA B 380 -31.63 -15.42 -25.92
N GLN B 381 -31.07 -14.39 -25.28
CA GLN B 381 -30.53 -13.18 -25.95
C GLN B 381 -29.37 -13.57 -26.87
N LEU B 382 -28.53 -14.51 -26.41
CA LEU B 382 -27.33 -15.00 -27.16
C LEU B 382 -27.74 -15.88 -28.34
N GLU B 383 -28.93 -16.51 -28.29
CA GLU B 383 -29.48 -17.34 -29.39
C GLU B 383 -29.66 -16.46 -30.64
N THR B 384 -30.11 -15.22 -30.46
CA THR B 384 -30.40 -14.23 -31.55
C THR B 384 -29.10 -13.83 -32.24
N VAL B 385 -28.01 -13.69 -31.49
CA VAL B 385 -26.65 -13.29 -31.97
C VAL B 385 -26.04 -14.46 -32.76
N ASP B 386 -25.70 -14.20 -34.03
CA ASP B 386 -25.48 -15.21 -35.08
C ASP B 386 -24.10 -15.88 -35.01
N SER B 387 -23.13 -15.33 -34.25
CA SER B 387 -21.69 -15.73 -34.32
C SER B 387 -21.48 -17.13 -33.73
N ALA B 388 -20.58 -17.90 -34.34
CA ALA B 388 -20.28 -19.31 -33.94
C ALA B 388 -19.68 -19.37 -32.54
N PRO B 389 -18.72 -18.50 -32.15
CA PRO B 389 -18.18 -18.47 -30.79
C PRO B 389 -19.17 -17.99 -29.72
N VAL B 390 -20.09 -17.07 -30.09
CA VAL B 390 -21.20 -16.56 -29.22
C VAL B 390 -22.14 -17.74 -28.96
N GLN B 391 -22.38 -18.61 -29.93
CA GLN B 391 -23.19 -19.85 -29.84
C GLN B 391 -22.48 -20.88 -28.96
N ALA B 392 -21.15 -20.95 -29.05
CA ALA B 392 -20.30 -21.86 -28.24
C ALA B 392 -20.35 -21.43 -26.77
N LEU B 393 -20.16 -20.13 -26.48
CA LEU B 393 -20.23 -19.56 -25.11
C LEU B 393 -21.65 -19.71 -24.56
N ARG B 394 -22.66 -19.52 -25.41
CA ARG B 394 -24.10 -19.72 -25.06
C ARG B 394 -24.32 -21.17 -24.60
N GLU B 395 -23.77 -22.14 -25.34
CA GLU B 395 -23.88 -23.59 -25.04
C GLU B 395 -22.96 -23.96 -23.86
N LYS B 396 -21.78 -23.33 -23.79
CA LYS B 396 -20.76 -23.60 -22.73
C LYS B 396 -21.25 -23.04 -21.39
N MET B 397 -21.99 -21.93 -21.41
CA MET B 397 -22.63 -21.33 -20.21
C MET B 397 -23.51 -22.38 -19.50
N GLY B 398 -24.34 -23.09 -20.27
CA GLY B 398 -25.22 -24.17 -19.78
C GLY B 398 -26.46 -23.61 -19.09
N GLU B 399 -27.22 -24.50 -18.43
CA GLU B 399 -28.48 -24.18 -17.70
C GLU B 399 -28.33 -24.59 -16.22
N PHE B 400 -28.03 -25.86 -15.95
CA PHE B 400 -27.89 -26.45 -14.59
C PHE B 400 -29.19 -26.25 -13.82
N ALA B 401 -30.32 -26.60 -14.44
CA ALA B 401 -31.70 -26.34 -13.95
C ALA B 401 -31.99 -27.08 -12.65
N GLU B 402 -31.44 -28.29 -12.48
CA GLU B 402 -31.64 -29.13 -11.26
C GLU B 402 -30.94 -28.47 -10.07
N LEU B 403 -29.83 -27.77 -10.31
CA LEU B 403 -29.06 -27.02 -9.27
C LEU B 403 -29.81 -25.71 -8.97
N ARG B 404 -30.36 -25.07 -10.01
CA ARG B 404 -31.30 -23.92 -9.89
C ARG B 404 -32.45 -24.34 -8.95
N ASP B 405 -33.03 -25.52 -9.20
CA ASP B 405 -34.17 -26.08 -8.43
C ASP B 405 -33.74 -26.33 -6.98
N LEU B 406 -32.58 -26.99 -6.78
CA LEU B 406 -32.09 -27.40 -5.44
C LEU B 406 -31.85 -26.16 -4.57
N LEU B 407 -31.11 -25.17 -5.08
CA LEU B 407 -30.71 -23.94 -4.34
C LEU B 407 -31.96 -23.12 -4.01
N GLU B 408 -32.90 -23.02 -4.95
CA GLU B 408 -34.22 -22.34 -4.77
C GLU B 408 -35.02 -23.05 -3.68
N ARG B 409 -34.96 -24.38 -3.64
CA ARG B 409 -35.71 -25.24 -2.68
C ARG B 409 -35.04 -25.25 -1.31
N ALA B 410 -33.70 -25.19 -1.25
CA ALA B 410 -32.90 -25.54 -0.04
C ALA B 410 -32.23 -24.31 0.60
N ILE B 411 -32.39 -23.10 0.06
CA ILE B 411 -31.85 -21.84 0.68
C ILE B 411 -32.96 -20.80 0.76
N ILE B 412 -33.08 -20.13 1.91
CA ILE B 412 -34.05 -19.03 2.19
C ILE B 412 -33.68 -17.85 1.29
N ASP B 413 -34.66 -17.04 0.89
CA ASP B 413 -34.52 -15.92 -0.07
C ASP B 413 -33.30 -15.06 0.31
N THR B 414 -33.13 -14.73 1.60
CA THR B 414 -32.00 -13.91 2.14
C THR B 414 -31.46 -14.57 3.41
N PRO B 415 -30.40 -15.41 3.31
CA PRO B 415 -29.76 -15.98 4.49
C PRO B 415 -28.67 -15.07 5.05
N PRO B 416 -28.16 -15.31 6.28
CA PRO B 416 -27.00 -14.58 6.81
C PRO B 416 -25.72 -15.05 6.10
N VAL B 417 -24.59 -14.36 6.34
CA VAL B 417 -23.30 -14.64 5.64
C VAL B 417 -22.54 -15.78 6.34
N LEU B 418 -22.90 -16.14 7.58
CA LEU B 418 -22.19 -17.20 8.37
C LEU B 418 -23.18 -18.34 8.66
N VAL B 419 -22.77 -19.58 8.37
CA VAL B 419 -23.62 -20.81 8.43
C VAL B 419 -23.77 -21.25 9.90
N ARG B 420 -22.70 -21.15 10.69
CA ARG B 420 -22.66 -21.58 12.12
C ARG B 420 -23.85 -20.98 12.87
N ASP B 421 -24.27 -19.77 12.48
CA ASP B 421 -25.43 -19.05 13.06
C ASP B 421 -26.74 -19.79 12.77
N GLY B 422 -26.87 -20.38 11.57
CA GLY B 422 -28.08 -21.07 11.10
C GLY B 422 -29.03 -20.11 10.40
N GLY B 423 -30.28 -20.50 10.18
CA GLY B 423 -31.25 -19.76 9.37
C GLY B 423 -30.91 -19.85 7.89
N VAL B 424 -30.17 -20.88 7.48
CA VAL B 424 -29.64 -21.02 6.10
C VAL B 424 -30.54 -21.90 5.25
N ILE B 425 -31.09 -22.98 5.82
CA ILE B 425 -31.78 -24.02 5.00
C ILE B 425 -33.27 -23.65 4.89
N ALA B 426 -33.74 -23.39 3.66
CA ALA B 426 -35.17 -23.16 3.35
C ALA B 426 -36.00 -24.38 3.77
N SER B 427 -37.20 -24.14 4.31
CA SER B 427 -38.14 -25.12 4.90
C SER B 427 -38.24 -26.45 4.13
N GLY B 428 -38.34 -26.44 2.79
CA GLY B 428 -38.91 -27.55 2.01
C GLY B 428 -37.92 -28.65 1.63
N TYR B 429 -36.62 -28.45 1.88
CA TYR B 429 -35.54 -29.31 1.36
C TYR B 429 -35.63 -30.69 2.03
N ASN B 430 -35.83 -30.70 3.35
CA ASN B 430 -35.91 -31.92 4.19
C ASN B 430 -37.14 -31.83 5.10
N GLU B 431 -37.89 -32.93 5.22
CA GLU B 431 -39.10 -33.05 6.09
C GLU B 431 -38.70 -32.85 7.56
N GLU B 432 -37.56 -33.42 7.97
CA GLU B 432 -37.11 -33.49 9.38
C GLU B 432 -36.80 -32.09 9.92
N LEU B 433 -36.13 -31.22 9.14
CA LEU B 433 -35.81 -29.83 9.52
C LEU B 433 -37.10 -29.11 9.97
N ASP B 434 -38.17 -29.20 9.17
CA ASP B 434 -39.51 -28.58 9.40
C ASP B 434 -40.16 -29.12 10.68
N GLU B 435 -39.98 -30.42 10.95
CA GLU B 435 -40.57 -31.10 12.14
C GLU B 435 -39.96 -30.51 13.42
N TRP B 436 -38.63 -30.37 13.48
CA TRP B 436 -37.88 -29.80 14.62
C TRP B 436 -38.03 -28.28 14.65
N ARG B 437 -38.02 -27.62 13.47
CA ARG B 437 -38.28 -26.15 13.36
C ARG B 437 -39.72 -25.85 13.78
N ALA B 438 -40.66 -26.77 13.51
CA ALA B 438 -42.09 -26.65 13.90
C ALA B 438 -42.22 -26.76 15.42
N LEU B 439 -41.43 -27.64 16.05
CA LEU B 439 -41.35 -27.77 17.54
C LEU B 439 -40.80 -26.46 18.13
N ALA B 440 -39.77 -25.89 17.52
CA ALA B 440 -39.14 -24.60 17.91
C ALA B 440 -40.11 -23.45 17.65
N ASP B 441 -40.81 -23.44 16.52
CA ASP B 441 -41.89 -22.47 16.17
C ASP B 441 -43.09 -22.71 17.09
N GLY B 442 -43.38 -23.98 17.39
CA GLY B 442 -44.42 -24.41 18.34
C GLY B 442 -44.07 -23.97 19.74
N ALA B 443 -42.77 -23.86 20.05
CA ALA B 443 -42.25 -23.36 21.34
C ALA B 443 -42.49 -21.85 21.46
N THR B 444 -42.23 -21.07 20.41
CA THR B 444 -42.29 -19.58 20.41
C THR B 444 -43.74 -19.11 20.56
N ASP B 445 -44.71 -19.85 20.02
CA ASP B 445 -46.17 -19.60 20.21
C ASP B 445 -46.55 -20.07 21.62
N TYR B 446 -46.07 -21.25 22.02
CA TYR B 446 -46.33 -21.84 23.36
C TYR B 446 -45.70 -20.95 24.44
N LEU B 447 -44.59 -20.26 24.14
CA LEU B 447 -43.98 -19.24 25.04
C LEU B 447 -45.03 -18.19 25.40
N GLU B 448 -45.67 -17.59 24.39
CA GLU B 448 -46.70 -16.53 24.58
C GLU B 448 -47.99 -17.17 25.16
N ARG B 449 -48.37 -18.34 24.65
CA ARG B 449 -49.59 -19.08 25.09
C ARG B 449 -49.43 -19.49 26.56
N LEU B 450 -48.25 -20.02 26.92
CA LEU B 450 -47.91 -20.45 28.31
C LEU B 450 -47.82 -19.20 29.18
N GLU B 451 -47.25 -18.09 28.68
CA GLU B 451 -47.14 -16.79 29.40
C GLU B 451 -48.54 -16.29 29.75
N VAL B 452 -49.48 -16.36 28.80
CA VAL B 452 -50.89 -15.93 29.00
C VAL B 452 -51.56 -16.85 30.02
N ARG B 453 -51.46 -18.17 29.84
CA ARG B 453 -52.18 -19.11 30.74
C ARG B 453 -51.54 -19.07 32.14
N GLU B 454 -50.22 -18.99 32.23
CA GLU B 454 -49.52 -18.90 33.55
C GLU B 454 -49.88 -17.57 34.22
N ARG B 455 -49.88 -16.46 33.46
CA ARG B 455 -50.25 -15.10 33.95
C ARG B 455 -51.67 -15.11 34.53
N GLU B 456 -52.61 -15.84 33.90
CA GLU B 456 -54.03 -15.92 34.33
C GLU B 456 -54.16 -16.91 35.49
N ARG B 457 -53.48 -18.07 35.43
CA ARG B 457 -53.58 -19.15 36.46
C ARG B 457 -52.94 -18.64 37.77
N THR B 458 -51.76 -18.03 37.69
CA THR B 458 -51.05 -17.39 38.83
C THR B 458 -51.83 -16.12 39.26
N GLY B 459 -52.37 -15.38 38.29
CA GLY B 459 -53.07 -14.10 38.49
C GLY B 459 -52.10 -12.94 38.64
N LEU B 460 -50.88 -13.10 38.11
CA LEU B 460 -49.76 -12.12 38.20
C LEU B 460 -49.60 -11.43 36.83
N ASP B 461 -49.97 -10.15 36.74
CA ASP B 461 -49.86 -9.32 35.51
C ASP B 461 -48.37 -9.04 35.19
N THR B 462 -47.52 -8.98 36.21
CA THR B 462 -46.06 -8.72 36.11
C THR B 462 -45.33 -9.94 35.53
N LEU B 463 -46.01 -11.10 35.46
CA LEU B 463 -45.44 -12.38 34.95
C LEU B 463 -45.06 -12.22 33.47
N LYS B 464 -43.77 -12.35 33.14
CA LYS B 464 -43.23 -12.30 31.75
C LYS B 464 -42.23 -13.45 31.56
N VAL B 465 -42.27 -14.12 30.41
CA VAL B 465 -41.36 -15.24 30.02
C VAL B 465 -40.22 -14.68 29.16
N GLY B 466 -38.97 -14.96 29.54
CA GLY B 466 -37.75 -14.57 28.80
C GLY B 466 -36.74 -15.71 28.75
N PHE B 467 -35.85 -15.69 27.76
CA PHE B 467 -34.75 -16.66 27.56
C PHE B 467 -33.40 -15.96 27.78
N ASN B 468 -32.73 -16.26 28.89
CA ASN B 468 -31.31 -15.90 29.16
C ASN B 468 -30.45 -17.11 28.83
N ALA B 469 -29.49 -16.97 27.92
CA ALA B 469 -28.61 -18.05 27.41
C ALA B 469 -27.99 -18.84 28.57
N VAL B 470 -27.55 -18.14 29.62
CA VAL B 470 -26.82 -18.72 30.78
C VAL B 470 -27.78 -19.60 31.59
N HIS B 471 -28.98 -19.07 31.90
CA HIS B 471 -29.99 -19.72 32.79
C HIS B 471 -31.15 -20.30 31.97
N GLY B 472 -31.06 -20.32 30.64
CA GLY B 472 -32.11 -20.82 29.73
C GLY B 472 -33.38 -19.98 29.81
N TYR B 473 -34.50 -20.52 29.36
CA TYR B 473 -35.86 -19.91 29.45
C TYR B 473 -36.26 -19.83 30.92
N TYR B 474 -36.97 -18.75 31.30
CA TYR B 474 -37.36 -18.43 32.69
C TYR B 474 -38.70 -17.70 32.71
N ILE B 475 -39.27 -17.56 33.91
CA ILE B 475 -40.47 -16.71 34.22
C ILE B 475 -40.04 -15.56 35.13
N GLN B 476 -39.88 -14.33 34.61
CA GLN B 476 -39.45 -13.12 35.38
C GLN B 476 -40.66 -12.36 35.94
N ILE B 477 -40.85 -12.31 37.26
CA ILE B 477 -42.01 -11.65 37.94
C ILE B 477 -41.41 -10.50 38.75
N SER B 478 -42.14 -9.44 39.14
CA SER B 478 -41.62 -8.35 40.00
C SER B 478 -41.32 -8.93 41.40
N ARG B 479 -40.32 -8.46 42.18
CA ARG B 479 -40.03 -8.92 43.57
C ARG B 479 -41.30 -8.86 44.42
N GLY B 480 -42.15 -7.85 44.20
CA GLY B 480 -43.45 -7.65 44.90
C GLY B 480 -44.36 -8.86 44.78
N GLN B 481 -44.43 -9.46 43.58
CA GLN B 481 -45.29 -10.65 43.28
C GLN B 481 -44.44 -11.92 43.17
N SER B 482 -43.12 -11.83 43.40
CA SER B 482 -42.15 -12.95 43.27
C SER B 482 -42.40 -14.00 44.37
N HIS B 483 -42.55 -13.56 45.62
CA HIS B 483 -42.86 -14.43 46.80
C HIS B 483 -44.28 -14.99 46.69
N LEU B 484 -45.16 -14.34 45.92
CA LEU B 484 -46.57 -14.79 45.69
C LEU B 484 -46.61 -15.89 44.62
N ALA B 485 -45.56 -16.05 43.81
CA ALA B 485 -45.44 -17.12 42.79
C ALA B 485 -45.47 -18.48 43.49
N PRO B 486 -46.20 -19.50 42.98
CA PRO B 486 -46.42 -20.76 43.72
C PRO B 486 -45.15 -21.62 43.87
N ILE B 487 -45.27 -22.76 44.54
CA ILE B 487 -44.13 -23.65 44.97
C ILE B 487 -43.49 -24.29 43.74
N ASN B 488 -44.28 -24.52 42.69
CA ASN B 488 -43.82 -25.12 41.40
C ASN B 488 -42.77 -24.21 40.76
N TYR B 489 -42.92 -22.88 41.03
CA TYR B 489 -41.99 -21.81 40.55
C TYR B 489 -40.70 -21.95 41.36
N MET B 490 -39.55 -22.20 40.71
CA MET B 490 -38.21 -22.41 41.33
C MET B 490 -37.25 -21.39 40.71
N ARG B 491 -36.62 -20.55 41.54
CA ARG B 491 -35.65 -19.50 41.11
C ARG B 491 -34.38 -20.17 40.58
N ARG B 492 -34.16 -20.09 39.27
CA ARG B 492 -32.91 -20.54 38.59
C ARG B 492 -31.94 -19.35 38.51
N GLN B 493 -32.44 -18.19 38.05
CA GLN B 493 -31.73 -16.89 38.09
C GLN B 493 -32.40 -15.98 39.14
N THR B 494 -31.59 -15.25 39.92
CA THR B 494 -32.02 -14.40 41.05
C THR B 494 -31.50 -12.96 40.84
N LEU B 495 -32.43 -11.99 40.73
CA LEU B 495 -32.14 -10.53 40.76
C LEU B 495 -33.00 -9.88 41.85
N LYS B 496 -32.61 -8.70 42.32
CA LYS B 496 -33.30 -7.98 43.43
C LYS B 496 -34.65 -7.44 42.95
N ASN B 497 -34.71 -6.89 41.73
CA ASN B 497 -35.84 -6.10 41.15
C ASN B 497 -36.90 -7.03 40.54
N ALA B 498 -36.47 -8.16 39.97
CA ALA B 498 -37.36 -9.22 39.43
C ALA B 498 -36.70 -10.59 39.63
N GLU B 499 -37.50 -11.64 39.83
CA GLU B 499 -37.05 -13.02 40.12
C GLU B 499 -37.49 -13.95 38.98
N ARG B 500 -36.54 -14.75 38.48
CA ARG B 500 -36.70 -15.57 37.24
C ARG B 500 -36.90 -17.04 37.65
N TYR B 501 -38.10 -17.59 37.42
CA TYR B 501 -38.57 -18.88 37.96
C TYR B 501 -38.67 -19.92 36.85
N ILE B 502 -38.76 -21.21 37.26
CA ILE B 502 -38.88 -22.35 36.30
C ILE B 502 -40.01 -23.27 36.78
N ILE B 503 -41.15 -23.27 36.10
CA ILE B 503 -42.26 -24.24 36.42
C ILE B 503 -41.79 -25.62 35.95
N PRO B 504 -42.17 -26.76 36.57
CA PRO B 504 -41.79 -28.09 36.06
C PRO B 504 -42.37 -28.34 34.66
N GLU B 505 -43.61 -27.95 34.41
CA GLU B 505 -44.20 -28.09 33.05
C GLU B 505 -43.34 -27.26 32.11
N LEU B 506 -43.08 -26.00 32.46
CA LEU B 506 -42.17 -25.13 31.66
C LEU B 506 -40.83 -25.84 31.48
N LYS B 507 -40.30 -26.48 32.52
CA LYS B 507 -38.96 -27.12 32.43
C LYS B 507 -38.99 -28.26 31.41
N GLU B 508 -40.07 -29.06 31.40
CA GLU B 508 -40.19 -30.14 30.40
C GLU B 508 -40.25 -29.51 29.01
N TYR B 509 -41.04 -28.44 28.86
CA TYR B 509 -41.13 -27.72 27.56
C TYR B 509 -39.79 -27.04 27.23
N GLU B 510 -39.13 -26.40 28.19
CA GLU B 510 -37.87 -25.66 27.93
C GLU B 510 -36.82 -26.69 27.51
N ASP B 511 -36.74 -27.82 28.21
CA ASP B 511 -35.83 -28.93 27.82
C ASP B 511 -36.12 -29.33 26.36
N LYS B 512 -37.40 -29.41 25.98
CA LYS B 512 -37.85 -29.70 24.60
C LYS B 512 -37.41 -28.56 23.67
N VAL B 513 -37.56 -27.31 24.10
CA VAL B 513 -37.16 -26.10 23.30
C VAL B 513 -35.63 -26.13 23.11
N LEU B 514 -34.88 -26.30 24.19
CA LEU B 514 -33.39 -26.28 24.20
C LEU B 514 -32.85 -27.43 23.33
N THR B 515 -33.43 -28.63 23.43
CA THR B 515 -32.98 -29.85 22.70
C THR B 515 -33.39 -29.71 21.22
N SER B 516 -34.54 -29.12 20.94
CA SER B 516 -35.04 -28.84 19.56
C SER B 516 -34.18 -27.73 18.91
N LYS B 517 -33.87 -26.67 19.66
CA LYS B 517 -33.04 -25.52 19.21
C LYS B 517 -31.69 -26.04 18.70
N GLY B 518 -31.02 -26.89 19.49
CA GLY B 518 -29.70 -27.48 19.17
C GLY B 518 -29.78 -28.43 17.98
N LYS B 519 -30.75 -29.35 18.00
CA LYS B 519 -30.95 -30.38 16.94
C LYS B 519 -31.22 -29.69 15.60
N ALA B 520 -32.05 -28.64 15.59
CA ALA B 520 -32.40 -27.84 14.39
C ALA B 520 -31.13 -27.21 13.81
N LEU B 521 -30.27 -26.62 14.66
CA LEU B 521 -28.98 -25.99 14.27
C LEU B 521 -28.03 -27.05 13.70
N ALA B 522 -27.99 -28.24 14.32
CA ALA B 522 -27.06 -29.34 13.96
C ALA B 522 -27.50 -29.93 12.61
N LEU B 523 -28.80 -30.18 12.43
CA LEU B 523 -29.45 -30.66 11.19
C LEU B 523 -29.16 -29.65 10.07
N GLU B 524 -29.25 -28.35 10.36
CA GLU B 524 -28.99 -27.24 9.40
C GLU B 524 -27.59 -27.42 8.79
N LYS B 525 -26.59 -27.68 9.63
CA LYS B 525 -25.16 -27.85 9.24
C LYS B 525 -25.02 -29.13 8.42
N GLN B 526 -25.67 -30.23 8.84
CA GLN B 526 -25.62 -31.55 8.15
C GLN B 526 -26.16 -31.41 6.72
N LEU B 527 -27.34 -30.78 6.57
CA LEU B 527 -27.99 -30.55 5.25
C LEU B 527 -27.10 -29.63 4.41
N TYR B 528 -26.55 -28.57 5.03
CA TYR B 528 -25.68 -27.57 4.35
C TYR B 528 -24.43 -28.27 3.82
N GLU B 529 -24.05 -29.40 4.41
CA GLU B 529 -22.95 -30.28 3.90
C GLU B 529 -23.48 -31.18 2.78
N GLU B 530 -24.69 -31.75 2.95
CA GLU B 530 -25.35 -32.62 1.94
C GLU B 530 -25.57 -31.82 0.64
N LEU B 531 -25.88 -30.52 0.75
CA LEU B 531 -26.02 -29.61 -0.44
C LEU B 531 -24.71 -29.57 -1.21
N PHE B 532 -23.57 -29.41 -0.54
CA PHE B 532 -22.21 -29.43 -1.17
C PHE B 532 -22.07 -30.73 -1.98
N ASP B 533 -22.37 -31.87 -1.37
CA ASP B 533 -22.25 -33.23 -1.97
C ASP B 533 -23.07 -33.30 -3.27
N LEU B 534 -24.28 -32.72 -3.28
CA LEU B 534 -25.21 -32.74 -4.44
C LEU B 534 -24.74 -31.78 -5.53
N LEU B 535 -24.16 -30.63 -5.14
CA LEU B 535 -23.69 -29.56 -6.07
C LEU B 535 -22.29 -29.91 -6.62
N LEU B 536 -21.51 -30.73 -5.91
CA LEU B 536 -20.06 -30.95 -6.17
C LEU B 536 -19.83 -31.63 -7.53
N PRO B 537 -20.60 -32.67 -7.93
CA PRO B 537 -20.34 -33.37 -9.20
C PRO B 537 -20.27 -32.48 -10.45
N HIS B 538 -21.10 -31.43 -10.52
CA HIS B 538 -21.25 -30.54 -11.69
C HIS B 538 -20.21 -29.41 -11.66
N LEU B 539 -19.42 -29.30 -10.57
CA LEU B 539 -18.41 -28.23 -10.35
C LEU B 539 -17.55 -28.06 -11.61
N GLU B 540 -17.09 -29.17 -12.20
CA GLU B 540 -16.24 -29.18 -13.43
C GLU B 540 -16.92 -28.36 -14.53
N ALA B 541 -18.21 -28.62 -14.77
CA ALA B 541 -19.03 -27.95 -15.80
C ALA B 541 -19.42 -26.53 -15.35
N LEU B 542 -19.65 -26.34 -14.03
CA LEU B 542 -19.92 -25.00 -13.43
C LEU B 542 -18.69 -24.10 -13.60
N GLN B 543 -17.48 -24.67 -13.44
CA GLN B 543 -16.19 -23.97 -13.66
C GLN B 543 -16.07 -23.53 -15.12
N GLN B 544 -16.41 -24.42 -16.06
CA GLN B 544 -16.48 -24.12 -17.52
C GLN B 544 -17.51 -23.01 -17.76
N SER B 545 -18.67 -23.08 -17.09
CA SER B 545 -19.77 -22.09 -17.15
C SER B 545 -19.26 -20.72 -16.69
N ALA B 546 -18.55 -20.68 -15.55
CA ALA B 546 -17.96 -19.45 -14.95
C ALA B 546 -16.95 -18.82 -15.91
N SER B 547 -16.05 -19.64 -16.48
CA SER B 547 -15.01 -19.21 -17.46
C SER B 547 -15.68 -18.57 -18.69
N ALA B 548 -16.78 -19.16 -19.17
CA ALA B 548 -17.57 -18.70 -20.33
C ALA B 548 -18.28 -17.38 -20.00
N LEU B 549 -18.89 -17.28 -18.81
CA LEU B 549 -19.68 -16.09 -18.40
C LEU B 549 -18.75 -14.90 -18.13
N ALA B 550 -17.59 -15.17 -17.53
CA ALA B 550 -16.50 -14.20 -17.32
C ALA B 550 -16.03 -13.68 -18.69
N GLU B 551 -15.72 -14.60 -19.61
CA GLU B 551 -15.27 -14.30 -21.00
C GLU B 551 -16.32 -13.41 -21.70
N LEU B 552 -17.60 -13.77 -21.58
CA LEU B 552 -18.73 -13.03 -22.21
C LEU B 552 -18.76 -11.58 -21.71
N ASP B 553 -18.57 -11.36 -20.41
CA ASP B 553 -18.67 -10.02 -19.76
C ASP B 553 -17.54 -9.10 -20.26
N VAL B 554 -16.33 -9.65 -20.44
CA VAL B 554 -15.17 -8.90 -21.01
C VAL B 554 -15.47 -8.56 -22.47
N LEU B 555 -16.10 -9.49 -23.20
CA LEU B 555 -16.37 -9.36 -24.66
C LEU B 555 -17.47 -8.30 -24.92
N VAL B 556 -18.54 -8.32 -24.11
CA VAL B 556 -19.68 -7.36 -24.25
C VAL B 556 -19.19 -6.04 -23.67
N ASN B 557 -18.25 -6.06 -22.71
CA ASN B 557 -17.61 -4.82 -22.20
C ASN B 557 -16.75 -4.26 -23.30
N LEU B 558 -16.00 -5.09 -24.03
CA LEU B 558 -15.12 -4.64 -25.14
C LEU B 558 -15.99 -4.15 -26.29
N ALA B 559 -17.21 -4.69 -26.46
CA ALA B 559 -18.18 -4.24 -27.49
C ALA B 559 -18.78 -2.88 -27.10
N GLU B 560 -19.02 -2.63 -25.81
CA GLU B 560 -19.65 -1.38 -25.31
C GLU B 560 -18.69 -0.20 -25.46
N ARG B 561 -17.48 -0.35 -24.89
CA ARG B 561 -16.39 0.66 -24.94
C ARG B 561 -16.03 0.94 -26.40
N ALA B 562 -16.06 -0.08 -27.27
CA ALA B 562 -15.78 0.06 -28.72
C ALA B 562 -16.76 1.06 -29.36
N TYR B 563 -18.06 0.90 -29.08
CA TYR B 563 -19.14 1.76 -29.62
C TYR B 563 -19.18 3.11 -28.90
N THR B 564 -19.05 3.10 -27.57
CA THR B 564 -19.09 4.32 -26.70
C THR B 564 -17.94 5.27 -27.05
N LEU B 565 -16.73 4.75 -27.25
CA LEU B 565 -15.50 5.56 -27.43
C LEU B 565 -15.12 5.63 -28.92
N ASN B 566 -15.93 5.07 -29.81
CA ASN B 566 -15.79 5.20 -31.29
C ASN B 566 -14.48 4.52 -31.72
N TYR B 567 -14.24 3.30 -31.23
CA TYR B 567 -13.11 2.43 -31.67
C TYR B 567 -13.40 1.70 -32.99
N THR B 568 -12.37 1.12 -33.61
CA THR B 568 -12.51 0.37 -34.90
C THR B 568 -11.90 -1.04 -34.74
N CYS B 569 -12.08 -1.94 -35.68
CA CYS B 569 -11.52 -3.32 -35.75
C CYS B 569 -10.15 -3.22 -36.43
N PRO B 570 -9.07 -3.82 -35.86
CA PRO B 570 -7.80 -3.93 -36.56
C PRO B 570 -7.76 -5.17 -37.48
N THR B 571 -6.88 -5.10 -38.48
CA THR B 571 -6.58 -6.20 -39.45
C THR B 571 -5.11 -6.61 -39.22
N PHE B 572 -4.79 -7.88 -39.48
CA PHE B 572 -3.45 -8.48 -39.25
C PHE B 572 -2.76 -8.82 -40.58
N ILE B 573 -1.85 -7.92 -41.01
CA ILE B 573 -0.90 -8.13 -42.12
C ILE B 573 0.16 -9.12 -41.64
N ASP B 574 0.77 -9.84 -42.58
CA ASP B 574 1.64 -11.02 -42.30
C ASP B 574 3.09 -10.59 -42.03
N LYS B 575 3.41 -9.30 -42.12
CA LYS B 575 4.80 -8.77 -42.05
C LYS B 575 4.88 -7.70 -40.97
N PRO B 576 5.93 -7.68 -40.12
CA PRO B 576 6.01 -6.70 -39.04
C PRO B 576 5.87 -5.25 -39.56
N GLY B 577 5.03 -4.46 -38.89
CA GLY B 577 4.76 -3.05 -39.24
C GLY B 577 3.45 -2.59 -38.61
N ILE B 578 3.33 -1.30 -38.33
CA ILE B 578 2.11 -0.68 -37.72
C ILE B 578 1.73 0.56 -38.55
N ARG B 579 0.51 0.56 -39.10
CA ARG B 579 -0.02 1.67 -39.94
C ARG B 579 -1.32 2.20 -39.32
N ILE B 580 -1.26 3.37 -38.69
CA ILE B 580 -2.36 3.99 -37.90
C ILE B 580 -2.75 5.30 -38.60
N THR B 581 -4.06 5.53 -38.76
CA THR B 581 -4.66 6.80 -39.26
C THR B 581 -5.69 7.31 -38.24
N GLU B 582 -5.56 8.58 -37.84
CA GLU B 582 -6.37 9.22 -36.76
C GLU B 582 -6.18 8.44 -35.44
N GLY B 583 -4.92 8.19 -35.09
CA GLY B 583 -4.49 7.43 -33.90
C GLY B 583 -4.46 8.30 -32.65
N ARG B 584 -4.98 7.75 -31.54
CA ARG B 584 -5.20 8.44 -30.25
C ARG B 584 -4.70 7.58 -29.09
N HIS B 585 -4.13 8.25 -28.08
CA HIS B 585 -3.67 7.60 -26.82
C HIS B 585 -4.93 7.48 -25.97
N PRO B 586 -5.49 6.28 -25.66
CA PRO B 586 -6.82 6.16 -25.05
C PRO B 586 -6.98 6.90 -23.71
N VAL B 587 -5.97 6.85 -22.84
CA VAL B 587 -6.06 7.33 -21.43
C VAL B 587 -6.09 8.87 -21.47
N VAL B 588 -5.08 9.51 -22.07
CA VAL B 588 -4.90 11.00 -22.07
C VAL B 588 -6.11 11.68 -22.72
N GLU B 589 -6.58 11.20 -23.88
CA GLU B 589 -7.65 11.86 -24.67
C GLU B 589 -8.97 11.86 -23.87
N GLN B 590 -9.21 10.81 -23.07
CA GLN B 590 -10.47 10.65 -22.29
C GLN B 590 -10.40 11.47 -21.00
N VAL B 591 -9.22 11.52 -20.35
CA VAL B 591 -9.05 12.14 -18.99
C VAL B 591 -8.52 13.58 -19.11
N LEU B 592 -8.46 14.15 -20.32
CA LEU B 592 -8.14 15.60 -20.53
C LEU B 592 -9.28 16.27 -21.31
N ASN B 593 -9.85 17.33 -20.73
CA ASN B 593 -11.01 18.12 -21.26
C ASN B 593 -10.49 19.17 -22.25
N GLU B 594 -9.98 18.69 -23.38
CA GLU B 594 -9.36 19.47 -24.48
C GLU B 594 -9.18 18.51 -25.66
N PRO B 595 -9.56 18.91 -26.92
CA PRO B 595 -9.53 17.98 -28.06
C PRO B 595 -8.14 17.40 -28.33
N PHE B 596 -8.05 16.07 -28.39
CA PHE B 596 -6.84 15.35 -28.83
C PHE B 596 -6.70 15.52 -30.34
N ILE B 597 -5.58 16.12 -30.76
CA ILE B 597 -5.23 16.27 -32.20
C ILE B 597 -4.76 14.89 -32.66
N ALA B 598 -5.38 14.37 -33.73
CA ALA B 598 -5.15 13.01 -34.27
C ALA B 598 -3.73 12.92 -34.85
N ASN B 599 -3.07 11.77 -34.67
CA ASN B 599 -1.65 11.60 -35.09
C ASN B 599 -1.54 10.38 -35.99
N PRO B 600 -1.08 10.51 -37.25
CA PRO B 600 -0.85 9.35 -38.12
C PRO B 600 0.54 8.73 -37.94
N LEU B 601 0.62 7.38 -37.98
CA LEU B 601 1.89 6.61 -37.76
C LEU B 601 2.06 5.61 -38.91
N ASN B 602 3.28 5.50 -39.45
CA ASN B 602 3.64 4.53 -40.52
C ASN B 602 5.02 3.94 -40.19
N LEU B 603 5.02 2.90 -39.33
CA LEU B 603 6.22 2.08 -39.03
C LEU B 603 6.12 0.78 -39.82
N SER B 604 7.16 0.47 -40.60
CA SER B 604 7.23 -0.70 -41.52
C SER B 604 8.68 -1.17 -41.64
N PRO B 605 8.95 -2.30 -42.34
CA PRO B 605 10.33 -2.73 -42.60
C PRO B 605 11.18 -1.70 -43.38
N GLN B 606 10.52 -0.88 -44.21
CA GLN B 606 11.19 0.18 -45.03
C GLN B 606 11.43 1.42 -44.18
N ARG B 607 10.56 1.70 -43.20
CA ARG B 607 10.64 2.86 -42.27
C ARG B 607 10.57 2.36 -40.83
N ARG B 608 11.72 2.01 -40.24
CA ARG B 608 11.81 1.24 -38.96
C ARG B 608 12.04 2.16 -37.75
N MET B 609 12.47 3.40 -37.97
CA MET B 609 12.74 4.34 -36.86
C MET B 609 12.20 5.72 -37.14
N LEU B 610 11.57 6.37 -36.17
CA LEU B 610 11.12 7.78 -36.18
C LEU B 610 11.74 8.51 -34.98
N ILE B 611 12.65 9.46 -35.26
CA ILE B 611 13.33 10.28 -34.21
C ILE B 611 12.36 11.44 -33.92
N ILE B 612 11.48 11.24 -32.92
CA ILE B 612 10.37 12.20 -32.57
C ILE B 612 10.99 13.34 -31.76
N THR B 613 11.52 14.37 -32.47
CA THR B 613 12.17 15.55 -31.84
C THR B 613 11.21 16.74 -31.92
N GLY B 614 10.88 17.39 -30.80
CA GLY B 614 9.97 18.54 -30.76
C GLY B 614 10.14 19.35 -29.48
N PRO B 615 9.57 20.58 -29.40
CA PRO B 615 9.50 21.34 -28.16
C PRO B 615 9.01 20.54 -26.95
N ASN B 616 9.40 20.95 -25.75
CA ASN B 616 8.95 20.36 -24.45
C ASN B 616 7.44 20.56 -24.33
N MET B 617 6.68 19.53 -23.90
CA MET B 617 5.18 19.51 -23.85
C MET B 617 4.65 19.51 -25.29
N GLY B 618 5.46 19.10 -26.26
CA GLY B 618 5.09 19.13 -27.70
C GLY B 618 4.19 17.96 -28.08
N GLY B 619 4.24 16.87 -27.32
CA GLY B 619 3.50 15.62 -27.60
C GLY B 619 4.41 14.55 -28.18
N LYS B 620 5.73 14.66 -28.01
CA LYS B 620 6.68 13.69 -28.62
C LYS B 620 6.64 12.34 -27.87
N SER B 621 6.39 12.36 -26.54
CA SER B 621 6.35 11.14 -25.69
C SER B 621 4.94 10.53 -25.69
N THR B 622 3.86 11.32 -25.84
CA THR B 622 2.47 10.81 -25.94
C THR B 622 2.28 10.08 -27.27
N TYR B 623 2.78 10.67 -28.37
CA TYR B 623 2.77 10.05 -29.73
C TYR B 623 3.55 8.74 -29.71
N MET B 624 4.64 8.70 -28.92
CA MET B 624 5.49 7.49 -28.80
C MET B 624 4.70 6.37 -28.11
N ARG B 625 4.10 6.65 -26.95
CA ARG B 625 3.43 5.61 -26.11
C ARG B 625 2.13 5.07 -26.72
N GLN B 626 1.34 5.87 -27.44
CA GLN B 626 0.02 5.44 -28.01
C GLN B 626 0.23 4.37 -29.08
N THR B 627 1.41 4.27 -29.67
CA THR B 627 1.81 3.25 -30.68
C THR B 627 1.68 1.89 -30.00
N ALA B 628 2.23 1.71 -28.77
CA ALA B 628 2.30 0.42 -28.03
C ALA B 628 1.00 0.06 -27.29
N LEU B 629 0.18 1.03 -26.88
CA LEU B 629 -1.16 0.79 -26.27
C LEU B 629 -2.16 0.39 -27.36
N ILE B 630 -2.07 1.00 -28.56
CA ILE B 630 -2.86 0.60 -29.76
C ILE B 630 -2.45 -0.83 -30.15
N ALA B 631 -1.15 -1.12 -30.13
CA ALA B 631 -0.56 -2.43 -30.51
C ALA B 631 -1.00 -3.51 -29.52
N LEU B 632 -0.95 -3.22 -28.21
CA LEU B 632 -1.35 -4.17 -27.13
C LEU B 632 -2.84 -4.50 -27.28
N MET B 633 -3.71 -3.46 -27.29
CA MET B 633 -5.19 -3.65 -27.39
C MET B 633 -5.50 -4.46 -28.65
N ALA B 634 -4.81 -4.22 -29.77
CA ALA B 634 -4.99 -5.02 -31.01
C ALA B 634 -4.74 -6.52 -30.75
N TYR B 635 -3.76 -6.85 -29.89
CA TYR B 635 -3.29 -8.23 -29.64
C TYR B 635 -4.01 -8.94 -28.48
N ILE B 636 -4.88 -8.29 -27.69
CA ILE B 636 -5.78 -9.03 -26.75
C ILE B 636 -7.19 -9.14 -27.42
N GLY B 637 -7.28 -8.87 -28.74
CA GLY B 637 -8.54 -9.05 -29.51
C GLY B 637 -9.49 -7.85 -29.45
N SER B 638 -9.14 -6.77 -28.76
CA SER B 638 -10.03 -5.58 -28.57
C SER B 638 -10.04 -4.64 -29.77
N TYR B 639 -11.08 -3.80 -29.90
CA TYR B 639 -11.16 -2.74 -30.94
C TYR B 639 -10.16 -1.68 -30.45
N VAL B 640 -9.63 -0.83 -31.35
CA VAL B 640 -8.49 0.08 -31.02
C VAL B 640 -8.86 1.57 -31.18
N PRO B 641 -8.23 2.52 -30.45
CA PRO B 641 -8.63 3.92 -30.53
C PRO B 641 -8.71 4.52 -31.94
N ALA B 642 -7.82 4.12 -32.85
CA ALA B 642 -7.71 4.75 -34.19
C ALA B 642 -8.89 4.49 -35.14
N GLN B 643 -8.97 5.22 -36.26
CA GLN B 643 -10.02 5.11 -37.32
C GLN B 643 -9.70 3.93 -38.23
N LYS B 644 -8.42 3.67 -38.51
CA LYS B 644 -7.96 2.43 -39.21
C LYS B 644 -6.60 1.95 -38.70
N VAL B 645 -6.44 0.63 -38.46
CA VAL B 645 -5.16 0.04 -37.98
C VAL B 645 -4.75 -1.16 -38.84
N GLU B 646 -3.45 -1.32 -39.11
CA GLU B 646 -2.81 -2.43 -39.86
C GLU B 646 -1.65 -3.00 -39.04
N ILE B 647 -1.97 -3.69 -37.94
CA ILE B 647 -0.96 -4.20 -36.96
C ILE B 647 -0.34 -5.49 -37.49
N GLY B 648 0.97 -5.47 -37.78
CA GLY B 648 1.74 -6.67 -38.17
C GLY B 648 2.09 -7.50 -36.95
N PRO B 649 2.76 -8.67 -37.10
CA PRO B 649 3.17 -9.47 -35.94
C PRO B 649 4.17 -8.74 -35.03
N ILE B 650 3.97 -8.86 -33.72
CA ILE B 650 4.76 -8.20 -32.64
C ILE B 650 5.02 -9.23 -31.53
N ASP B 651 6.28 -9.42 -31.13
CA ASP B 651 6.71 -10.51 -30.22
C ASP B 651 6.93 -9.98 -28.80
N ARG B 652 7.35 -8.73 -28.65
CA ARG B 652 7.70 -8.09 -27.34
C ARG B 652 7.50 -6.56 -27.46
N ILE B 653 7.06 -5.91 -26.38
CA ILE B 653 6.95 -4.42 -26.31
C ILE B 653 7.95 -3.93 -25.27
N PHE B 654 9.01 -3.26 -25.72
CA PHE B 654 10.11 -2.73 -24.87
C PHE B 654 9.94 -1.22 -24.71
N THR B 655 10.30 -0.68 -23.54
CA THR B 655 10.34 0.77 -23.22
C THR B 655 11.53 1.08 -22.32
N ARG B 656 12.22 2.21 -22.55
CA ARG B 656 13.01 2.93 -21.52
C ARG B 656 12.37 4.30 -21.29
N VAL B 657 11.63 4.51 -20.17
CA VAL B 657 10.99 5.82 -19.80
C VAL B 657 11.14 6.03 -18.29
N GLY B 658 10.98 7.26 -17.78
CA GLY B 658 11.05 7.59 -16.34
C GLY B 658 12.48 7.71 -15.85
N ALA B 659 12.75 7.73 -14.55
CA ALA B 659 14.13 7.68 -14.00
C ALA B 659 14.06 7.27 -12.53
N ALA B 660 14.99 6.43 -12.05
CA ALA B 660 15.06 6.00 -10.63
C ALA B 660 16.45 5.46 -10.34
N ASP B 661 16.86 5.41 -9.06
CA ASP B 661 18.19 4.88 -8.63
C ASP B 661 17.99 3.83 -7.53
N ASP B 662 18.52 2.62 -7.70
CA ASP B 662 18.43 1.52 -6.70
C ASP B 662 19.74 1.55 -5.90
N LEU B 663 19.90 2.55 -5.03
CA LEU B 663 21.18 2.69 -4.27
C LEU B 663 21.38 1.43 -3.40
N ALA B 664 20.28 0.84 -2.94
CA ALA B 664 20.36 -0.37 -2.08
C ALA B 664 20.88 -1.58 -2.88
N SER B 665 20.41 -1.77 -4.11
CA SER B 665 20.91 -2.84 -5.02
C SER B 665 22.16 -2.38 -5.80
N GLY B 666 22.90 -1.38 -5.30
CA GLY B 666 24.16 -0.91 -5.87
C GLY B 666 24.04 -0.54 -7.34
N ARG B 667 23.10 0.35 -7.68
CA ARG B 667 22.87 0.85 -9.06
C ARG B 667 22.53 2.34 -9.01
N SER B 668 23.41 3.18 -9.55
CA SER B 668 23.15 4.63 -9.77
C SER B 668 22.04 4.81 -10.80
N THR B 669 21.43 6.01 -10.87
CA THR B 669 20.32 6.32 -11.80
C THR B 669 20.74 6.01 -13.23
N PHE B 670 21.99 6.27 -13.59
CA PHE B 670 22.52 6.03 -14.97
C PHE B 670 22.60 4.52 -15.24
N MET B 671 23.17 3.75 -14.30
CA MET B 671 23.38 2.28 -14.46
C MET B 671 22.03 1.62 -14.79
N VAL B 672 20.99 1.88 -13.99
CA VAL B 672 19.61 1.31 -14.18
C VAL B 672 19.12 1.65 -15.60
N GLU B 673 19.37 2.88 -16.06
CA GLU B 673 19.00 3.32 -17.43
C GLU B 673 19.71 2.43 -18.44
N MET B 674 21.03 2.24 -18.27
CA MET B 674 21.88 1.48 -19.23
C MET B 674 21.62 -0.03 -19.12
N THR B 675 21.23 -0.53 -17.94
CA THR B 675 20.84 -1.95 -17.72
C THR B 675 19.59 -2.27 -18.54
N GLU B 676 18.62 -1.33 -18.63
CA GLU B 676 17.35 -1.50 -19.39
C GLU B 676 17.58 -1.23 -20.88
N THR B 677 18.54 -0.36 -21.23
CA THR B 677 18.97 -0.14 -22.64
C THR B 677 19.62 -1.42 -23.14
N ALA B 678 20.40 -2.09 -22.27
CA ALA B 678 21.11 -3.36 -22.55
C ALA B 678 20.09 -4.49 -22.77
N ASN B 679 19.06 -4.57 -21.93
CA ASN B 679 17.93 -5.54 -22.06
C ASN B 679 17.35 -5.42 -23.48
N ILE B 680 17.07 -4.19 -23.91
CA ILE B 680 16.53 -3.87 -25.27
C ILE B 680 17.53 -4.34 -26.33
N LEU B 681 18.78 -3.90 -26.24
CA LEU B 681 19.83 -4.13 -27.27
C LEU B 681 20.16 -5.63 -27.37
N HIS B 682 20.04 -6.38 -26.27
CA HIS B 682 20.30 -7.85 -26.20
C HIS B 682 19.11 -8.63 -26.76
N ASN B 683 17.90 -8.34 -26.27
CA ASN B 683 16.72 -9.25 -26.38
C ASN B 683 15.73 -8.79 -27.44
N ALA B 684 15.94 -7.64 -28.08
CA ALA B 684 15.06 -7.12 -29.16
C ALA B 684 15.34 -7.88 -30.46
N THR B 685 14.30 -8.03 -31.28
CA THR B 685 14.35 -8.67 -32.63
C THR B 685 13.70 -7.72 -33.65
N GLU B 686 13.69 -8.14 -34.93
CA GLU B 686 13.02 -7.44 -36.07
C GLU B 686 11.53 -7.27 -35.76
N TYR B 687 10.94 -8.26 -35.08
CA TYR B 687 9.48 -8.36 -34.83
C TYR B 687 9.07 -7.53 -33.61
N SER B 688 10.01 -6.96 -32.82
CA SER B 688 9.77 -6.26 -31.53
C SER B 688 9.50 -4.76 -31.75
N LEU B 689 8.55 -4.17 -31.04
CA LEU B 689 8.34 -2.69 -30.99
C LEU B 689 9.14 -2.18 -29.79
N VAL B 690 10.13 -1.31 -30.01
CA VAL B 690 10.96 -0.66 -28.95
C VAL B 690 10.59 0.83 -28.90
N LEU B 691 10.19 1.36 -27.73
CA LEU B 691 9.81 2.80 -27.54
C LEU B 691 10.75 3.46 -26.54
N MET B 692 11.98 3.78 -26.93
CA MET B 692 12.98 4.44 -26.06
C MET B 692 12.63 5.93 -25.83
N ASP B 693 12.65 6.42 -24.58
CA ASP B 693 12.43 7.84 -24.24
C ASP B 693 13.79 8.51 -24.36
N GLU B 694 13.91 9.80 -24.08
CA GLU B 694 15.22 10.47 -24.27
C GLU B 694 16.15 9.71 -23.33
N ILE B 695 17.30 9.29 -23.85
CA ILE B 695 18.30 8.58 -23.00
C ILE B 695 19.53 9.48 -22.94
N GLY B 696 20.63 8.96 -22.42
CA GLY B 696 21.88 9.74 -22.30
C GLY B 696 21.80 10.83 -21.22
N ARG B 697 20.63 10.99 -20.60
CA ARG B 697 20.39 11.88 -19.44
C ARG B 697 21.00 11.22 -18.19
N GLY B 698 21.66 12.03 -17.35
CA GLY B 698 22.39 11.54 -16.15
C GLY B 698 23.84 11.20 -16.47
N THR B 699 24.34 11.64 -17.63
CA THR B 699 25.80 11.82 -17.88
C THR B 699 26.00 13.18 -18.57
N SER B 700 27.24 13.62 -18.73
CA SER B 700 27.61 14.91 -19.38
C SER B 700 27.09 14.93 -20.83
N THR B 701 26.86 16.13 -21.36
CA THR B 701 26.19 16.37 -22.68
C THR B 701 26.77 15.44 -23.76
N TYR B 702 28.06 15.57 -24.04
CA TYR B 702 28.79 14.92 -25.16
C TYR B 702 28.70 13.38 -25.02
N ASP B 703 28.80 12.88 -23.79
CA ASP B 703 28.85 11.44 -23.47
C ASP B 703 27.46 10.83 -23.71
N GLY B 704 26.40 11.55 -23.35
CA GLY B 704 25.00 11.11 -23.53
C GLY B 704 24.62 11.01 -24.99
N LEU B 705 24.95 12.03 -25.77
CA LEU B 705 24.65 12.10 -27.22
C LEU B 705 25.33 10.95 -27.95
N SER B 706 26.61 10.71 -27.68
CA SER B 706 27.46 9.66 -28.31
C SER B 706 26.83 8.28 -28.09
N LEU B 707 26.43 7.97 -26.85
CA LEU B 707 25.82 6.67 -26.45
C LEU B 707 24.45 6.51 -27.13
N ALA B 708 23.68 7.58 -27.22
CA ALA B 708 22.34 7.63 -27.86
C ALA B 708 22.47 7.36 -29.38
N TRP B 709 23.47 7.97 -30.06
CA TRP B 709 23.72 7.79 -31.52
C TRP B 709 24.04 6.31 -31.76
N ALA B 710 24.90 5.68 -30.96
CA ALA B 710 25.34 4.28 -31.11
C ALA B 710 24.17 3.33 -30.80
N CYS B 711 23.37 3.65 -29.78
CA CYS B 711 22.19 2.86 -29.33
C CYS B 711 21.14 2.77 -30.45
N ALA B 712 20.79 3.91 -31.04
CA ALA B 712 19.80 4.05 -32.14
C ALA B 712 20.32 3.33 -33.39
N GLU B 713 21.60 3.50 -33.72
CA GLU B 713 22.27 2.88 -34.90
C GLU B 713 22.16 1.36 -34.81
N ASN B 714 22.50 0.79 -33.65
CA ASN B 714 22.42 -0.68 -33.39
C ASN B 714 20.96 -1.14 -33.50
N LEU B 715 20.01 -0.32 -33.02
CA LEU B 715 18.56 -0.63 -33.04
C LEU B 715 18.04 -0.67 -34.48
N ALA B 716 18.68 0.06 -35.39
CA ALA B 716 18.24 0.25 -36.80
C ALA B 716 19.08 -0.64 -37.74
N ASN B 717 20.40 -0.44 -37.75
CA ASN B 717 21.34 -1.06 -38.74
C ASN B 717 21.42 -2.58 -38.51
N LYS B 718 21.21 -3.04 -37.26
CA LYS B 718 21.40 -4.48 -36.87
C LYS B 718 20.08 -5.07 -36.36
N ILE B 719 19.55 -4.56 -35.25
CA ILE B 719 18.35 -5.11 -34.55
C ILE B 719 17.13 -5.02 -35.49
N LYS B 720 17.00 -3.92 -36.23
CA LYS B 720 15.91 -3.68 -37.23
C LYS B 720 14.54 -3.75 -36.54
N ALA B 721 14.43 -3.23 -35.32
CA ALA B 721 13.17 -3.18 -34.53
C ALA B 721 12.37 -1.93 -34.93
N LEU B 722 11.04 -2.05 -34.99
CA LEU B 722 10.11 -0.90 -35.19
C LEU B 722 10.24 0.01 -33.97
N THR B 723 10.99 1.11 -34.09
CA THR B 723 11.42 1.96 -32.95
C THR B 723 10.90 3.39 -33.12
N LEU B 724 10.52 4.01 -32.00
CA LEU B 724 10.29 5.48 -31.87
C LEU B 724 11.30 6.00 -30.84
N PHE B 725 12.25 6.84 -31.26
CA PHE B 725 13.34 7.39 -30.40
C PHE B 725 13.12 8.89 -30.19
N ALA B 726 12.32 9.24 -29.17
CA ALA B 726 12.11 10.64 -28.71
C ALA B 726 13.39 11.14 -28.02
N THR B 727 13.88 12.31 -28.44
CA THR B 727 15.13 12.93 -27.95
C THR B 727 15.01 14.45 -27.98
N HIS B 728 15.42 15.11 -26.90
CA HIS B 728 15.61 16.58 -26.83
C HIS B 728 16.96 16.97 -27.43
N TYR B 729 17.89 16.01 -27.57
CA TYR B 729 19.15 16.19 -28.32
C TYR B 729 18.83 16.32 -29.81
N PHE B 730 19.14 17.49 -30.41
CA PHE B 730 18.79 17.84 -31.81
C PHE B 730 19.95 17.54 -32.76
N GLU B 731 21.06 17.00 -32.27
CA GLU B 731 22.20 16.56 -33.13
C GLU B 731 21.85 15.20 -33.74
N LEU B 732 21.03 14.40 -33.05
CA LEU B 732 20.55 13.06 -33.52
C LEU B 732 19.50 13.22 -34.62
N THR B 733 19.00 14.43 -34.88
CA THR B 733 18.05 14.74 -35.98
C THR B 733 18.71 14.51 -37.35
N GLN B 734 20.04 14.36 -37.39
CA GLN B 734 20.80 14.10 -38.65
C GLN B 734 20.88 12.60 -38.94
N LEU B 735 20.52 11.73 -37.99
CA LEU B 735 20.69 10.26 -38.15
C LEU B 735 19.93 9.74 -39.38
N PRO B 736 18.70 10.19 -39.76
CA PRO B 736 18.05 9.68 -40.97
C PRO B 736 18.85 9.94 -42.24
N GLU B 737 19.51 11.09 -42.35
CA GLU B 737 20.39 11.38 -43.52
C GLU B 737 21.57 10.40 -43.49
N LYS B 738 22.17 10.18 -42.32
CA LYS B 738 23.37 9.30 -42.17
C LYS B 738 23.06 7.82 -42.37
N MET B 739 21.90 7.33 -41.89
CA MET B 739 21.56 5.88 -41.88
C MET B 739 20.37 5.57 -42.80
N GLU B 740 20.21 4.30 -43.20
CA GLU B 740 19.14 3.88 -44.15
C GLU B 740 17.91 3.37 -43.38
N GLY B 741 16.72 3.43 -43.98
CA GLY B 741 15.48 2.95 -43.36
C GLY B 741 15.22 3.61 -42.02
N VAL B 742 15.37 4.93 -41.94
CA VAL B 742 15.11 5.72 -40.71
C VAL B 742 14.60 7.10 -41.17
N ALA B 743 13.71 7.76 -40.41
CA ALA B 743 13.08 9.04 -40.81
C ALA B 743 12.97 9.95 -39.59
N ASN B 744 12.76 11.28 -39.77
CA ASN B 744 12.55 12.24 -38.66
C ASN B 744 11.09 12.68 -38.64
N VAL B 745 10.52 13.03 -37.48
CA VAL B 745 9.15 13.62 -37.36
C VAL B 745 9.25 14.75 -36.34
N HIS B 746 8.45 15.82 -36.44
CA HIS B 746 8.48 17.00 -35.54
C HIS B 746 7.07 17.39 -35.10
N LEU B 747 6.72 17.04 -33.85
CA LEU B 747 5.64 17.68 -33.07
C LEU B 747 6.10 19.12 -32.81
N ASP B 748 5.44 20.12 -33.42
CA ASP B 748 5.94 21.52 -33.46
C ASP B 748 5.06 22.44 -32.61
N ALA B 749 5.60 23.61 -32.26
CA ALA B 749 4.94 24.70 -31.52
C ALA B 749 5.49 26.05 -31.99
N LEU B 750 4.71 27.12 -31.84
CA LEU B 750 5.06 28.51 -32.25
C LEU B 750 4.99 29.43 -31.03
N GLU B 751 6.04 30.24 -30.81
CA GLU B 751 6.24 31.06 -29.59
C GLU B 751 5.77 32.50 -29.87
N HIS B 752 4.47 32.76 -29.62
CA HIS B 752 3.89 34.12 -29.78
C HIS B 752 3.87 34.82 -28.42
N GLY B 753 4.77 35.78 -28.21
CA GLY B 753 4.88 36.53 -26.94
C GLY B 753 5.62 35.73 -25.87
N ASP B 754 5.21 35.85 -24.61
CA ASP B 754 5.79 35.13 -23.45
C ASP B 754 5.33 33.67 -23.46
N THR B 755 4.08 33.44 -23.88
CA THR B 755 3.45 32.08 -24.00
C THR B 755 3.92 31.38 -25.29
N ILE B 756 3.91 30.05 -25.30
CA ILE B 756 4.22 29.17 -26.48
C ILE B 756 2.96 28.34 -26.78
N ALA B 757 2.52 28.35 -28.05
CA ALA B 757 1.32 27.63 -28.54
C ALA B 757 1.76 26.35 -29.26
N PHE B 758 1.30 25.18 -28.79
CA PHE B 758 1.66 23.84 -29.30
C PHE B 758 0.60 23.37 -30.30
N MET B 759 1.02 22.82 -31.44
CA MET B 759 0.14 22.30 -32.52
C MET B 759 -0.40 20.92 -32.10
N HIS B 760 0.41 20.11 -31.42
CA HIS B 760 0.13 18.69 -31.06
C HIS B 760 -0.09 17.85 -32.33
N SER B 761 0.62 18.13 -33.43
CA SER B 761 0.40 17.49 -34.76
C SER B 761 1.71 16.92 -35.30
N VAL B 762 1.74 15.61 -35.59
CA VAL B 762 2.95 14.89 -36.09
C VAL B 762 3.13 15.25 -37.58
N GLN B 763 4.13 16.07 -37.89
CA GLN B 763 4.47 16.54 -39.26
C GLN B 763 5.90 16.09 -39.59
N ASP B 764 6.16 15.78 -40.87
CA ASP B 764 7.46 15.27 -41.38
C ASP B 764 8.48 16.41 -41.36
N GLY B 765 9.73 16.08 -41.01
CA GLY B 765 10.83 17.04 -40.76
C GLY B 765 11.39 16.87 -39.35
N ALA B 766 12.36 17.72 -39.00
CA ALA B 766 13.08 17.70 -37.70
C ALA B 766 13.05 19.09 -37.07
N ALA B 767 12.43 19.21 -35.89
CA ALA B 767 12.37 20.46 -35.10
C ALA B 767 13.77 20.78 -34.58
N SER B 768 14.21 22.03 -34.72
CA SER B 768 15.59 22.50 -34.38
C SER B 768 15.62 23.13 -32.98
N LYS B 769 14.47 23.40 -32.36
CA LYS B 769 14.36 24.22 -31.14
C LYS B 769 13.43 23.55 -30.11
N SER B 770 13.87 23.51 -28.85
CA SER B 770 13.12 22.96 -27.69
C SER B 770 12.16 23.99 -27.10
N TYR B 771 12.49 25.29 -27.16
CA TYR B 771 11.78 26.37 -26.42
C TYR B 771 11.58 25.92 -24.97
N GLY B 772 12.67 25.51 -24.32
CA GLY B 772 12.70 25.08 -22.90
C GLY B 772 12.46 26.23 -21.95
N LEU B 773 13.11 27.38 -22.15
CA LEU B 773 12.96 28.60 -21.30
C LEU B 773 11.52 29.11 -21.37
N ALA B 774 10.81 28.85 -22.47
CA ALA B 774 9.37 29.19 -22.66
C ALA B 774 8.49 28.18 -21.91
N VAL B 775 8.83 26.89 -21.96
CA VAL B 775 8.04 25.79 -21.31
C VAL B 775 8.31 25.80 -19.80
N ALA B 776 9.39 26.46 -19.36
CA ALA B 776 9.75 26.65 -17.94
C ALA B 776 8.93 27.79 -17.32
N ALA B 777 8.67 28.85 -18.10
CA ALA B 777 7.85 30.02 -17.71
C ALA B 777 6.40 29.56 -17.46
N LEU B 778 5.90 28.62 -18.26
CA LEU B 778 4.55 28.01 -18.10
C LEU B 778 4.55 27.01 -16.94
N ALA B 779 5.72 26.46 -16.60
CA ALA B 779 5.91 25.54 -15.45
C ALA B 779 5.85 26.32 -14.13
N GLY B 780 6.35 27.56 -14.11
CA GLY B 780 6.25 28.49 -12.96
C GLY B 780 7.59 28.97 -12.43
N VAL B 781 8.70 28.67 -13.12
CA VAL B 781 10.07 29.18 -12.77
C VAL B 781 10.00 30.70 -12.72
N PRO B 782 10.59 31.38 -11.69
CA PRO B 782 10.53 32.84 -11.59
C PRO B 782 11.10 33.54 -12.83
N LYS B 783 10.52 34.68 -13.20
CA LYS B 783 10.91 35.51 -14.38
C LYS B 783 12.38 35.96 -14.23
N GLU B 784 12.81 36.25 -13.00
CA GLU B 784 14.20 36.65 -12.64
C GLU B 784 15.19 35.58 -13.12
N VAL B 785 14.85 34.31 -12.87
CA VAL B 785 15.66 33.11 -13.23
C VAL B 785 15.66 32.95 -14.75
N ILE B 786 14.49 33.07 -15.39
CA ILE B 786 14.30 32.95 -16.87
C ILE B 786 15.11 34.06 -17.57
N LYS B 787 15.06 35.29 -17.04
CA LYS B 787 15.72 36.49 -17.64
C LYS B 787 17.24 36.27 -17.71
N ARG B 788 17.86 35.84 -16.60
CA ARG B 788 19.31 35.57 -16.49
C ARG B 788 19.68 34.38 -17.39
N ALA B 789 18.82 33.37 -17.48
CA ALA B 789 19.01 32.14 -18.30
C ALA B 789 19.02 32.52 -19.79
N ARG B 790 18.13 33.44 -20.20
CA ARG B 790 18.06 33.96 -21.60
C ARG B 790 19.31 34.80 -21.88
N GLN B 791 19.71 35.65 -20.93
CA GLN B 791 20.96 36.46 -20.98
C GLN B 791 22.16 35.51 -21.14
N LYS B 792 22.15 34.38 -20.42
CA LYS B 792 23.25 33.37 -20.46
C LYS B 792 23.21 32.62 -21.80
N LEU B 793 22.01 32.31 -22.31
CA LEU B 793 21.84 31.60 -23.61
C LEU B 793 22.40 32.47 -24.74
N ARG B 794 22.16 33.79 -24.71
CA ARG B 794 22.77 34.78 -25.65
C ARG B 794 24.30 34.59 -25.65
N GLU B 795 24.89 34.53 -24.46
CA GLU B 795 26.36 34.39 -24.25
C GLU B 795 26.83 33.01 -24.74
N LEU B 796 26.11 31.96 -24.38
CA LEU B 796 26.45 30.54 -24.69
C LEU B 796 26.42 30.32 -26.22
N GLU B 797 25.40 30.86 -26.90
CA GLU B 797 25.21 30.77 -28.37
C GLU B 797 26.34 31.54 -29.07
N SER B 798 26.71 32.72 -28.57
CA SER B 798 27.79 33.59 -29.10
C SER B 798 29.16 33.01 -28.75
#